data_1HLO
# 
_entry.id   1HLO 
# 
_audit_conform.dict_name       mmcif_pdbx.dic 
_audit_conform.dict_version    5.386 
_audit_conform.dict_location   http://mmcif.pdb.org/dictionaries/ascii/mmcif_pdbx.dic 
# 
loop_
_database_2.database_id 
_database_2.database_code 
_database_2.pdbx_database_accession 
_database_2.pdbx_DOI 
PDB   1HLO         pdb_00001hlo 10.2210/pdb1hlo/pdb 
RCSB  PDT042       ?            ?                   
WWPDB D_1000173900 ?            ?                   
# 
loop_
_pdbx_audit_revision_history.ordinal 
_pdbx_audit_revision_history.data_content_type 
_pdbx_audit_revision_history.major_revision 
_pdbx_audit_revision_history.minor_revision 
_pdbx_audit_revision_history.revision_date 
1 'Structure model' 1 0 1997-10-27 
2 'Structure model' 1 1 2008-05-22 
3 'Structure model' 1 2 2011-07-13 
4 'Structure model' 1 3 2024-02-07 
# 
_pdbx_audit_revision_details.ordinal             1 
_pdbx_audit_revision_details.revision_ordinal    1 
_pdbx_audit_revision_details.data_content_type   'Structure model' 
_pdbx_audit_revision_details.provider            repository 
_pdbx_audit_revision_details.type                'Initial release' 
_pdbx_audit_revision_details.description         ? 
_pdbx_audit_revision_details.details             ? 
# 
loop_
_pdbx_audit_revision_group.ordinal 
_pdbx_audit_revision_group.revision_ordinal 
_pdbx_audit_revision_group.data_content_type 
_pdbx_audit_revision_group.group 
1 2 'Structure model' 'Version format compliance' 
2 3 'Structure model' 'Version format compliance' 
3 4 'Structure model' 'Data collection'           
4 4 'Structure model' 'Database references'       
# 
loop_
_pdbx_audit_revision_category.ordinal 
_pdbx_audit_revision_category.revision_ordinal 
_pdbx_audit_revision_category.data_content_type 
_pdbx_audit_revision_category.category 
1 4 'Structure model' chem_comp_atom 
2 4 'Structure model' chem_comp_bond 
3 4 'Structure model' database_2     
# 
loop_
_pdbx_audit_revision_item.ordinal 
_pdbx_audit_revision_item.revision_ordinal 
_pdbx_audit_revision_item.data_content_type 
_pdbx_audit_revision_item.item 
1 4 'Structure model' '_database_2.pdbx_DOI'                
2 4 'Structure model' '_database_2.pdbx_database_accession' 
# 
_pdbx_database_status.status_code                     REL 
_pdbx_database_status.entry_id                        1HLO 
_pdbx_database_status.recvd_initial_deposition_date   1997-09-10 
_pdbx_database_status.deposit_site                    NDB 
_pdbx_database_status.process_site                    NDB 
_pdbx_database_status.SG_entry                        . 
_pdbx_database_status.pdb_format_compatible           Y 
_pdbx_database_status.status_code_mr                  ? 
_pdbx_database_status.status_code_sf                  ? 
_pdbx_database_status.status_code_cs                  ? 
_pdbx_database_status.status_code_nmr_data            ? 
_pdbx_database_status.methods_development_category    ? 
# 
loop_
_audit_author.name 
_audit_author.pdbx_ordinal 
'Brownlie, P.' 1 
'Ceska, T.A.'  2 
'Lamers, M.'   3 
'Romier, C.'   4 
'Theo, H.'     5 
'Suck, D.'     6 
# 
_citation.id                        primary 
_citation.title                     
'The crystal structure of an intact human Max-DNA complex: new insights into mechanisms of transcriptional control.' 
_citation.journal_abbrev            Structure 
_citation.journal_volume            5 
_citation.page_first                509 
_citation.page_last                 520 
_citation.year                      1997 
_citation.journal_id_ASTM           STRUE6 
_citation.country                   UK 
_citation.journal_id_ISSN           0969-2126 
_citation.journal_id_CSD            2005 
_citation.book_publisher            ? 
_citation.pdbx_database_id_PubMed   9115440 
_citation.pdbx_database_id_DOI      '10.1016/S0969-2126(97)00207-4' 
# 
loop_
_citation_author.citation_id 
_citation_author.name 
_citation_author.ordinal 
_citation_author.identifier_ORCID 
primary 'Brownlie, P.' 1 ? 
primary 'Ceska, T.'    2 ? 
primary 'Lamers, M.'   3 ? 
primary 'Romier, C.'   4 ? 
primary 'Stier, G.'    5 ? 
primary 'Teo, H.'      6 ? 
primary 'Suck, D.'     7 ? 
# 
loop_
_entity.id 
_entity.type 
_entity.src_method 
_entity.pdbx_description 
_entity.formula_weight 
_entity.pdbx_number_of_molecules 
_entity.pdbx_ec 
_entity.pdbx_mutation 
_entity.pdbx_fragment 
_entity.details 
1 polymer syn 
;DNA (5'-D(*CP*AP*CP*CP*AP*CP*GP*TP*GP*GP*T)-3')
;
3334.186 1  ? ? ? ? 
2 polymer syn 
;DNA (5'-D(*AP*CP*CP*AP*CP*GP*TP*GP*GP*TP*G)-3')
;
3374.210 1  ? ? ? ? 
3 polymer man 'PROTEIN (TRANSCRIPTION FACTOR MAX)'              9542.478 2  ? ? ? ? 
4 water   nat water                                             18.015   18 ? ? ? ? 
# 
loop_
_entity_poly.entity_id 
_entity_poly.type 
_entity_poly.nstd_linkage 
_entity_poly.nstd_monomer 
_entity_poly.pdbx_seq_one_letter_code 
_entity_poly.pdbx_seq_one_letter_code_can 
_entity_poly.pdbx_strand_id 
_entity_poly.pdbx_target_identifier 
1 polydeoxyribonucleotide no no '(DC)(DA)(DC)(DC)(DA)(DC)(DG)(DT)(DG)(DG)(DT)'                                   CACCACGTGGT C   ? 
2 polydeoxyribonucleotide no no '(DA)(DC)(DC)(DA)(DC)(DG)(DT)(DG)(DG)(DT)(DG)'                                   ACCACGTGGTG D   ? 
3 'polypeptide(L)'        no no NDDIEVESDADKRAHHNALERKRRDHIKDSFHSLRDSVPSLQGEKASRAQILDKATEYIQYMRRKNHTHQQDIDDLKRQN 
NDDIEVESDADKRAHHNALERKRRDHIKDSFHSLRDSVPSLQGEKASRAQILDKATEYIQYMRRKNHTHQQDIDDLKRQN A,B ? 
# 
_pdbx_entity_nonpoly.entity_id   4 
_pdbx_entity_nonpoly.name        water 
_pdbx_entity_nonpoly.comp_id     HOH 
# 
loop_
_entity_poly_seq.entity_id 
_entity_poly_seq.num 
_entity_poly_seq.mon_id 
_entity_poly_seq.hetero 
1 1  DC  n 
1 2  DA  n 
1 3  DC  n 
1 4  DC  n 
1 5  DA  n 
1 6  DC  n 
1 7  DG  n 
1 8  DT  n 
1 9  DG  n 
1 10 DG  n 
1 11 DT  n 
2 1  DA  n 
2 2  DC  n 
2 3  DC  n 
2 4  DA  n 
2 5  DC  n 
2 6  DG  n 
2 7  DT  n 
2 8  DG  n 
2 9  DG  n 
2 10 DT  n 
2 11 DG  n 
3 1  ASN n 
3 2  ASP n 
3 3  ASP n 
3 4  ILE n 
3 5  GLU n 
3 6  VAL n 
3 7  GLU n 
3 8  SER n 
3 9  ASP n 
3 10 ALA n 
3 11 ASP n 
3 12 LYS n 
3 13 ARG n 
3 14 ALA n 
3 15 HIS n 
3 16 HIS n 
3 17 ASN n 
3 18 ALA n 
3 19 LEU n 
3 20 GLU n 
3 21 ARG n 
3 22 LYS n 
3 23 ARG n 
3 24 ARG n 
3 25 ASP n 
3 26 HIS n 
3 27 ILE n 
3 28 LYS n 
3 29 ASP n 
3 30 SER n 
3 31 PHE n 
3 32 HIS n 
3 33 SER n 
3 34 LEU n 
3 35 ARG n 
3 36 ASP n 
3 37 SER n 
3 38 VAL n 
3 39 PRO n 
3 40 SER n 
3 41 LEU n 
3 42 GLN n 
3 43 GLY n 
3 44 GLU n 
3 45 LYS n 
3 46 ALA n 
3 47 SER n 
3 48 ARG n 
3 49 ALA n 
3 50 GLN n 
3 51 ILE n 
3 52 LEU n 
3 53 ASP n 
3 54 LYS n 
3 55 ALA n 
3 56 THR n 
3 57 GLU n 
3 58 TYR n 
3 59 ILE n 
3 60 GLN n 
3 61 TYR n 
3 62 MET n 
3 63 ARG n 
3 64 ARG n 
3 65 LYS n 
3 66 ASN n 
3 67 HIS n 
3 68 THR n 
3 69 HIS n 
3 70 GLN n 
3 71 GLN n 
3 72 ASP n 
3 73 ILE n 
3 74 ASP n 
3 75 ASP n 
3 76 LEU n 
3 77 LYS n 
3 78 ARG n 
3 79 GLN n 
3 80 ASN n 
# 
_entity_src_gen.entity_id                          3 
_entity_src_gen.pdbx_src_id                        1 
_entity_src_gen.pdbx_alt_source_flag               sample 
_entity_src_gen.pdbx_seq_type                      ? 
_entity_src_gen.pdbx_beg_seq_num                   ? 
_entity_src_gen.pdbx_end_seq_num                   ? 
_entity_src_gen.gene_src_common_name               human 
_entity_src_gen.gene_src_genus                     Homo 
_entity_src_gen.pdbx_gene_src_gene                 ? 
_entity_src_gen.gene_src_species                   ? 
_entity_src_gen.gene_src_strain                    ? 
_entity_src_gen.gene_src_tissue                    ? 
_entity_src_gen.gene_src_tissue_fraction           ? 
_entity_src_gen.gene_src_details                   ? 
_entity_src_gen.pdbx_gene_src_fragment             ? 
_entity_src_gen.pdbx_gene_src_scientific_name      'Homo sapiens' 
_entity_src_gen.pdbx_gene_src_ncbi_taxonomy_id     9606 
_entity_src_gen.pdbx_gene_src_variant              ? 
_entity_src_gen.pdbx_gene_src_cell_line            ? 
_entity_src_gen.pdbx_gene_src_atcc                 ? 
_entity_src_gen.pdbx_gene_src_organ                ? 
_entity_src_gen.pdbx_gene_src_organelle            ? 
_entity_src_gen.pdbx_gene_src_cell                 ? 
_entity_src_gen.pdbx_gene_src_cellular_location    ? 
_entity_src_gen.host_org_common_name               ? 
_entity_src_gen.pdbx_host_org_scientific_name      'Escherichia coli' 
_entity_src_gen.pdbx_host_org_ncbi_taxonomy_id     562 
_entity_src_gen.host_org_genus                     Escherichia 
_entity_src_gen.pdbx_host_org_gene                 ? 
_entity_src_gen.pdbx_host_org_organ                ? 
_entity_src_gen.host_org_species                   ? 
_entity_src_gen.pdbx_host_org_tissue               ? 
_entity_src_gen.pdbx_host_org_tissue_fraction      ? 
_entity_src_gen.pdbx_host_org_strain               ? 
_entity_src_gen.pdbx_host_org_variant              ? 
_entity_src_gen.pdbx_host_org_cell_line            ? 
_entity_src_gen.pdbx_host_org_atcc                 ? 
_entity_src_gen.pdbx_host_org_culture_collection   ? 
_entity_src_gen.pdbx_host_org_cell                 ? 
_entity_src_gen.pdbx_host_org_organelle            ? 
_entity_src_gen.pdbx_host_org_cellular_location    ? 
_entity_src_gen.pdbx_host_org_vector_type          ? 
_entity_src_gen.pdbx_host_org_vector               ? 
_entity_src_gen.host_org_details                   ? 
_entity_src_gen.expression_system_id               ? 
_entity_src_gen.plasmid_name                       ? 
_entity_src_gen.plasmid_details                    ? 
_entity_src_gen.pdbx_description                   ? 
# 
loop_
_chem_comp.id 
_chem_comp.type 
_chem_comp.mon_nstd_flag 
_chem_comp.name 
_chem_comp.pdbx_synonyms 
_chem_comp.formula 
_chem_comp.formula_weight 
ALA 'L-peptide linking' y ALANINE                              ? 'C3 H7 N O2'      89.093  
ARG 'L-peptide linking' y ARGININE                             ? 'C6 H15 N4 O2 1'  175.209 
ASN 'L-peptide linking' y ASPARAGINE                           ? 'C4 H8 N2 O3'     132.118 
ASP 'L-peptide linking' y 'ASPARTIC ACID'                      ? 'C4 H7 N O4'      133.103 
DA  'DNA linking'       y "2'-DEOXYADENOSINE-5'-MONOPHOSPHATE" ? 'C10 H14 N5 O6 P' 331.222 
DC  'DNA linking'       y "2'-DEOXYCYTIDINE-5'-MONOPHOSPHATE"  ? 'C9 H14 N3 O7 P'  307.197 
DG  'DNA linking'       y "2'-DEOXYGUANOSINE-5'-MONOPHOSPHATE" ? 'C10 H14 N5 O7 P' 347.221 
DT  'DNA linking'       y "THYMIDINE-5'-MONOPHOSPHATE"         ? 'C10 H15 N2 O8 P' 322.208 
GLN 'L-peptide linking' y GLUTAMINE                            ? 'C5 H10 N2 O3'    146.144 
GLU 'L-peptide linking' y 'GLUTAMIC ACID'                      ? 'C5 H9 N O4'      147.129 
GLY 'peptide linking'   y GLYCINE                              ? 'C2 H5 N O2'      75.067  
HIS 'L-peptide linking' y HISTIDINE                            ? 'C6 H10 N3 O2 1'  156.162 
HOH non-polymer         . WATER                                ? 'H2 O'            18.015  
ILE 'L-peptide linking' y ISOLEUCINE                           ? 'C6 H13 N O2'     131.173 
LEU 'L-peptide linking' y LEUCINE                              ? 'C6 H13 N O2'     131.173 
LYS 'L-peptide linking' y LYSINE                               ? 'C6 H15 N2 O2 1'  147.195 
MET 'L-peptide linking' y METHIONINE                           ? 'C5 H11 N O2 S'   149.211 
PHE 'L-peptide linking' y PHENYLALANINE                        ? 'C9 H11 N O2'     165.189 
PRO 'L-peptide linking' y PROLINE                              ? 'C5 H9 N O2'      115.130 
SER 'L-peptide linking' y SERINE                               ? 'C3 H7 N O3'      105.093 
THR 'L-peptide linking' y THREONINE                            ? 'C4 H9 N O3'      119.119 
TYR 'L-peptide linking' y TYROSINE                             ? 'C9 H11 N O3'     181.189 
VAL 'L-peptide linking' y VALINE                               ? 'C5 H11 N O2'     117.146 
# 
loop_
_pdbx_poly_seq_scheme.asym_id 
_pdbx_poly_seq_scheme.entity_id 
_pdbx_poly_seq_scheme.seq_id 
_pdbx_poly_seq_scheme.mon_id 
_pdbx_poly_seq_scheme.ndb_seq_num 
_pdbx_poly_seq_scheme.pdb_seq_num 
_pdbx_poly_seq_scheme.auth_seq_num 
_pdbx_poly_seq_scheme.pdb_mon_id 
_pdbx_poly_seq_scheme.auth_mon_id 
_pdbx_poly_seq_scheme.pdb_strand_id 
_pdbx_poly_seq_scheme.pdb_ins_code 
_pdbx_poly_seq_scheme.hetero 
A 1 1  DC  1  102 102 DC  C   C . n 
A 1 2  DA  2  103 103 DA  A   C . n 
A 1 3  DC  3  104 104 DC  C   C . n 
A 1 4  DC  4  105 105 DC  C   C . n 
A 1 5  DA  5  106 106 DA  A   C . n 
A 1 6  DC  6  107 107 DC  C   C . n 
A 1 7  DG  7  108 108 DG  G   C . n 
A 1 8  DT  8  109 109 DT  T   C . n 
A 1 9  DG  9  110 110 DG  G   C . n 
A 1 10 DG  10 111 111 DG  G   C . n 
A 1 11 DT  11 112 112 DT  T   C . n 
B 2 1  DA  1  116 116 DA  A   D . n 
B 2 2  DC  2  117 117 DC  C   D . n 
B 2 3  DC  3  118 118 DC  C   D . n 
B 2 4  DA  4  119 119 DA  A   D . n 
B 2 5  DC  5  120 120 DC  C   D . n 
B 2 6  DG  6  121 121 DG  G   D . n 
B 2 7  DT  7  122 122 DT  T   D . n 
B 2 8  DG  8  123 123 DG  G   D . n 
B 2 9  DG  9  124 124 DG  G   D . n 
B 2 10 DT  10 125 125 DT  T   D . n 
B 2 11 DG  11 126 126 DG  G   D . n 
C 3 1  ASN 1  3   3   ASN ASN A . n 
C 3 2  ASP 2  4   4   ASP ASP A . n 
C 3 3  ASP 3  5   5   ASP ASP A . n 
C 3 4  ILE 4  6   6   ILE ILE A . n 
C 3 5  GLU 5  7   7   GLU GLU A . n 
C 3 6  VAL 6  8   8   VAL VAL A . n 
C 3 7  GLU 7  9   9   GLU GLU A . n 
C 3 8  SER 8  10  10  SER SER A . n 
C 3 9  ASP 9  11  11  ASP ASP A . n 
C 3 10 ALA 10 12  12  ALA ALA A . n 
C 3 11 ASP 11 13  13  ASP ASP A . n 
C 3 12 LYS 12 14  14  LYS LYS A . n 
C 3 13 ARG 13 15  15  ARG ARG A . n 
C 3 14 ALA 14 16  16  ALA ALA A . n 
C 3 15 HIS 15 17  17  HIS HIS A . n 
C 3 16 HIS 16 18  18  HIS HIS A . n 
C 3 17 ASN 17 19  19  ASN ASN A . n 
C 3 18 ALA 18 20  20  ALA ALA A . n 
C 3 19 LEU 19 21  21  LEU LEU A . n 
C 3 20 GLU 20 22  22  GLU GLU A . n 
C 3 21 ARG 21 23  23  ARG ARG A . n 
C 3 22 LYS 22 24  24  LYS LYS A . n 
C 3 23 ARG 23 25  25  ARG ARG A . n 
C 3 24 ARG 24 26  26  ARG ARG A . n 
C 3 25 ASP 25 27  27  ASP ASP A . n 
C 3 26 HIS 26 28  28  HIS HIS A . n 
C 3 27 ILE 27 29  29  ILE ILE A . n 
C 3 28 LYS 28 30  30  LYS LYS A . n 
C 3 29 ASP 29 31  31  ASP ASP A . n 
C 3 30 SER 30 32  32  SER SER A . n 
C 3 31 PHE 31 33  33  PHE PHE A . n 
C 3 32 HIS 32 34  34  HIS HIS A . n 
C 3 33 SER 33 35  35  SER SER A . n 
C 3 34 LEU 34 36  36  LEU LEU A . n 
C 3 35 ARG 35 37  37  ARG ARG A . n 
C 3 36 ASP 36 38  38  ASP ASP A . n 
C 3 37 SER 37 39  39  SER SER A . n 
C 3 38 VAL 38 40  40  VAL VAL A . n 
C 3 39 PRO 39 41  41  PRO PRO A . n 
C 3 40 SER 40 42  42  SER SER A . n 
C 3 41 LEU 41 43  43  LEU LEU A . n 
C 3 42 GLN 42 44  44  GLN GLN A . n 
C 3 43 GLY 43 45  45  GLY GLY A . n 
C 3 44 GLU 44 46  46  GLU GLU A . n 
C 3 45 LYS 45 47  47  LYS LYS A . n 
C 3 46 ALA 46 48  48  ALA ALA A . n 
C 3 47 SER 47 49  49  SER SER A . n 
C 3 48 ARG 48 50  50  ARG ARG A . n 
C 3 49 ALA 49 51  51  ALA ALA A . n 
C 3 50 GLN 50 52  52  GLN GLN A . n 
C 3 51 ILE 51 53  53  ILE ILE A . n 
C 3 52 LEU 52 54  54  LEU LEU A . n 
C 3 53 ASP 53 55  55  ASP ASP A . n 
C 3 54 LYS 54 56  56  LYS LYS A . n 
C 3 55 ALA 55 57  57  ALA ALA A . n 
C 3 56 THR 56 58  58  THR THR A . n 
C 3 57 GLU 57 59  59  GLU GLU A . n 
C 3 58 TYR 58 60  60  TYR TYR A . n 
C 3 59 ILE 59 61  61  ILE ILE A . n 
C 3 60 GLN 60 62  62  GLN GLN A . n 
C 3 61 TYR 61 63  63  TYR TYR A . n 
C 3 62 MET 62 64  64  MET MET A . n 
C 3 63 ARG 63 65  65  ARG ARG A . n 
C 3 64 ARG 64 66  66  ARG ARG A . n 
C 3 65 LYS 65 67  67  LYS LYS A . n 
C 3 66 ASN 66 68  68  ASN ASN A . n 
C 3 67 HIS 67 69  69  HIS HIS A . n 
C 3 68 THR 68 70  70  THR THR A . n 
C 3 69 HIS 69 71  71  HIS HIS A . n 
C 3 70 GLN 70 72  72  GLN GLN A . n 
C 3 71 GLN 71 73  73  GLN GLN A . n 
C 3 72 ASP 72 74  74  ASP ASP A . n 
C 3 73 ILE 73 75  75  ILE ILE A . n 
C 3 74 ASP 74 76  76  ASP ASP A . n 
C 3 75 ASP 75 77  77  ASP ASP A . n 
C 3 76 LEU 76 78  78  LEU LEU A . n 
C 3 77 LYS 77 79  79  LYS LYS A . n 
C 3 78 ARG 78 80  80  ARG ARG A . n 
C 3 79 GLN 79 81  81  GLN GLN A . n 
C 3 80 ASN 80 82  82  ASN ASN A . n 
D 3 1  ASN 1  3   ?   ?   ?   B . n 
D 3 2  ASP 2  4   ?   ?   ?   B . n 
D 3 3  ASP 3  5   ?   ?   ?   B . n 
D 3 4  ILE 4  6   ?   ?   ?   B . n 
D 3 5  GLU 5  7   ?   ?   ?   B . n 
D 3 6  VAL 6  8   ?   ?   ?   B . n 
D 3 7  GLU 7  9   ?   ?   ?   B . n 
D 3 8  SER 8  10  10  SER SER B . n 
D 3 9  ASP 9  11  11  ASP ASP B . n 
D 3 10 ALA 10 12  12  ALA ALA B . n 
D 3 11 ASP 11 13  13  ASP ASP B . n 
D 3 12 LYS 12 14  14  LYS LYS B . n 
D 3 13 ARG 13 15  15  ARG ARG B . n 
D 3 14 ALA 14 16  16  ALA ALA B . n 
D 3 15 HIS 15 17  17  HIS HIS B . n 
D 3 16 HIS 16 18  18  HIS HIS B . n 
D 3 17 ASN 17 19  19  ASN ASN B . n 
D 3 18 ALA 18 20  20  ALA ALA B . n 
D 3 19 LEU 19 21  21  LEU LEU B . n 
D 3 20 GLU 20 22  22  GLU GLU B . n 
D 3 21 ARG 21 23  23  ARG ARG B . n 
D 3 22 LYS 22 24  24  LYS LYS B . n 
D 3 23 ARG 23 25  25  ARG ARG B . n 
D 3 24 ARG 24 26  26  ARG ARG B . n 
D 3 25 ASP 25 27  27  ASP ASP B . n 
D 3 26 HIS 26 28  28  HIS HIS B . n 
D 3 27 ILE 27 29  29  ILE ILE B . n 
D 3 28 LYS 28 30  30  LYS LYS B . n 
D 3 29 ASP 29 31  31  ASP ASP B . n 
D 3 30 SER 30 32  32  SER SER B . n 
D 3 31 PHE 31 33  33  PHE PHE B . n 
D 3 32 HIS 32 34  34  HIS HIS B . n 
D 3 33 SER 33 35  35  SER SER B . n 
D 3 34 LEU 34 36  36  LEU LEU B . n 
D 3 35 ARG 35 37  37  ARG ARG B . n 
D 3 36 ASP 36 38  38  ASP ASP B . n 
D 3 37 SER 37 39  39  SER SER B . n 
D 3 38 VAL 38 40  40  VAL VAL B . n 
D 3 39 PRO 39 41  41  PRO PRO B . n 
D 3 40 SER 40 42  42  SER SER B . n 
D 3 41 LEU 41 43  43  LEU LEU B . n 
D 3 42 GLN 42 44  44  GLN GLN B . n 
D 3 43 GLY 43 45  45  GLY GLY B . n 
D 3 44 GLU 44 46  46  GLU GLU B . n 
D 3 45 LYS 45 47  47  LYS LYS B . n 
D 3 46 ALA 46 48  48  ALA ALA B . n 
D 3 47 SER 47 49  49  SER SER B . n 
D 3 48 ARG 48 50  50  ARG ARG B . n 
D 3 49 ALA 49 51  51  ALA ALA B . n 
D 3 50 GLN 50 52  52  GLN GLN B . n 
D 3 51 ILE 51 53  53  ILE ILE B . n 
D 3 52 LEU 52 54  54  LEU LEU B . n 
D 3 53 ASP 53 55  55  ASP ASP B . n 
D 3 54 LYS 54 56  56  LYS LYS B . n 
D 3 55 ALA 55 57  57  ALA ALA B . n 
D 3 56 THR 56 58  58  THR THR B . n 
D 3 57 GLU 57 59  59  GLU GLU B . n 
D 3 58 TYR 58 60  60  TYR TYR B . n 
D 3 59 ILE 59 61  61  ILE ILE B . n 
D 3 60 GLN 60 62  62  GLN GLN B . n 
D 3 61 TYR 61 63  63  TYR TYR B . n 
D 3 62 MET 62 64  64  MET MET B . n 
D 3 63 ARG 63 65  65  ARG ARG B . n 
D 3 64 ARG 64 66  66  ARG ARG B . n 
D 3 65 LYS 65 67  67  LYS LYS B . n 
D 3 66 ASN 66 68  68  ASN ASN B . n 
D 3 67 HIS 67 69  69  HIS HIS B . n 
D 3 68 THR 68 70  70  THR THR B . n 
D 3 69 HIS 69 71  71  HIS HIS B . n 
D 3 70 GLN 70 72  72  GLN GLN B . n 
D 3 71 GLN 71 73  73  GLN GLN B . n 
D 3 72 ASP 72 74  74  ASP ASP B . n 
D 3 73 ILE 73 75  75  ILE ILE B . n 
D 3 74 ASP 74 76  76  ASP ASP B . n 
D 3 75 ASP 75 77  77  ASP ASP B . n 
D 3 76 LEU 76 78  78  LEU LEU B . n 
D 3 77 LYS 77 79  79  LYS LYS B . n 
D 3 78 ARG 78 80  80  ARG ARG B . n 
D 3 79 GLN 79 81  81  GLN GLN B . n 
D 3 80 ASN 80 82  82  ASN ASN B . n 
# 
loop_
_pdbx_nonpoly_scheme.asym_id 
_pdbx_nonpoly_scheme.entity_id 
_pdbx_nonpoly_scheme.mon_id 
_pdbx_nonpoly_scheme.ndb_seq_num 
_pdbx_nonpoly_scheme.pdb_seq_num 
_pdbx_nonpoly_scheme.auth_seq_num 
_pdbx_nonpoly_scheme.pdb_mon_id 
_pdbx_nonpoly_scheme.auth_mon_id 
_pdbx_nonpoly_scheme.pdb_strand_id 
_pdbx_nonpoly_scheme.pdb_ins_code 
E 4 HOH 1 131 131 HOH HOH C . 
E 4 HOH 2 136 136 HOH HOH C . 
F 4 HOH 1 135 135 HOH HOH D . 
F 4 HOH 2 141 141 HOH HOH D . 
F 4 HOH 3 144 144 HOH HOH D . 
G 4 HOH 1 127 127 HOH HOH A . 
G 4 HOH 2 128 128 HOH HOH A . 
G 4 HOH 3 129 129 HOH HOH A . 
G 4 HOH 4 130 130 HOH HOH A . 
G 4 HOH 5 132 132 HOH HOH A . 
G 4 HOH 6 142 142 HOH HOH A . 
H 4 HOH 1 133 133 HOH HOH B . 
H 4 HOH 2 134 134 HOH HOH B . 
H 4 HOH 3 137 137 HOH HOH B . 
H 4 HOH 4 138 138 HOH HOH B . 
H 4 HOH 5 139 139 HOH HOH B . 
H 4 HOH 6 140 140 HOH HOH B . 
H 4 HOH 7 143 143 HOH HOH B . 
# 
loop_
_pdbx_unobs_or_zero_occ_atoms.id 
_pdbx_unobs_or_zero_occ_atoms.PDB_model_num 
_pdbx_unobs_or_zero_occ_atoms.polymer_flag 
_pdbx_unobs_or_zero_occ_atoms.occupancy_flag 
_pdbx_unobs_or_zero_occ_atoms.auth_asym_id 
_pdbx_unobs_or_zero_occ_atoms.auth_comp_id 
_pdbx_unobs_or_zero_occ_atoms.auth_seq_id 
_pdbx_unobs_or_zero_occ_atoms.PDB_ins_code 
_pdbx_unobs_or_zero_occ_atoms.auth_atom_id 
_pdbx_unobs_or_zero_occ_atoms.label_alt_id 
_pdbx_unobs_or_zero_occ_atoms.label_asym_id 
_pdbx_unobs_or_zero_occ_atoms.label_comp_id 
_pdbx_unobs_or_zero_occ_atoms.label_seq_id 
_pdbx_unobs_or_zero_occ_atoms.label_atom_id 
1 1 Y 0 A ASN 82 ? OXT ? C ASN 80 OXT 
2 1 Y 0 B ASN 82 ? OXT ? D ASN 80 OXT 
# 
loop_
_software.name 
_software.classification 
_software.version 
_software.citation_id 
_software.pdbx_ordinal 
X-PLOR refinement       . ? 1 
XDS    'data reduction' . ? 2 
# 
_cell.entry_id           1HLO 
_cell.length_a           108.000 
_cell.length_b           108.000 
_cell.length_c           127.000 
_cell.angle_alpha        90.00 
_cell.angle_beta         90.00 
_cell.angle_gamma        120.00 
_cell.Z_PDB              24 
_cell.pdbx_unique_axis   ? 
# 
_symmetry.entry_id                         1HLO 
_symmetry.space_group_name_H-M             'P 65 2 2' 
_symmetry.pdbx_full_space_group_name_H-M   ? 
_symmetry.cell_setting                     ? 
_symmetry.Int_Tables_number                179 
# 
_exptl.entry_id          1HLO 
_exptl.method            'X-RAY DIFFRACTION' 
_exptl.crystals_number   ? 
# 
_exptl_crystal.id                    1 
_exptl_crystal.density_meas          ? 
_exptl_crystal.density_Matthews      4.14 
_exptl_crystal.density_percent_sol   70.32 
_exptl_crystal.description           ? 
# 
_exptl_crystal_grow.crystal_id      1 
_exptl_crystal_grow.method          'VAPOR DIFFUSION, HANGING DROP' 
_exptl_crystal_grow.temp            ? 
_exptl_crystal_grow.temp_details    ? 
_exptl_crystal_grow.pH              ? 
_exptl_crystal_grow.pdbx_details    'VAPOR DIFFUSION, HANGING DROP' 
_exptl_crystal_grow.pdbx_pH_range   ? 
# 
loop_
_exptl_crystal_grow_comp.crystal_id 
_exptl_crystal_grow_comp.id 
_exptl_crystal_grow_comp.sol_id 
_exptl_crystal_grow_comp.name 
_exptl_crystal_grow_comp.volume 
_exptl_crystal_grow_comp.conc 
_exptl_crystal_grow_comp.details 
1 1 1 WATER        ? ? ? 
1 2 1 MPD          ? ? ? 
1 3 1 'NA CITRATE' ? ? ? 
# 
_diffrn.id                     1 
_diffrn.crystal_id             1 
_diffrn.ambient_temp           ? 
_diffrn.ambient_temp_details   ? 
# 
_diffrn_radiation.diffrn_id                        1 
_diffrn_radiation.wavelength_id                    1 
_diffrn_radiation.pdbx_monochromatic_or_laue_m_l   ? 
_diffrn_radiation.monochromator                    ? 
_diffrn_radiation.pdbx_diffrn_protocol             ? 
_diffrn_radiation.pdbx_scattering_type             x-ray 
# 
_diffrn_radiation_wavelength.id           1 
_diffrn_radiation_wavelength.wavelength   . 
_diffrn_radiation_wavelength.wt           1.0 
# 
_reflns.entry_id                     1HLO 
_reflns.observed_criterion_sigma_I   ? 
_reflns.observed_criterion_sigma_F   ? 
_reflns.d_resolution_low             ? 
_reflns.d_resolution_high            2.800 
_reflns.number_obs                   ? 
_reflns.number_all                   ? 
_reflns.percent_possible_obs         96.000 
_reflns.pdbx_Rmerge_I_obs            ? 
_reflns.pdbx_Rsym_value              0.0980000 
_reflns.pdbx_netI_over_sigmaI        ? 
_reflns.B_iso_Wilson_estimate        ? 
_reflns.pdbx_redundancy              ? 
_reflns.pdbx_diffrn_id               1 
_reflns.pdbx_ordinal                 1 
# 
_refine.entry_id                                 1HLO 
_refine.ls_number_reflns_obs                     9496 
_refine.ls_number_reflns_all                     ? 
_refine.pdbx_ls_sigma_I                          ? 
_refine.pdbx_ls_sigma_F                          2.000 
_refine.pdbx_data_cutoff_high_absF               ? 
_refine.pdbx_data_cutoff_low_absF                ? 
_refine.pdbx_data_cutoff_high_rms_absF           ? 
_refine.ls_d_res_low                             8.000 
_refine.ls_d_res_high                            2.800 
_refine.ls_percent_reflns_obs                    ? 
_refine.ls_R_factor_obs                          0.2130000 
_refine.ls_R_factor_all                          ? 
_refine.ls_R_factor_R_work                       0.2130000 
_refine.ls_R_factor_R_free                       0.2730000 
_refine.ls_R_factor_R_free_error                 ? 
_refine.ls_R_factor_R_free_error_details         ? 
_refine.ls_percent_reflns_R_free                 ? 
_refine.ls_number_reflns_R_free                  ? 
_refine.ls_number_parameters                     ? 
_refine.ls_number_restraints                     ? 
_refine.occupancy_min                            ? 
_refine.occupancy_max                            ? 
_refine.B_iso_mean                               ? 
_refine.aniso_B[1][1]                            ? 
_refine.aniso_B[2][2]                            ? 
_refine.aniso_B[3][3]                            ? 
_refine.aniso_B[1][2]                            ? 
_refine.aniso_B[1][3]                            ? 
_refine.aniso_B[2][3]                            ? 
_refine.solvent_model_details                    ? 
_refine.solvent_model_param_ksol                 ? 
_refine.solvent_model_param_bsol                 ? 
_refine.pdbx_ls_cross_valid_method               ? 
_refine.details                                  ? 
_refine.pdbx_starting_model                      ? 
_refine.pdbx_method_to_determine_struct          ? 
_refine.pdbx_isotropic_thermal_model             ? 
_refine.pdbx_stereochemistry_target_values       ? 
_refine.pdbx_stereochem_target_val_spec_case     ? 
_refine.pdbx_R_Free_selection_details            ? 
_refine.pdbx_overall_ESU_R                       ? 
_refine.pdbx_overall_ESU_R_Free                  ? 
_refine.overall_SU_ML                            ? 
_refine.overall_SU_B                             ? 
_refine.pdbx_refine_id                           'X-RAY DIFFRACTION' 
_refine.pdbx_diffrn_id                           1 
_refine.pdbx_TLS_residual_ADP_flag               ? 
_refine.correlation_coeff_Fo_to_Fc               ? 
_refine.correlation_coeff_Fo_to_Fc_free          ? 
_refine.pdbx_solvent_vdw_probe_radii             ? 
_refine.pdbx_solvent_ion_probe_radii             ? 
_refine.pdbx_solvent_shrinkage_radii             ? 
_refine.pdbx_overall_phase_error                 ? 
_refine.overall_SU_R_Cruickshank_DPI             ? 
_refine.pdbx_overall_SU_R_free_Cruickshank_DPI   ? 
_refine.pdbx_overall_SU_R_Blow_DPI               ? 
_refine.pdbx_overall_SU_R_free_Blow_DPI          ? 
# 
_refine_hist.pdbx_refine_id                   'X-RAY DIFFRACTION' 
_refine_hist.cycle_id                         LAST 
_refine_hist.pdbx_number_atoms_protein        1283 
_refine_hist.pdbx_number_atoms_nucleic_acid   445 
_refine_hist.pdbx_number_atoms_ligand         0 
_refine_hist.number_atoms_solvent             18 
_refine_hist.number_atoms_total               1746 
_refine_hist.d_res_high                       2.800 
_refine_hist.d_res_low                        8.000 
# 
loop_
_refine_ls_restr.type 
_refine_ls_restr.dev_ideal 
_refine_ls_restr.dev_ideal_target 
_refine_ls_restr.weight 
_refine_ls_restr.number 
_refine_ls_restr.pdbx_refine_id 
_refine_ls_restr.pdbx_restraint_function 
x_bond_d                0.013 ? ? ? 'X-RAY DIFFRACTION' ? 
x_bond_d_na             ?     ? ? ? 'X-RAY DIFFRACTION' ? 
x_bond_d_prot           ?     ? ? ? 'X-RAY DIFFRACTION' ? 
x_angle_d               ?     ? ? ? 'X-RAY DIFFRACTION' ? 
x_angle_d_na            ?     ? ? ? 'X-RAY DIFFRACTION' ? 
x_angle_d_prot          ?     ? ? ? 'X-RAY DIFFRACTION' ? 
x_angle_deg             1.90  ? ? ? 'X-RAY DIFFRACTION' ? 
x_angle_deg_na          ?     ? ? ? 'X-RAY DIFFRACTION' ? 
x_angle_deg_prot        ?     ? ? ? 'X-RAY DIFFRACTION' ? 
x_dihedral_angle_d      ?     ? ? ? 'X-RAY DIFFRACTION' ? 
x_dihedral_angle_d_na   ?     ? ? ? 'X-RAY DIFFRACTION' ? 
x_dihedral_angle_d_prot ?     ? ? ? 'X-RAY DIFFRACTION' ? 
x_improper_angle_d      ?     ? ? ? 'X-RAY DIFFRACTION' ? 
x_improper_angle_d_na   ?     ? ? ? 'X-RAY DIFFRACTION' ? 
x_improper_angle_d_prot ?     ? ? ? 'X-RAY DIFFRACTION' ? 
x_mcbond_it             ?     ? ? ? 'X-RAY DIFFRACTION' ? 
x_mcangle_it            ?     ? ? ? 'X-RAY DIFFRACTION' ? 
x_scbond_it             ?     ? ? ? 'X-RAY DIFFRACTION' ? 
x_scangle_it            ?     ? ? ? 'X-RAY DIFFRACTION' ? 
# 
_struct.entry_id                  1HLO 
_struct.title                     
'THE CRYSTAL STRUCTURE OF AN INTACT HUMAN MAX-DNA COMPLEX: NEW INSIGHTS INTO MECHANISMS OF TRANSCRIPTIONAL CONTROL' 
_struct.pdbx_model_details        ? 
_struct.pdbx_CASP_flag            ? 
_struct.pdbx_model_type_details   ? 
# 
_struct_keywords.entry_id        1HLO 
_struct_keywords.pdbx_keywords   TRANSCRIPTION/DNA 
_struct_keywords.text            
'TRANSCRIPTIONAL REGULATION, DNA BINDING, COMPLEX (TRANSCRIPTION FACTOR MAX-DNA), TRANSCRIPTION-DNA COMPLEX' 
# 
loop_
_struct_asym.id 
_struct_asym.pdbx_blank_PDB_chainid_flag 
_struct_asym.pdbx_modified 
_struct_asym.entity_id 
_struct_asym.details 
A N N 1 ? 
B N N 2 ? 
C N N 3 ? 
D N N 3 ? 
E N N 4 ? 
F N N 4 ? 
G N N 4 ? 
H N N 4 ? 
# 
loop_
_struct_ref.id 
_struct_ref.db_name 
_struct_ref.db_code 
_struct_ref.entity_id 
_struct_ref.pdbx_db_accession 
_struct_ref.pdbx_seq_one_letter_code 
_struct_ref.pdbx_align_begin 
_struct_ref.pdbx_db_isoform 
1 UNP MAX_HUMAN 3 P61244 ? 20 ? 
2 PDB 1HLO      1 1HLO   ? ?  ? 
3 PDB 1HLO      2 1HLO   ? ?  ? 
# 
loop_
_struct_ref_seq.align_id 
_struct_ref_seq.ref_id 
_struct_ref_seq.pdbx_PDB_id_code 
_struct_ref_seq.pdbx_strand_id 
_struct_ref_seq.seq_align_beg 
_struct_ref_seq.pdbx_seq_align_beg_ins_code 
_struct_ref_seq.seq_align_end 
_struct_ref_seq.pdbx_seq_align_end_ins_code 
_struct_ref_seq.pdbx_db_accession 
_struct_ref_seq.db_align_beg 
_struct_ref_seq.pdbx_db_align_beg_ins_code 
_struct_ref_seq.db_align_end 
_struct_ref_seq.pdbx_db_align_end_ins_code 
_struct_ref_seq.pdbx_auth_seq_align_beg 
_struct_ref_seq.pdbx_auth_seq_align_end 
1 1 1HLO A 8 ? 80 ? P61244 20  ? 92  ? 10  82  
2 1 1HLO B 8 ? 80 ? P61244 20  ? 92  ? 10  82  
3 2 1HLO C 1 ? 11 ? 1HLO   102 ? 112 ? 102 112 
4 3 1HLO D 1 ? 11 ? 1HLO   116 ? 126 ? 116 126 
# 
_pdbx_struct_assembly.id                   1 
_pdbx_struct_assembly.details              author_defined_assembly 
_pdbx_struct_assembly.method_details       ? 
_pdbx_struct_assembly.oligomeric_details   tetrameric 
_pdbx_struct_assembly.oligomeric_count     4 
# 
_pdbx_struct_assembly_gen.assembly_id       1 
_pdbx_struct_assembly_gen.oper_expression   1 
_pdbx_struct_assembly_gen.asym_id_list      A,B,C,D,E,F,G,H 
# 
_pdbx_struct_oper_list.id                   1 
_pdbx_struct_oper_list.type                 'identity operation' 
_pdbx_struct_oper_list.name                 1_555 
_pdbx_struct_oper_list.symmetry_operation   x,y,z 
_pdbx_struct_oper_list.matrix[1][1]         1.0000000000 
_pdbx_struct_oper_list.matrix[1][2]         0.0000000000 
_pdbx_struct_oper_list.matrix[1][3]         0.0000000000 
_pdbx_struct_oper_list.vector[1]            0.0000000000 
_pdbx_struct_oper_list.matrix[2][1]         0.0000000000 
_pdbx_struct_oper_list.matrix[2][2]         1.0000000000 
_pdbx_struct_oper_list.matrix[2][3]         0.0000000000 
_pdbx_struct_oper_list.vector[2]            0.0000000000 
_pdbx_struct_oper_list.matrix[3][1]         0.0000000000 
_pdbx_struct_oper_list.matrix[3][2]         0.0000000000 
_pdbx_struct_oper_list.matrix[3][3]         1.0000000000 
_pdbx_struct_oper_list.vector[3]            0.0000000000 
# 
_struct_biol.id   1 
# 
loop_
_struct_conf.conf_type_id 
_struct_conf.id 
_struct_conf.pdbx_PDB_helix_id 
_struct_conf.beg_label_comp_id 
_struct_conf.beg_label_asym_id 
_struct_conf.beg_label_seq_id 
_struct_conf.pdbx_beg_PDB_ins_code 
_struct_conf.end_label_comp_id 
_struct_conf.end_label_asym_id 
_struct_conf.end_label_seq_id 
_struct_conf.pdbx_end_PDB_ins_code 
_struct_conf.beg_auth_comp_id 
_struct_conf.beg_auth_asym_id 
_struct_conf.beg_auth_seq_id 
_struct_conf.end_auth_comp_id 
_struct_conf.end_auth_asym_id 
_struct_conf.end_auth_seq_id 
_struct_conf.pdbx_PDB_helix_class 
_struct_conf.details 
_struct_conf.pdbx_PDB_helix_length 
HELX_P HELX_P1 1 ASN C 1  ? GLU C 7  ? ASN A 3  GLU A 9  1 ? 7  
HELX_P HELX_P2 2 SER C 8  ? VAL C 38 ? SER A 10 VAL A 40 1 ? 31 
HELX_P HELX_P3 3 PRO C 39 ? GLN C 42 ? PRO A 41 GLN A 44 5 ? 4  
HELX_P HELX_P4 4 SER C 47 ? ASP C 75 ? SER A 49 ASP A 77 1 ? 29 
HELX_P HELX_P5 5 ASP C 75 ? ASN C 80 ? ASP A 77 ASN A 82 1 ? 6  
HELX_P HELX_P6 6 ASP D 9  ? VAL D 38 ? ASP B 11 VAL B 40 1 ? 30 
HELX_P HELX_P7 7 SER D 47 ? ARG D 78 ? SER B 49 ARG B 80 1 ? 32 
# 
_struct_conf_type.id          HELX_P 
_struct_conf_type.criteria    ? 
_struct_conf_type.reference   ? 
# 
loop_
_struct_conn.id 
_struct_conn.conn_type_id 
_struct_conn.pdbx_leaving_atom_flag 
_struct_conn.pdbx_PDB_id 
_struct_conn.ptnr1_label_asym_id 
_struct_conn.ptnr1_label_comp_id 
_struct_conn.ptnr1_label_seq_id 
_struct_conn.ptnr1_label_atom_id 
_struct_conn.pdbx_ptnr1_label_alt_id 
_struct_conn.pdbx_ptnr1_PDB_ins_code 
_struct_conn.pdbx_ptnr1_standard_comp_id 
_struct_conn.ptnr1_symmetry 
_struct_conn.ptnr2_label_asym_id 
_struct_conn.ptnr2_label_comp_id 
_struct_conn.ptnr2_label_seq_id 
_struct_conn.ptnr2_label_atom_id 
_struct_conn.pdbx_ptnr2_label_alt_id 
_struct_conn.pdbx_ptnr2_PDB_ins_code 
_struct_conn.ptnr1_auth_asym_id 
_struct_conn.ptnr1_auth_comp_id 
_struct_conn.ptnr1_auth_seq_id 
_struct_conn.ptnr2_auth_asym_id 
_struct_conn.ptnr2_auth_comp_id 
_struct_conn.ptnr2_auth_seq_id 
_struct_conn.ptnr2_symmetry 
_struct_conn.pdbx_ptnr3_label_atom_id 
_struct_conn.pdbx_ptnr3_label_seq_id 
_struct_conn.pdbx_ptnr3_label_comp_id 
_struct_conn.pdbx_ptnr3_label_asym_id 
_struct_conn.pdbx_ptnr3_label_alt_id 
_struct_conn.pdbx_ptnr3_PDB_ins_code 
_struct_conn.details 
_struct_conn.pdbx_dist_value 
_struct_conn.pdbx_value_order 
_struct_conn.pdbx_role 
hydrog1  hydrog ? ? A DC 1  N3 ? ? ? 1_555 B DG 11 N1 ? ? C DC 102 D DG 126 1_555 ? ? ? ? ? ? WATSON-CRICK ? ? ? 
hydrog2  hydrog ? ? A DC 1  N4 ? ? ? 1_555 B DG 11 O6 ? ? C DC 102 D DG 126 1_555 ? ? ? ? ? ? WATSON-CRICK ? ? ? 
hydrog3  hydrog ? ? A DC 1  O2 ? ? ? 1_555 B DG 11 N2 ? ? C DC 102 D DG 126 1_555 ? ? ? ? ? ? WATSON-CRICK ? ? ? 
hydrog4  hydrog ? ? A DA 2  N1 ? ? ? 1_555 B DT 10 N3 ? ? C DA 103 D DT 125 1_555 ? ? ? ? ? ? WATSON-CRICK ? ? ? 
hydrog5  hydrog ? ? A DA 2  N6 ? ? ? 1_555 B DT 10 O4 ? ? C DA 103 D DT 125 1_555 ? ? ? ? ? ? WATSON-CRICK ? ? ? 
hydrog6  hydrog ? ? A DC 3  N3 ? ? ? 1_555 B DG 9  N1 ? ? C DC 104 D DG 124 1_555 ? ? ? ? ? ? WATSON-CRICK ? ? ? 
hydrog7  hydrog ? ? A DC 3  N4 ? ? ? 1_555 B DG 9  O6 ? ? C DC 104 D DG 124 1_555 ? ? ? ? ? ? WATSON-CRICK ? ? ? 
hydrog8  hydrog ? ? A DC 3  O2 ? ? ? 1_555 B DG 9  N2 ? ? C DC 104 D DG 124 1_555 ? ? ? ? ? ? WATSON-CRICK ? ? ? 
hydrog9  hydrog ? ? A DC 4  N3 ? ? ? 1_555 B DG 8  N1 ? ? C DC 105 D DG 123 1_555 ? ? ? ? ? ? WATSON-CRICK ? ? ? 
hydrog10 hydrog ? ? A DC 4  N4 ? ? ? 1_555 B DG 8  O6 ? ? C DC 105 D DG 123 1_555 ? ? ? ? ? ? WATSON-CRICK ? ? ? 
hydrog11 hydrog ? ? A DC 4  O2 ? ? ? 1_555 B DG 8  N2 ? ? C DC 105 D DG 123 1_555 ? ? ? ? ? ? WATSON-CRICK ? ? ? 
hydrog12 hydrog ? ? A DA 5  N1 ? ? ? 1_555 B DT 7  N3 ? ? C DA 106 D DT 122 1_555 ? ? ? ? ? ? WATSON-CRICK ? ? ? 
hydrog13 hydrog ? ? A DA 5  N6 ? ? ? 1_555 B DT 7  O4 ? ? C DA 106 D DT 122 1_555 ? ? ? ? ? ? WATSON-CRICK ? ? ? 
hydrog14 hydrog ? ? A DC 6  N3 ? ? ? 1_555 B DG 6  N1 ? ? C DC 107 D DG 121 1_555 ? ? ? ? ? ? WATSON-CRICK ? ? ? 
hydrog15 hydrog ? ? A DC 6  N4 ? ? ? 1_555 B DG 6  O6 ? ? C DC 107 D DG 121 1_555 ? ? ? ? ? ? WATSON-CRICK ? ? ? 
hydrog16 hydrog ? ? A DC 6  O2 ? ? ? 1_555 B DG 6  N2 ? ? C DC 107 D DG 121 1_555 ? ? ? ? ? ? WATSON-CRICK ? ? ? 
hydrog17 hydrog ? ? A DG 7  N1 ? ? ? 1_555 B DC 5  N3 ? ? C DG 108 D DC 120 1_555 ? ? ? ? ? ? WATSON-CRICK ? ? ? 
hydrog18 hydrog ? ? A DG 7  N2 ? ? ? 1_555 B DC 5  O2 ? ? C DG 108 D DC 120 1_555 ? ? ? ? ? ? WATSON-CRICK ? ? ? 
hydrog19 hydrog ? ? A DG 7  O6 ? ? ? 1_555 B DC 5  N4 ? ? C DG 108 D DC 120 1_555 ? ? ? ? ? ? WATSON-CRICK ? ? ? 
hydrog20 hydrog ? ? A DT 8  N3 ? ? ? 1_555 B DA 4  N1 ? ? C DT 109 D DA 119 1_555 ? ? ? ? ? ? WATSON-CRICK ? ? ? 
hydrog21 hydrog ? ? A DT 8  O4 ? ? ? 1_555 B DA 4  N6 ? ? C DT 109 D DA 119 1_555 ? ? ? ? ? ? WATSON-CRICK ? ? ? 
hydrog22 hydrog ? ? A DG 9  N1 ? ? ? 1_555 B DC 3  N3 ? ? C DG 110 D DC 118 1_555 ? ? ? ? ? ? WATSON-CRICK ? ? ? 
hydrog23 hydrog ? ? A DG 9  N2 ? ? ? 1_555 B DC 3  O2 ? ? C DG 110 D DC 118 1_555 ? ? ? ? ? ? WATSON-CRICK ? ? ? 
hydrog24 hydrog ? ? A DG 9  O6 ? ? ? 1_555 B DC 3  N4 ? ? C DG 110 D DC 118 1_555 ? ? ? ? ? ? WATSON-CRICK ? ? ? 
hydrog25 hydrog ? ? A DG 10 N1 ? ? ? 1_555 B DC 2  N3 ? ? C DG 111 D DC 117 1_555 ? ? ? ? ? ? WATSON-CRICK ? ? ? 
hydrog26 hydrog ? ? A DG 10 N2 ? ? ? 1_555 B DC 2  O2 ? ? C DG 111 D DC 117 1_555 ? ? ? ? ? ? WATSON-CRICK ? ? ? 
hydrog27 hydrog ? ? A DG 10 O6 ? ? ? 1_555 B DC 2  N4 ? ? C DG 111 D DC 117 1_555 ? ? ? ? ? ? WATSON-CRICK ? ? ? 
hydrog28 hydrog ? ? A DT 11 N3 ? ? ? 1_555 B DA 1  N1 ? ? C DT 112 D DA 116 1_555 ? ? ? ? ? ? WATSON-CRICK ? ? ? 
hydrog29 hydrog ? ? A DT 11 O4 ? ? ? 1_555 B DA 1  N6 ? ? C DT 112 D DA 116 1_555 ? ? ? ? ? ? WATSON-CRICK ? ? ? 
# 
_struct_conn_type.id          hydrog 
_struct_conn_type.criteria    ? 
_struct_conn_type.reference   ? 
# 
loop_
_pdbx_validate_rmsd_angle.id 
_pdbx_validate_rmsd_angle.PDB_model_num 
_pdbx_validate_rmsd_angle.auth_atom_id_1 
_pdbx_validate_rmsd_angle.auth_asym_id_1 
_pdbx_validate_rmsd_angle.auth_comp_id_1 
_pdbx_validate_rmsd_angle.auth_seq_id_1 
_pdbx_validate_rmsd_angle.PDB_ins_code_1 
_pdbx_validate_rmsd_angle.label_alt_id_1 
_pdbx_validate_rmsd_angle.auth_atom_id_2 
_pdbx_validate_rmsd_angle.auth_asym_id_2 
_pdbx_validate_rmsd_angle.auth_comp_id_2 
_pdbx_validate_rmsd_angle.auth_seq_id_2 
_pdbx_validate_rmsd_angle.PDB_ins_code_2 
_pdbx_validate_rmsd_angle.label_alt_id_2 
_pdbx_validate_rmsd_angle.auth_atom_id_3 
_pdbx_validate_rmsd_angle.auth_asym_id_3 
_pdbx_validate_rmsd_angle.auth_comp_id_3 
_pdbx_validate_rmsd_angle.auth_seq_id_3 
_pdbx_validate_rmsd_angle.PDB_ins_code_3 
_pdbx_validate_rmsd_angle.label_alt_id_3 
_pdbx_validate_rmsd_angle.angle_value 
_pdbx_validate_rmsd_angle.angle_target_value 
_pdbx_validate_rmsd_angle.angle_deviation 
_pdbx_validate_rmsd_angle.angle_standard_deviation 
_pdbx_validate_rmsd_angle.linker_flag 
1 1 "O5'" C DC  102 ? ? "C5'" C DC  102 ? ? "C4'" C DC  102 ? ? 138.10 111.00 27.10 2.50 N 
2 1 "O4'" C DC  102 ? ? "C4'" C DC  102 ? ? "C3'" C DC  102 ? ? 101.93 104.50 -2.57 0.40 N 
3 1 CD    A ARG 23  ? ? NE    A ARG 23  ? ? CZ    A ARG 23  ? ? 132.69 123.60 9.09  1.40 N 
4 1 NE    A ARG 23  ? ? CZ    A ARG 23  ? ? NH1   A ARG 23  ? ? 113.55 120.30 -6.75 0.50 N 
5 1 NE    A ARG 23  ? ? CZ    A ARG 23  ? ? NH2   A ARG 23  ? ? 127.01 120.30 6.71  0.50 N 
6 1 CD    B ARG 23  ? ? NE    B ARG 23  ? ? CZ    B ARG 23  ? ? 133.13 123.60 9.53  1.40 N 
7 1 NE    B ARG 23  ? ? CZ    B ARG 23  ? ? NH1   B ARG 23  ? ? 126.37 120.30 6.07  0.50 N 
8 1 NE    B ARG 23  ? ? CZ    B ARG 23  ? ? NH2   B ARG 23  ? ? 113.89 120.30 -6.41 0.50 N 
9 1 CA    B LEU 43  ? ? CB    B LEU 43  ? ? CG    B LEU 43  ? ? 130.12 115.30 14.82 2.30 N 
# 
loop_
_pdbx_validate_torsion.id 
_pdbx_validate_torsion.PDB_model_num 
_pdbx_validate_torsion.auth_comp_id 
_pdbx_validate_torsion.auth_asym_id 
_pdbx_validate_torsion.auth_seq_id 
_pdbx_validate_torsion.PDB_ins_code 
_pdbx_validate_torsion.label_alt_id 
_pdbx_validate_torsion.phi 
_pdbx_validate_torsion.psi 
1 1 LEU A 43 ? ? -166.64 43.48   
2 1 GLN A 44 ? ? -38.23  -34.45  
3 1 LYS A 47 ? ? 47.88   -128.77 
4 1 ALA A 48 ? ? 73.20   121.40  
# 
loop_
_pdbx_validate_planes.id 
_pdbx_validate_planes.PDB_model_num 
_pdbx_validate_planes.auth_comp_id 
_pdbx_validate_planes.auth_asym_id 
_pdbx_validate_planes.auth_seq_id 
_pdbx_validate_planes.PDB_ins_code 
_pdbx_validate_planes.label_alt_id 
_pdbx_validate_planes.rmsd 
_pdbx_validate_planes.type 
1 1 DC  C 104 ? ? 0.061 'SIDE CHAIN' 
2 1 DT  C 112 ? ? 0.069 'SIDE CHAIN' 
3 1 DG  D 124 ? ? 0.094 'SIDE CHAIN' 
4 1 DT  D 125 ? ? 0.108 'SIDE CHAIN' 
5 1 DG  D 126 ? ? 0.094 'SIDE CHAIN' 
6 1 TYR A 60  ? ? 0.077 'SIDE CHAIN' 
# 
loop_
_pdbx_unobs_or_zero_occ_residues.id 
_pdbx_unobs_or_zero_occ_residues.PDB_model_num 
_pdbx_unobs_or_zero_occ_residues.polymer_flag 
_pdbx_unobs_or_zero_occ_residues.occupancy_flag 
_pdbx_unobs_or_zero_occ_residues.auth_asym_id 
_pdbx_unobs_or_zero_occ_residues.auth_comp_id 
_pdbx_unobs_or_zero_occ_residues.auth_seq_id 
_pdbx_unobs_or_zero_occ_residues.PDB_ins_code 
_pdbx_unobs_or_zero_occ_residues.label_asym_id 
_pdbx_unobs_or_zero_occ_residues.label_comp_id 
_pdbx_unobs_or_zero_occ_residues.label_seq_id 
1 1 Y 1 B ASN 3 ? D ASN 1 
2 1 Y 1 B ASP 4 ? D ASP 2 
3 1 Y 1 B ASP 5 ? D ASP 3 
4 1 Y 1 B ILE 6 ? D ILE 4 
5 1 Y 1 B GLU 7 ? D GLU 5 
6 1 Y 1 B VAL 8 ? D VAL 6 
7 1 Y 1 B GLU 9 ? D GLU 7 
# 
loop_
_chem_comp_atom.comp_id 
_chem_comp_atom.atom_id 
_chem_comp_atom.type_symbol 
_chem_comp_atom.pdbx_aromatic_flag 
_chem_comp_atom.pdbx_stereo_config 
_chem_comp_atom.pdbx_ordinal 
ALA N      N N N 1   
ALA CA     C N S 2   
ALA C      C N N 3   
ALA O      O N N 4   
ALA CB     C N N 5   
ALA OXT    O N N 6   
ALA H      H N N 7   
ALA H2     H N N 8   
ALA HA     H N N 9   
ALA HB1    H N N 10  
ALA HB2    H N N 11  
ALA HB3    H N N 12  
ALA HXT    H N N 13  
ARG N      N N N 14  
ARG CA     C N S 15  
ARG C      C N N 16  
ARG O      O N N 17  
ARG CB     C N N 18  
ARG CG     C N N 19  
ARG CD     C N N 20  
ARG NE     N N N 21  
ARG CZ     C N N 22  
ARG NH1    N N N 23  
ARG NH2    N N N 24  
ARG OXT    O N N 25  
ARG H      H N N 26  
ARG H2     H N N 27  
ARG HA     H N N 28  
ARG HB2    H N N 29  
ARG HB3    H N N 30  
ARG HG2    H N N 31  
ARG HG3    H N N 32  
ARG HD2    H N N 33  
ARG HD3    H N N 34  
ARG HE     H N N 35  
ARG HH11   H N N 36  
ARG HH12   H N N 37  
ARG HH21   H N N 38  
ARG HH22   H N N 39  
ARG HXT    H N N 40  
ASN N      N N N 41  
ASN CA     C N S 42  
ASN C      C N N 43  
ASN O      O N N 44  
ASN CB     C N N 45  
ASN CG     C N N 46  
ASN OD1    O N N 47  
ASN ND2    N N N 48  
ASN OXT    O N N 49  
ASN H      H N N 50  
ASN H2     H N N 51  
ASN HA     H N N 52  
ASN HB2    H N N 53  
ASN HB3    H N N 54  
ASN HD21   H N N 55  
ASN HD22   H N N 56  
ASN HXT    H N N 57  
ASP N      N N N 58  
ASP CA     C N S 59  
ASP C      C N N 60  
ASP O      O N N 61  
ASP CB     C N N 62  
ASP CG     C N N 63  
ASP OD1    O N N 64  
ASP OD2    O N N 65  
ASP OXT    O N N 66  
ASP H      H N N 67  
ASP H2     H N N 68  
ASP HA     H N N 69  
ASP HB2    H N N 70  
ASP HB3    H N N 71  
ASP HD2    H N N 72  
ASP HXT    H N N 73  
DA  OP3    O N N 74  
DA  P      P N N 75  
DA  OP1    O N N 76  
DA  OP2    O N N 77  
DA  "O5'"  O N N 78  
DA  "C5'"  C N N 79  
DA  "C4'"  C N R 80  
DA  "O4'"  O N N 81  
DA  "C3'"  C N S 82  
DA  "O3'"  O N N 83  
DA  "C2'"  C N N 84  
DA  "C1'"  C N R 85  
DA  N9     N Y N 86  
DA  C8     C Y N 87  
DA  N7     N Y N 88  
DA  C5     C Y N 89  
DA  C6     C Y N 90  
DA  N6     N N N 91  
DA  N1     N Y N 92  
DA  C2     C Y N 93  
DA  N3     N Y N 94  
DA  C4     C Y N 95  
DA  HOP3   H N N 96  
DA  HOP2   H N N 97  
DA  "H5'"  H N N 98  
DA  "H5''" H N N 99  
DA  "H4'"  H N N 100 
DA  "H3'"  H N N 101 
DA  "HO3'" H N N 102 
DA  "H2'"  H N N 103 
DA  "H2''" H N N 104 
DA  "H1'"  H N N 105 
DA  H8     H N N 106 
DA  H61    H N N 107 
DA  H62    H N N 108 
DA  H2     H N N 109 
DC  OP3    O N N 110 
DC  P      P N N 111 
DC  OP1    O N N 112 
DC  OP2    O N N 113 
DC  "O5'"  O N N 114 
DC  "C5'"  C N N 115 
DC  "C4'"  C N R 116 
DC  "O4'"  O N N 117 
DC  "C3'"  C N S 118 
DC  "O3'"  O N N 119 
DC  "C2'"  C N N 120 
DC  "C1'"  C N R 121 
DC  N1     N N N 122 
DC  C2     C N N 123 
DC  O2     O N N 124 
DC  N3     N N N 125 
DC  C4     C N N 126 
DC  N4     N N N 127 
DC  C5     C N N 128 
DC  C6     C N N 129 
DC  HOP3   H N N 130 
DC  HOP2   H N N 131 
DC  "H5'"  H N N 132 
DC  "H5''" H N N 133 
DC  "H4'"  H N N 134 
DC  "H3'"  H N N 135 
DC  "HO3'" H N N 136 
DC  "H2'"  H N N 137 
DC  "H2''" H N N 138 
DC  "H1'"  H N N 139 
DC  H41    H N N 140 
DC  H42    H N N 141 
DC  H5     H N N 142 
DC  H6     H N N 143 
DG  OP3    O N N 144 
DG  P      P N N 145 
DG  OP1    O N N 146 
DG  OP2    O N N 147 
DG  "O5'"  O N N 148 
DG  "C5'"  C N N 149 
DG  "C4'"  C N R 150 
DG  "O4'"  O N N 151 
DG  "C3'"  C N S 152 
DG  "O3'"  O N N 153 
DG  "C2'"  C N N 154 
DG  "C1'"  C N R 155 
DG  N9     N Y N 156 
DG  C8     C Y N 157 
DG  N7     N Y N 158 
DG  C5     C Y N 159 
DG  C6     C N N 160 
DG  O6     O N N 161 
DG  N1     N N N 162 
DG  C2     C N N 163 
DG  N2     N N N 164 
DG  N3     N N N 165 
DG  C4     C Y N 166 
DG  HOP3   H N N 167 
DG  HOP2   H N N 168 
DG  "H5'"  H N N 169 
DG  "H5''" H N N 170 
DG  "H4'"  H N N 171 
DG  "H3'"  H N N 172 
DG  "HO3'" H N N 173 
DG  "H2'"  H N N 174 
DG  "H2''" H N N 175 
DG  "H1'"  H N N 176 
DG  H8     H N N 177 
DG  H1     H N N 178 
DG  H21    H N N 179 
DG  H22    H N N 180 
DT  OP3    O N N 181 
DT  P      P N N 182 
DT  OP1    O N N 183 
DT  OP2    O N N 184 
DT  "O5'"  O N N 185 
DT  "C5'"  C N N 186 
DT  "C4'"  C N R 187 
DT  "O4'"  O N N 188 
DT  "C3'"  C N S 189 
DT  "O3'"  O N N 190 
DT  "C2'"  C N N 191 
DT  "C1'"  C N R 192 
DT  N1     N N N 193 
DT  C2     C N N 194 
DT  O2     O N N 195 
DT  N3     N N N 196 
DT  C4     C N N 197 
DT  O4     O N N 198 
DT  C5     C N N 199 
DT  C7     C N N 200 
DT  C6     C N N 201 
DT  HOP3   H N N 202 
DT  HOP2   H N N 203 
DT  "H5'"  H N N 204 
DT  "H5''" H N N 205 
DT  "H4'"  H N N 206 
DT  "H3'"  H N N 207 
DT  "HO3'" H N N 208 
DT  "H2'"  H N N 209 
DT  "H2''" H N N 210 
DT  "H1'"  H N N 211 
DT  H3     H N N 212 
DT  H71    H N N 213 
DT  H72    H N N 214 
DT  H73    H N N 215 
DT  H6     H N N 216 
GLN N      N N N 217 
GLN CA     C N S 218 
GLN C      C N N 219 
GLN O      O N N 220 
GLN CB     C N N 221 
GLN CG     C N N 222 
GLN CD     C N N 223 
GLN OE1    O N N 224 
GLN NE2    N N N 225 
GLN OXT    O N N 226 
GLN H      H N N 227 
GLN H2     H N N 228 
GLN HA     H N N 229 
GLN HB2    H N N 230 
GLN HB3    H N N 231 
GLN HG2    H N N 232 
GLN HG3    H N N 233 
GLN HE21   H N N 234 
GLN HE22   H N N 235 
GLN HXT    H N N 236 
GLU N      N N N 237 
GLU CA     C N S 238 
GLU C      C N N 239 
GLU O      O N N 240 
GLU CB     C N N 241 
GLU CG     C N N 242 
GLU CD     C N N 243 
GLU OE1    O N N 244 
GLU OE2    O N N 245 
GLU OXT    O N N 246 
GLU H      H N N 247 
GLU H2     H N N 248 
GLU HA     H N N 249 
GLU HB2    H N N 250 
GLU HB3    H N N 251 
GLU HG2    H N N 252 
GLU HG3    H N N 253 
GLU HE2    H N N 254 
GLU HXT    H N N 255 
GLY N      N N N 256 
GLY CA     C N N 257 
GLY C      C N N 258 
GLY O      O N N 259 
GLY OXT    O N N 260 
GLY H      H N N 261 
GLY H2     H N N 262 
GLY HA2    H N N 263 
GLY HA3    H N N 264 
GLY HXT    H N N 265 
HIS N      N N N 266 
HIS CA     C N S 267 
HIS C      C N N 268 
HIS O      O N N 269 
HIS CB     C N N 270 
HIS CG     C Y N 271 
HIS ND1    N Y N 272 
HIS CD2    C Y N 273 
HIS CE1    C Y N 274 
HIS NE2    N Y N 275 
HIS OXT    O N N 276 
HIS H      H N N 277 
HIS H2     H N N 278 
HIS HA     H N N 279 
HIS HB2    H N N 280 
HIS HB3    H N N 281 
HIS HD1    H N N 282 
HIS HD2    H N N 283 
HIS HE1    H N N 284 
HIS HE2    H N N 285 
HIS HXT    H N N 286 
HOH O      O N N 287 
HOH H1     H N N 288 
HOH H2     H N N 289 
ILE N      N N N 290 
ILE CA     C N S 291 
ILE C      C N N 292 
ILE O      O N N 293 
ILE CB     C N S 294 
ILE CG1    C N N 295 
ILE CG2    C N N 296 
ILE CD1    C N N 297 
ILE OXT    O N N 298 
ILE H      H N N 299 
ILE H2     H N N 300 
ILE HA     H N N 301 
ILE HB     H N N 302 
ILE HG12   H N N 303 
ILE HG13   H N N 304 
ILE HG21   H N N 305 
ILE HG22   H N N 306 
ILE HG23   H N N 307 
ILE HD11   H N N 308 
ILE HD12   H N N 309 
ILE HD13   H N N 310 
ILE HXT    H N N 311 
LEU N      N N N 312 
LEU CA     C N S 313 
LEU C      C N N 314 
LEU O      O N N 315 
LEU CB     C N N 316 
LEU CG     C N N 317 
LEU CD1    C N N 318 
LEU CD2    C N N 319 
LEU OXT    O N N 320 
LEU H      H N N 321 
LEU H2     H N N 322 
LEU HA     H N N 323 
LEU HB2    H N N 324 
LEU HB3    H N N 325 
LEU HG     H N N 326 
LEU HD11   H N N 327 
LEU HD12   H N N 328 
LEU HD13   H N N 329 
LEU HD21   H N N 330 
LEU HD22   H N N 331 
LEU HD23   H N N 332 
LEU HXT    H N N 333 
LYS N      N N N 334 
LYS CA     C N S 335 
LYS C      C N N 336 
LYS O      O N N 337 
LYS CB     C N N 338 
LYS CG     C N N 339 
LYS CD     C N N 340 
LYS CE     C N N 341 
LYS NZ     N N N 342 
LYS OXT    O N N 343 
LYS H      H N N 344 
LYS H2     H N N 345 
LYS HA     H N N 346 
LYS HB2    H N N 347 
LYS HB3    H N N 348 
LYS HG2    H N N 349 
LYS HG3    H N N 350 
LYS HD2    H N N 351 
LYS HD3    H N N 352 
LYS HE2    H N N 353 
LYS HE3    H N N 354 
LYS HZ1    H N N 355 
LYS HZ2    H N N 356 
LYS HZ3    H N N 357 
LYS HXT    H N N 358 
MET N      N N N 359 
MET CA     C N S 360 
MET C      C N N 361 
MET O      O N N 362 
MET CB     C N N 363 
MET CG     C N N 364 
MET SD     S N N 365 
MET CE     C N N 366 
MET OXT    O N N 367 
MET H      H N N 368 
MET H2     H N N 369 
MET HA     H N N 370 
MET HB2    H N N 371 
MET HB3    H N N 372 
MET HG2    H N N 373 
MET HG3    H N N 374 
MET HE1    H N N 375 
MET HE2    H N N 376 
MET HE3    H N N 377 
MET HXT    H N N 378 
PHE N      N N N 379 
PHE CA     C N S 380 
PHE C      C N N 381 
PHE O      O N N 382 
PHE CB     C N N 383 
PHE CG     C Y N 384 
PHE CD1    C Y N 385 
PHE CD2    C Y N 386 
PHE CE1    C Y N 387 
PHE CE2    C Y N 388 
PHE CZ     C Y N 389 
PHE OXT    O N N 390 
PHE H      H N N 391 
PHE H2     H N N 392 
PHE HA     H N N 393 
PHE HB2    H N N 394 
PHE HB3    H N N 395 
PHE HD1    H N N 396 
PHE HD2    H N N 397 
PHE HE1    H N N 398 
PHE HE2    H N N 399 
PHE HZ     H N N 400 
PHE HXT    H N N 401 
PRO N      N N N 402 
PRO CA     C N S 403 
PRO C      C N N 404 
PRO O      O N N 405 
PRO CB     C N N 406 
PRO CG     C N N 407 
PRO CD     C N N 408 
PRO OXT    O N N 409 
PRO H      H N N 410 
PRO HA     H N N 411 
PRO HB2    H N N 412 
PRO HB3    H N N 413 
PRO HG2    H N N 414 
PRO HG3    H N N 415 
PRO HD2    H N N 416 
PRO HD3    H N N 417 
PRO HXT    H N N 418 
SER N      N N N 419 
SER CA     C N S 420 
SER C      C N N 421 
SER O      O N N 422 
SER CB     C N N 423 
SER OG     O N N 424 
SER OXT    O N N 425 
SER H      H N N 426 
SER H2     H N N 427 
SER HA     H N N 428 
SER HB2    H N N 429 
SER HB3    H N N 430 
SER HG     H N N 431 
SER HXT    H N N 432 
THR N      N N N 433 
THR CA     C N S 434 
THR C      C N N 435 
THR O      O N N 436 
THR CB     C N R 437 
THR OG1    O N N 438 
THR CG2    C N N 439 
THR OXT    O N N 440 
THR H      H N N 441 
THR H2     H N N 442 
THR HA     H N N 443 
THR HB     H N N 444 
THR HG1    H N N 445 
THR HG21   H N N 446 
THR HG22   H N N 447 
THR HG23   H N N 448 
THR HXT    H N N 449 
TYR N      N N N 450 
TYR CA     C N S 451 
TYR C      C N N 452 
TYR O      O N N 453 
TYR CB     C N N 454 
TYR CG     C Y N 455 
TYR CD1    C Y N 456 
TYR CD2    C Y N 457 
TYR CE1    C Y N 458 
TYR CE2    C Y N 459 
TYR CZ     C Y N 460 
TYR OH     O N N 461 
TYR OXT    O N N 462 
TYR H      H N N 463 
TYR H2     H N N 464 
TYR HA     H N N 465 
TYR HB2    H N N 466 
TYR HB3    H N N 467 
TYR HD1    H N N 468 
TYR HD2    H N N 469 
TYR HE1    H N N 470 
TYR HE2    H N N 471 
TYR HH     H N N 472 
TYR HXT    H N N 473 
VAL N      N N N 474 
VAL CA     C N S 475 
VAL C      C N N 476 
VAL O      O N N 477 
VAL CB     C N N 478 
VAL CG1    C N N 479 
VAL CG2    C N N 480 
VAL OXT    O N N 481 
VAL H      H N N 482 
VAL H2     H N N 483 
VAL HA     H N N 484 
VAL HB     H N N 485 
VAL HG11   H N N 486 
VAL HG12   H N N 487 
VAL HG13   H N N 488 
VAL HG21   H N N 489 
VAL HG22   H N N 490 
VAL HG23   H N N 491 
VAL HXT    H N N 492 
# 
loop_
_chem_comp_bond.comp_id 
_chem_comp_bond.atom_id_1 
_chem_comp_bond.atom_id_2 
_chem_comp_bond.value_order 
_chem_comp_bond.pdbx_aromatic_flag 
_chem_comp_bond.pdbx_stereo_config 
_chem_comp_bond.pdbx_ordinal 
ALA N     CA     sing N N 1   
ALA N     H      sing N N 2   
ALA N     H2     sing N N 3   
ALA CA    C      sing N N 4   
ALA CA    CB     sing N N 5   
ALA CA    HA     sing N N 6   
ALA C     O      doub N N 7   
ALA C     OXT    sing N N 8   
ALA CB    HB1    sing N N 9   
ALA CB    HB2    sing N N 10  
ALA CB    HB3    sing N N 11  
ALA OXT   HXT    sing N N 12  
ARG N     CA     sing N N 13  
ARG N     H      sing N N 14  
ARG N     H2     sing N N 15  
ARG CA    C      sing N N 16  
ARG CA    CB     sing N N 17  
ARG CA    HA     sing N N 18  
ARG C     O      doub N N 19  
ARG C     OXT    sing N N 20  
ARG CB    CG     sing N N 21  
ARG CB    HB2    sing N N 22  
ARG CB    HB3    sing N N 23  
ARG CG    CD     sing N N 24  
ARG CG    HG2    sing N N 25  
ARG CG    HG3    sing N N 26  
ARG CD    NE     sing N N 27  
ARG CD    HD2    sing N N 28  
ARG CD    HD3    sing N N 29  
ARG NE    CZ     sing N N 30  
ARG NE    HE     sing N N 31  
ARG CZ    NH1    sing N N 32  
ARG CZ    NH2    doub N N 33  
ARG NH1   HH11   sing N N 34  
ARG NH1   HH12   sing N N 35  
ARG NH2   HH21   sing N N 36  
ARG NH2   HH22   sing N N 37  
ARG OXT   HXT    sing N N 38  
ASN N     CA     sing N N 39  
ASN N     H      sing N N 40  
ASN N     H2     sing N N 41  
ASN CA    C      sing N N 42  
ASN CA    CB     sing N N 43  
ASN CA    HA     sing N N 44  
ASN C     O      doub N N 45  
ASN C     OXT    sing N N 46  
ASN CB    CG     sing N N 47  
ASN CB    HB2    sing N N 48  
ASN CB    HB3    sing N N 49  
ASN CG    OD1    doub N N 50  
ASN CG    ND2    sing N N 51  
ASN ND2   HD21   sing N N 52  
ASN ND2   HD22   sing N N 53  
ASN OXT   HXT    sing N N 54  
ASP N     CA     sing N N 55  
ASP N     H      sing N N 56  
ASP N     H2     sing N N 57  
ASP CA    C      sing N N 58  
ASP CA    CB     sing N N 59  
ASP CA    HA     sing N N 60  
ASP C     O      doub N N 61  
ASP C     OXT    sing N N 62  
ASP CB    CG     sing N N 63  
ASP CB    HB2    sing N N 64  
ASP CB    HB3    sing N N 65  
ASP CG    OD1    doub N N 66  
ASP CG    OD2    sing N N 67  
ASP OD2   HD2    sing N N 68  
ASP OXT   HXT    sing N N 69  
DA  OP3   P      sing N N 70  
DA  OP3   HOP3   sing N N 71  
DA  P     OP1    doub N N 72  
DA  P     OP2    sing N N 73  
DA  P     "O5'"  sing N N 74  
DA  OP2   HOP2   sing N N 75  
DA  "O5'" "C5'"  sing N N 76  
DA  "C5'" "C4'"  sing N N 77  
DA  "C5'" "H5'"  sing N N 78  
DA  "C5'" "H5''" sing N N 79  
DA  "C4'" "O4'"  sing N N 80  
DA  "C4'" "C3'"  sing N N 81  
DA  "C4'" "H4'"  sing N N 82  
DA  "O4'" "C1'"  sing N N 83  
DA  "C3'" "O3'"  sing N N 84  
DA  "C3'" "C2'"  sing N N 85  
DA  "C3'" "H3'"  sing N N 86  
DA  "O3'" "HO3'" sing N N 87  
DA  "C2'" "C1'"  sing N N 88  
DA  "C2'" "H2'"  sing N N 89  
DA  "C2'" "H2''" sing N N 90  
DA  "C1'" N9     sing N N 91  
DA  "C1'" "H1'"  sing N N 92  
DA  N9    C8     sing Y N 93  
DA  N9    C4     sing Y N 94  
DA  C8    N7     doub Y N 95  
DA  C8    H8     sing N N 96  
DA  N7    C5     sing Y N 97  
DA  C5    C6     sing Y N 98  
DA  C5    C4     doub Y N 99  
DA  C6    N6     sing N N 100 
DA  C6    N1     doub Y N 101 
DA  N6    H61    sing N N 102 
DA  N6    H62    sing N N 103 
DA  N1    C2     sing Y N 104 
DA  C2    N3     doub Y N 105 
DA  C2    H2     sing N N 106 
DA  N3    C4     sing Y N 107 
DC  OP3   P      sing N N 108 
DC  OP3   HOP3   sing N N 109 
DC  P     OP1    doub N N 110 
DC  P     OP2    sing N N 111 
DC  P     "O5'"  sing N N 112 
DC  OP2   HOP2   sing N N 113 
DC  "O5'" "C5'"  sing N N 114 
DC  "C5'" "C4'"  sing N N 115 
DC  "C5'" "H5'"  sing N N 116 
DC  "C5'" "H5''" sing N N 117 
DC  "C4'" "O4'"  sing N N 118 
DC  "C4'" "C3'"  sing N N 119 
DC  "C4'" "H4'"  sing N N 120 
DC  "O4'" "C1'"  sing N N 121 
DC  "C3'" "O3'"  sing N N 122 
DC  "C3'" "C2'"  sing N N 123 
DC  "C3'" "H3'"  sing N N 124 
DC  "O3'" "HO3'" sing N N 125 
DC  "C2'" "C1'"  sing N N 126 
DC  "C2'" "H2'"  sing N N 127 
DC  "C2'" "H2''" sing N N 128 
DC  "C1'" N1     sing N N 129 
DC  "C1'" "H1'"  sing N N 130 
DC  N1    C2     sing N N 131 
DC  N1    C6     sing N N 132 
DC  C2    O2     doub N N 133 
DC  C2    N3     sing N N 134 
DC  N3    C4     doub N N 135 
DC  C4    N4     sing N N 136 
DC  C4    C5     sing N N 137 
DC  N4    H41    sing N N 138 
DC  N4    H42    sing N N 139 
DC  C5    C6     doub N N 140 
DC  C5    H5     sing N N 141 
DC  C6    H6     sing N N 142 
DG  OP3   P      sing N N 143 
DG  OP3   HOP3   sing N N 144 
DG  P     OP1    doub N N 145 
DG  P     OP2    sing N N 146 
DG  P     "O5'"  sing N N 147 
DG  OP2   HOP2   sing N N 148 
DG  "O5'" "C5'"  sing N N 149 
DG  "C5'" "C4'"  sing N N 150 
DG  "C5'" "H5'"  sing N N 151 
DG  "C5'" "H5''" sing N N 152 
DG  "C4'" "O4'"  sing N N 153 
DG  "C4'" "C3'"  sing N N 154 
DG  "C4'" "H4'"  sing N N 155 
DG  "O4'" "C1'"  sing N N 156 
DG  "C3'" "O3'"  sing N N 157 
DG  "C3'" "C2'"  sing N N 158 
DG  "C3'" "H3'"  sing N N 159 
DG  "O3'" "HO3'" sing N N 160 
DG  "C2'" "C1'"  sing N N 161 
DG  "C2'" "H2'"  sing N N 162 
DG  "C2'" "H2''" sing N N 163 
DG  "C1'" N9     sing N N 164 
DG  "C1'" "H1'"  sing N N 165 
DG  N9    C8     sing Y N 166 
DG  N9    C4     sing Y N 167 
DG  C8    N7     doub Y N 168 
DG  C8    H8     sing N N 169 
DG  N7    C5     sing Y N 170 
DG  C5    C6     sing N N 171 
DG  C5    C4     doub Y N 172 
DG  C6    O6     doub N N 173 
DG  C6    N1     sing N N 174 
DG  N1    C2     sing N N 175 
DG  N1    H1     sing N N 176 
DG  C2    N2     sing N N 177 
DG  C2    N3     doub N N 178 
DG  N2    H21    sing N N 179 
DG  N2    H22    sing N N 180 
DG  N3    C4     sing N N 181 
DT  OP3   P      sing N N 182 
DT  OP3   HOP3   sing N N 183 
DT  P     OP1    doub N N 184 
DT  P     OP2    sing N N 185 
DT  P     "O5'"  sing N N 186 
DT  OP2   HOP2   sing N N 187 
DT  "O5'" "C5'"  sing N N 188 
DT  "C5'" "C4'"  sing N N 189 
DT  "C5'" "H5'"  sing N N 190 
DT  "C5'" "H5''" sing N N 191 
DT  "C4'" "O4'"  sing N N 192 
DT  "C4'" "C3'"  sing N N 193 
DT  "C4'" "H4'"  sing N N 194 
DT  "O4'" "C1'"  sing N N 195 
DT  "C3'" "O3'"  sing N N 196 
DT  "C3'" "C2'"  sing N N 197 
DT  "C3'" "H3'"  sing N N 198 
DT  "O3'" "HO3'" sing N N 199 
DT  "C2'" "C1'"  sing N N 200 
DT  "C2'" "H2'"  sing N N 201 
DT  "C2'" "H2''" sing N N 202 
DT  "C1'" N1     sing N N 203 
DT  "C1'" "H1'"  sing N N 204 
DT  N1    C2     sing N N 205 
DT  N1    C6     sing N N 206 
DT  C2    O2     doub N N 207 
DT  C2    N3     sing N N 208 
DT  N3    C4     sing N N 209 
DT  N3    H3     sing N N 210 
DT  C4    O4     doub N N 211 
DT  C4    C5     sing N N 212 
DT  C5    C7     sing N N 213 
DT  C5    C6     doub N N 214 
DT  C7    H71    sing N N 215 
DT  C7    H72    sing N N 216 
DT  C7    H73    sing N N 217 
DT  C6    H6     sing N N 218 
GLN N     CA     sing N N 219 
GLN N     H      sing N N 220 
GLN N     H2     sing N N 221 
GLN CA    C      sing N N 222 
GLN CA    CB     sing N N 223 
GLN CA    HA     sing N N 224 
GLN C     O      doub N N 225 
GLN C     OXT    sing N N 226 
GLN CB    CG     sing N N 227 
GLN CB    HB2    sing N N 228 
GLN CB    HB3    sing N N 229 
GLN CG    CD     sing N N 230 
GLN CG    HG2    sing N N 231 
GLN CG    HG3    sing N N 232 
GLN CD    OE1    doub N N 233 
GLN CD    NE2    sing N N 234 
GLN NE2   HE21   sing N N 235 
GLN NE2   HE22   sing N N 236 
GLN OXT   HXT    sing N N 237 
GLU N     CA     sing N N 238 
GLU N     H      sing N N 239 
GLU N     H2     sing N N 240 
GLU CA    C      sing N N 241 
GLU CA    CB     sing N N 242 
GLU CA    HA     sing N N 243 
GLU C     O      doub N N 244 
GLU C     OXT    sing N N 245 
GLU CB    CG     sing N N 246 
GLU CB    HB2    sing N N 247 
GLU CB    HB3    sing N N 248 
GLU CG    CD     sing N N 249 
GLU CG    HG2    sing N N 250 
GLU CG    HG3    sing N N 251 
GLU CD    OE1    doub N N 252 
GLU CD    OE2    sing N N 253 
GLU OE2   HE2    sing N N 254 
GLU OXT   HXT    sing N N 255 
GLY N     CA     sing N N 256 
GLY N     H      sing N N 257 
GLY N     H2     sing N N 258 
GLY CA    C      sing N N 259 
GLY CA    HA2    sing N N 260 
GLY CA    HA3    sing N N 261 
GLY C     O      doub N N 262 
GLY C     OXT    sing N N 263 
GLY OXT   HXT    sing N N 264 
HIS N     CA     sing N N 265 
HIS N     H      sing N N 266 
HIS N     H2     sing N N 267 
HIS CA    C      sing N N 268 
HIS CA    CB     sing N N 269 
HIS CA    HA     sing N N 270 
HIS C     O      doub N N 271 
HIS C     OXT    sing N N 272 
HIS CB    CG     sing N N 273 
HIS CB    HB2    sing N N 274 
HIS CB    HB3    sing N N 275 
HIS CG    ND1    sing Y N 276 
HIS CG    CD2    doub Y N 277 
HIS ND1   CE1    doub Y N 278 
HIS ND1   HD1    sing N N 279 
HIS CD2   NE2    sing Y N 280 
HIS CD2   HD2    sing N N 281 
HIS CE1   NE2    sing Y N 282 
HIS CE1   HE1    sing N N 283 
HIS NE2   HE2    sing N N 284 
HIS OXT   HXT    sing N N 285 
HOH O     H1     sing N N 286 
HOH O     H2     sing N N 287 
ILE N     CA     sing N N 288 
ILE N     H      sing N N 289 
ILE N     H2     sing N N 290 
ILE CA    C      sing N N 291 
ILE CA    CB     sing N N 292 
ILE CA    HA     sing N N 293 
ILE C     O      doub N N 294 
ILE C     OXT    sing N N 295 
ILE CB    CG1    sing N N 296 
ILE CB    CG2    sing N N 297 
ILE CB    HB     sing N N 298 
ILE CG1   CD1    sing N N 299 
ILE CG1   HG12   sing N N 300 
ILE CG1   HG13   sing N N 301 
ILE CG2   HG21   sing N N 302 
ILE CG2   HG22   sing N N 303 
ILE CG2   HG23   sing N N 304 
ILE CD1   HD11   sing N N 305 
ILE CD1   HD12   sing N N 306 
ILE CD1   HD13   sing N N 307 
ILE OXT   HXT    sing N N 308 
LEU N     CA     sing N N 309 
LEU N     H      sing N N 310 
LEU N     H2     sing N N 311 
LEU CA    C      sing N N 312 
LEU CA    CB     sing N N 313 
LEU CA    HA     sing N N 314 
LEU C     O      doub N N 315 
LEU C     OXT    sing N N 316 
LEU CB    CG     sing N N 317 
LEU CB    HB2    sing N N 318 
LEU CB    HB3    sing N N 319 
LEU CG    CD1    sing N N 320 
LEU CG    CD2    sing N N 321 
LEU CG    HG     sing N N 322 
LEU CD1   HD11   sing N N 323 
LEU CD1   HD12   sing N N 324 
LEU CD1   HD13   sing N N 325 
LEU CD2   HD21   sing N N 326 
LEU CD2   HD22   sing N N 327 
LEU CD2   HD23   sing N N 328 
LEU OXT   HXT    sing N N 329 
LYS N     CA     sing N N 330 
LYS N     H      sing N N 331 
LYS N     H2     sing N N 332 
LYS CA    C      sing N N 333 
LYS CA    CB     sing N N 334 
LYS CA    HA     sing N N 335 
LYS C     O      doub N N 336 
LYS C     OXT    sing N N 337 
LYS CB    CG     sing N N 338 
LYS CB    HB2    sing N N 339 
LYS CB    HB3    sing N N 340 
LYS CG    CD     sing N N 341 
LYS CG    HG2    sing N N 342 
LYS CG    HG3    sing N N 343 
LYS CD    CE     sing N N 344 
LYS CD    HD2    sing N N 345 
LYS CD    HD3    sing N N 346 
LYS CE    NZ     sing N N 347 
LYS CE    HE2    sing N N 348 
LYS CE    HE3    sing N N 349 
LYS NZ    HZ1    sing N N 350 
LYS NZ    HZ2    sing N N 351 
LYS NZ    HZ3    sing N N 352 
LYS OXT   HXT    sing N N 353 
MET N     CA     sing N N 354 
MET N     H      sing N N 355 
MET N     H2     sing N N 356 
MET CA    C      sing N N 357 
MET CA    CB     sing N N 358 
MET CA    HA     sing N N 359 
MET C     O      doub N N 360 
MET C     OXT    sing N N 361 
MET CB    CG     sing N N 362 
MET CB    HB2    sing N N 363 
MET CB    HB3    sing N N 364 
MET CG    SD     sing N N 365 
MET CG    HG2    sing N N 366 
MET CG    HG3    sing N N 367 
MET SD    CE     sing N N 368 
MET CE    HE1    sing N N 369 
MET CE    HE2    sing N N 370 
MET CE    HE3    sing N N 371 
MET OXT   HXT    sing N N 372 
PHE N     CA     sing N N 373 
PHE N     H      sing N N 374 
PHE N     H2     sing N N 375 
PHE CA    C      sing N N 376 
PHE CA    CB     sing N N 377 
PHE CA    HA     sing N N 378 
PHE C     O      doub N N 379 
PHE C     OXT    sing N N 380 
PHE CB    CG     sing N N 381 
PHE CB    HB2    sing N N 382 
PHE CB    HB3    sing N N 383 
PHE CG    CD1    doub Y N 384 
PHE CG    CD2    sing Y N 385 
PHE CD1   CE1    sing Y N 386 
PHE CD1   HD1    sing N N 387 
PHE CD2   CE2    doub Y N 388 
PHE CD2   HD2    sing N N 389 
PHE CE1   CZ     doub Y N 390 
PHE CE1   HE1    sing N N 391 
PHE CE2   CZ     sing Y N 392 
PHE CE2   HE2    sing N N 393 
PHE CZ    HZ     sing N N 394 
PHE OXT   HXT    sing N N 395 
PRO N     CA     sing N N 396 
PRO N     CD     sing N N 397 
PRO N     H      sing N N 398 
PRO CA    C      sing N N 399 
PRO CA    CB     sing N N 400 
PRO CA    HA     sing N N 401 
PRO C     O      doub N N 402 
PRO C     OXT    sing N N 403 
PRO CB    CG     sing N N 404 
PRO CB    HB2    sing N N 405 
PRO CB    HB3    sing N N 406 
PRO CG    CD     sing N N 407 
PRO CG    HG2    sing N N 408 
PRO CG    HG3    sing N N 409 
PRO CD    HD2    sing N N 410 
PRO CD    HD3    sing N N 411 
PRO OXT   HXT    sing N N 412 
SER N     CA     sing N N 413 
SER N     H      sing N N 414 
SER N     H2     sing N N 415 
SER CA    C      sing N N 416 
SER CA    CB     sing N N 417 
SER CA    HA     sing N N 418 
SER C     O      doub N N 419 
SER C     OXT    sing N N 420 
SER CB    OG     sing N N 421 
SER CB    HB2    sing N N 422 
SER CB    HB3    sing N N 423 
SER OG    HG     sing N N 424 
SER OXT   HXT    sing N N 425 
THR N     CA     sing N N 426 
THR N     H      sing N N 427 
THR N     H2     sing N N 428 
THR CA    C      sing N N 429 
THR CA    CB     sing N N 430 
THR CA    HA     sing N N 431 
THR C     O      doub N N 432 
THR C     OXT    sing N N 433 
THR CB    OG1    sing N N 434 
THR CB    CG2    sing N N 435 
THR CB    HB     sing N N 436 
THR OG1   HG1    sing N N 437 
THR CG2   HG21   sing N N 438 
THR CG2   HG22   sing N N 439 
THR CG2   HG23   sing N N 440 
THR OXT   HXT    sing N N 441 
TYR N     CA     sing N N 442 
TYR N     H      sing N N 443 
TYR N     H2     sing N N 444 
TYR CA    C      sing N N 445 
TYR CA    CB     sing N N 446 
TYR CA    HA     sing N N 447 
TYR C     O      doub N N 448 
TYR C     OXT    sing N N 449 
TYR CB    CG     sing N N 450 
TYR CB    HB2    sing N N 451 
TYR CB    HB3    sing N N 452 
TYR CG    CD1    doub Y N 453 
TYR CG    CD2    sing Y N 454 
TYR CD1   CE1    sing Y N 455 
TYR CD1   HD1    sing N N 456 
TYR CD2   CE2    doub Y N 457 
TYR CD2   HD2    sing N N 458 
TYR CE1   CZ     doub Y N 459 
TYR CE1   HE1    sing N N 460 
TYR CE2   CZ     sing Y N 461 
TYR CE2   HE2    sing N N 462 
TYR CZ    OH     sing N N 463 
TYR OH    HH     sing N N 464 
TYR OXT   HXT    sing N N 465 
VAL N     CA     sing N N 466 
VAL N     H      sing N N 467 
VAL N     H2     sing N N 468 
VAL CA    C      sing N N 469 
VAL CA    CB     sing N N 470 
VAL CA    HA     sing N N 471 
VAL C     O      doub N N 472 
VAL C     OXT    sing N N 473 
VAL CB    CG1    sing N N 474 
VAL CB    CG2    sing N N 475 
VAL CB    HB     sing N N 476 
VAL CG1   HG11   sing N N 477 
VAL CG1   HG12   sing N N 478 
VAL CG1   HG13   sing N N 479 
VAL CG2   HG21   sing N N 480 
VAL CG2   HG22   sing N N 481 
VAL CG2   HG23   sing N N 482 
VAL OXT   HXT    sing N N 483 
# 
loop_
_ndb_struct_conf_na.entry_id 
_ndb_struct_conf_na.feature 
1HLO 'double helix'        
1HLO 'b-form double helix' 
# 
loop_
_ndb_struct_na_base_pair.model_number 
_ndb_struct_na_base_pair.i_label_asym_id 
_ndb_struct_na_base_pair.i_label_comp_id 
_ndb_struct_na_base_pair.i_label_seq_id 
_ndb_struct_na_base_pair.i_symmetry 
_ndb_struct_na_base_pair.j_label_asym_id 
_ndb_struct_na_base_pair.j_label_comp_id 
_ndb_struct_na_base_pair.j_label_seq_id 
_ndb_struct_na_base_pair.j_symmetry 
_ndb_struct_na_base_pair.shear 
_ndb_struct_na_base_pair.stretch 
_ndb_struct_na_base_pair.stagger 
_ndb_struct_na_base_pair.buckle 
_ndb_struct_na_base_pair.propeller 
_ndb_struct_na_base_pair.opening 
_ndb_struct_na_base_pair.pair_number 
_ndb_struct_na_base_pair.pair_name 
_ndb_struct_na_base_pair.i_auth_asym_id 
_ndb_struct_na_base_pair.i_auth_seq_id 
_ndb_struct_na_base_pair.i_PDB_ins_code 
_ndb_struct_na_base_pair.j_auth_asym_id 
_ndb_struct_na_base_pair.j_auth_seq_id 
_ndb_struct_na_base_pair.j_PDB_ins_code 
_ndb_struct_na_base_pair.hbond_type_28 
_ndb_struct_na_base_pair.hbond_type_12 
1 A DC 1  1_555 B DG 11 1_555 -0.051 -0.413 -0.174 10.470 7.710   -0.121  1  C_DC102:DG126_D C 102 ? D 126 ? 19 1 
1 A DA 2  1_555 B DT 10 1_555 -0.134 -0.146 0.317  0.714  -13.327 -1.230  2  C_DA103:DT125_D C 103 ? D 125 ? 20 1 
1 A DC 3  1_555 B DG 9  1_555 0.313  -0.191 -0.058 1.033  -15.152 3.232   3  C_DC104:DG124_D C 104 ? D 124 ? 19 1 
1 A DC 4  1_555 B DG 8  1_555 -0.217 0.035  0.088  -8.345 -5.109  0.882   4  C_DC105:DG123_D C 105 ? D 123 ? 19 1 
1 A DA 5  1_555 B DT 7  1_555 -0.260 -0.338 0.110  4.823  -9.486  3.742   5  C_DA106:DT122_D C 106 ? D 122 ? 20 1 
1 A DC 6  1_555 B DG 6  1_555 -0.404 -0.348 0.206  0.865  -17.027 -2.512  6  C_DC107:DG121_D C 107 ? D 121 ? 19 1 
1 A DG 7  1_555 B DC 5  1_555 0.329  -0.161 0.401  -0.330 -15.266 -0.379  7  C_DG108:DC120_D C 108 ? D 120 ? 19 1 
1 A DT 8  1_555 B DA 4  1_555 0.023  -0.105 0.226  -5.877 -3.664  -2.876  8  C_DT109:DA119_D C 109 ? D 119 ? 20 1 
1 A DG 9  1_555 B DC 3  1_555 -0.086 -0.154 -0.087 9.345  -3.576  -2.288  9  C_DG110:DC118_D C 110 ? D 118 ? 19 1 
1 A DG 10 1_555 B DC 2  1_555 0.364  -0.346 0.159  0.590  -3.344  -1.682  10 C_DG111:DC117_D C 111 ? D 117 ? 19 1 
1 A DT 11 1_555 B DA 1  1_555 0.446  -0.240 -0.461 9.594  -3.630  -20.840 11 C_DT112:DA116_D C 112 ? D 116 ? 20 1 
# 
loop_
_ndb_struct_na_base_pair_step.model_number 
_ndb_struct_na_base_pair_step.i_label_asym_id_1 
_ndb_struct_na_base_pair_step.i_label_comp_id_1 
_ndb_struct_na_base_pair_step.i_label_seq_id_1 
_ndb_struct_na_base_pair_step.i_symmetry_1 
_ndb_struct_na_base_pair_step.j_label_asym_id_1 
_ndb_struct_na_base_pair_step.j_label_comp_id_1 
_ndb_struct_na_base_pair_step.j_label_seq_id_1 
_ndb_struct_na_base_pair_step.j_symmetry_1 
_ndb_struct_na_base_pair_step.i_label_asym_id_2 
_ndb_struct_na_base_pair_step.i_label_comp_id_2 
_ndb_struct_na_base_pair_step.i_label_seq_id_2 
_ndb_struct_na_base_pair_step.i_symmetry_2 
_ndb_struct_na_base_pair_step.j_label_asym_id_2 
_ndb_struct_na_base_pair_step.j_label_comp_id_2 
_ndb_struct_na_base_pair_step.j_label_seq_id_2 
_ndb_struct_na_base_pair_step.j_symmetry_2 
_ndb_struct_na_base_pair_step.shift 
_ndb_struct_na_base_pair_step.slide 
_ndb_struct_na_base_pair_step.rise 
_ndb_struct_na_base_pair_step.tilt 
_ndb_struct_na_base_pair_step.roll 
_ndb_struct_na_base_pair_step.twist 
_ndb_struct_na_base_pair_step.x_displacement 
_ndb_struct_na_base_pair_step.y_displacement 
_ndb_struct_na_base_pair_step.helical_rise 
_ndb_struct_na_base_pair_step.inclination 
_ndb_struct_na_base_pair_step.tip 
_ndb_struct_na_base_pair_step.helical_twist 
_ndb_struct_na_base_pair_step.step_number 
_ndb_struct_na_base_pair_step.step_name 
_ndb_struct_na_base_pair_step.i_auth_asym_id_1 
_ndb_struct_na_base_pair_step.i_auth_seq_id_1 
_ndb_struct_na_base_pair_step.i_PDB_ins_code_1 
_ndb_struct_na_base_pair_step.j_auth_asym_id_1 
_ndb_struct_na_base_pair_step.j_auth_seq_id_1 
_ndb_struct_na_base_pair_step.j_PDB_ins_code_1 
_ndb_struct_na_base_pair_step.i_auth_asym_id_2 
_ndb_struct_na_base_pair_step.i_auth_seq_id_2 
_ndb_struct_na_base_pair_step.i_PDB_ins_code_2 
_ndb_struct_na_base_pair_step.j_auth_asym_id_2 
_ndb_struct_na_base_pair_step.j_auth_seq_id_2 
_ndb_struct_na_base_pair_step.j_PDB_ins_code_2 
1 A DC 1  1_555 B DG 11 1_555 A DA 2  1_555 B DT 10 1_555 -0.094 -0.637 3.648 -3.437 -3.994 34.699 -0.382 -0.426 3.689 -6.649 
5.722  35.084 1  CC_DC102DA103:DT125DG126_DD C 102 ? D 126 ? C 103 ? D 125 ? 
1 A DA 2  1_555 B DT 10 1_555 A DC 3  1_555 B DG 9  1_555 0.621  -1.629 3.278 6.422  5.962  37.242 -3.223 -0.155 3.053 9.181  
-9.889 38.224 2  CC_DA103DC104:DG124DT125_DD C 103 ? D 125 ? C 104 ? D 124 ? 
1 A DC 3  1_555 B DG 9  1_555 A DC 4  1_555 B DG 8  1_555 -0.038 -0.889 3.622 3.953  11.624 24.144 -4.998 1.136  2.858 25.766 
-8.763 27.045 3  CC_DC104DC105:DG123DG124_DD C 104 ? D 124 ? C 105 ? D 123 ? 
1 A DC 4  1_555 B DG 8  1_555 A DA 5  1_555 B DT 7  1_555 -0.160 0.686  3.340 -0.047 6.347  32.550 0.090  0.273  3.409 11.191 
0.083  33.147 4  CC_DC105DA106:DT122DG123_DD C 105 ? D 123 ? C 106 ? D 122 ? 
1 A DA 5  1_555 B DT 7  1_555 A DC 6  1_555 B DG 6  1_555 -0.488 -0.664 3.394 -1.628 0.892  30.973 -1.419 0.587  3.395 1.668  
3.044  31.027 5  CC_DA106DC107:DG121DT122_DD C 106 ? D 122 ? C 107 ? D 121 ? 
1 A DC 6  1_555 B DG 6  1_555 A DG 7  1_555 B DC 5  1_555 0.216  0.780  3.704 -0.401 7.089  39.571 0.206  -0.367 3.781 10.370 
0.586  40.178 6  CC_DC107DG108:DC120DG121_DD C 107 ? D 121 ? C 108 ? D 120 ? 
1 A DG 7  1_555 B DC 5  1_555 A DT 8  1_555 B DA 4  1_555 0.360  -0.588 3.496 3.254  2.814  29.984 -1.731 0.013  3.446 5.404  
-6.248 30.284 7  CC_DG108DT109:DA119DC120_DD C 108 ? D 120 ? C 109 ? D 119 ? 
1 A DT 8  1_555 B DA 4  1_555 A DG 9  1_555 B DC 3  1_555 0.357  0.233  3.124 1.115  1.945  34.519 0.104  -0.435 3.142 3.274  
-1.877 34.589 8  CC_DT109DG110:DC118DA119_DD C 109 ? D 119 ? C 110 ? D 118 ? 
1 A DG 9  1_555 B DC 3  1_555 A DG 10 1_555 B DC 2  1_555 0.102  -0.775 3.552 -1.909 1.014  34.118 -1.492 -0.499 3.517 1.726  
3.249  34.184 9  CC_DG110DG111:DC117DC118_DD C 110 ? D 118 ? C 111 ? D 117 ? 
1 A DG 10 1_555 B DC 2  1_555 A DT 11 1_555 B DA 1  1_555 -1.046 -1.677 3.344 3.420  3.065  24.218 -4.838 3.466  2.939 7.223  
-8.059 24.643 10 CC_DG111DT112:DA116DC117_DD C 111 ? D 117 ? C 112 ? D 116 ? 
# 
_atom_sites.entry_id                    1HLO 
_atom_sites.fract_transf_matrix[1][1]   0.00670206 
_atom_sites.fract_transf_matrix[1][2]   -0.00647557 
_atom_sites.fract_transf_matrix[1][3]   -0.00523904 
_atom_sites.fract_transf_matrix[2][1]   -0.00292150 
_atom_sites.fract_transf_matrix[2][2]   -0.00428418 
_atom_sites.fract_transf_matrix[2][3]   -0.00934923 
_atom_sites.fract_transf_matrix[3][1]   0.00303040 
_atom_sites.fract_transf_matrix[3][2]   0.00620172 
_atom_sites.fract_transf_matrix[3][3]   -0.00378883 
_atom_sites.fract_transf_vector[1]      0.490547 
_atom_sites.fract_transf_vector[2]      0.328027 
_atom_sites.fract_transf_vector[3]      0.361333 
# 
loop_
_atom_type.symbol 
C 
N 
O 
P 
S 
# 
loop_
_atom_site.group_PDB 
_atom_site.id 
_atom_site.type_symbol 
_atom_site.label_atom_id 
_atom_site.label_alt_id 
_atom_site.label_comp_id 
_atom_site.label_asym_id 
_atom_site.label_entity_id 
_atom_site.label_seq_id 
_atom_site.pdbx_PDB_ins_code 
_atom_site.Cartn_x 
_atom_site.Cartn_y 
_atom_site.Cartn_z 
_atom_site.occupancy 
_atom_site.B_iso_or_equiv 
_atom_site.pdbx_formal_charge 
_atom_site.auth_seq_id 
_atom_site.auth_comp_id 
_atom_site.auth_asym_id 
_atom_site.auth_atom_id 
_atom_site.pdbx_PDB_model_num 
ATOM   1    O "O5'" . DC  A 1 1  ? -23.693 -13.177 -7.379  1.00 2.00   ? 102 DC  C "O5'" 1 
ATOM   2    C "C5'" . DC  A 1 1  ? -23.550 -12.255 -6.193  1.00 12.96  ? 102 DC  C "C5'" 1 
ATOM   3    C "C4'" . DC  A 1 1  ? -22.745 -11.003 -5.808  1.00 2.69   ? 102 DC  C "C4'" 1 
ATOM   4    O "O4'" . DC  A 1 1  ? -23.229 -10.503 -4.530  1.00 3.61   ? 102 DC  C "O4'" 1 
ATOM   5    C "C3'" . DC  A 1 1  ? -21.228 -11.131 -5.546  1.00 16.40  ? 102 DC  C "C3'" 1 
ATOM   6    O "O3'" . DC  A 1 1  ? -20.608 -9.823  -5.542  1.00 18.17  ? 102 DC  C "O3'" 1 
ATOM   7    C "C2'" . DC  A 1 1  ? -21.169 -11.554 -4.093  1.00 4.37   ? 102 DC  C "C2'" 1 
ATOM   8    C "C1'" . DC  A 1 1  ? -22.245 -10.687 -3.490  1.00 2.01   ? 102 DC  C "C1'" 1 
ATOM   9    N N1    . DC  A 1 1  ? -22.882 -11.393 -2.370  1.00 4.04   ? 102 DC  C N1    1 
ATOM   10   C C2    . DC  A 1 1  ? -23.047 -10.746 -1.128  1.00 12.40  ? 102 DC  C C2    1 
ATOM   11   O O2    . DC  A 1 1  ? -22.680 -9.585  -1.009  1.00 2.00   ? 102 DC  C O2    1 
ATOM   12   N N3    . DC  A 1 1  ? -23.605 -11.436 -0.074  1.00 5.46   ? 102 DC  C N3    1 
ATOM   13   C C4    . DC  A 1 1  ? -23.963 -12.711 -0.233  1.00 2.00   ? 102 DC  C C4    1 
ATOM   14   N N4    . DC  A 1 1  ? -24.425 -13.362 0.822   1.00 4.12   ? 102 DC  C N4    1 
ATOM   15   C C5    . DC  A 1 1  ? -23.840 -13.382 -1.486  1.00 2.00   ? 102 DC  C C5    1 
ATOM   16   C C6    . DC  A 1 1  ? -23.302 -12.692 -2.523  1.00 6.91   ? 102 DC  C C6    1 
ATOM   17   P P     . DA  A 1 2  ? -19.139 -9.599  -6.180  1.00 6.28   ? 103 DA  C P     1 
ATOM   18   O OP1   . DA  A 1 2  ? -19.371 -8.776  -7.382  1.00 20.69  ? 103 DA  C OP1   1 
ATOM   19   O OP2   . DA  A 1 2  ? -18.298 -10.798 -6.271  1.00 10.40  ? 103 DA  C OP2   1 
ATOM   20   O "O5'" . DA  A 1 2  ? -18.444 -8.637  -5.152  1.00 2.00   ? 103 DA  C "O5'" 1 
ATOM   21   C "C5'" . DA  A 1 2  ? -17.857 -9.126  -3.990  1.00 2.01   ? 103 DA  C "C5'" 1 
ATOM   22   C "C4'" . DA  A 1 2  ? -17.942 -8.038  -2.961  1.00 2.00   ? 103 DA  C "C4'" 1 
ATOM   23   O "O4'" . DA  A 1 2  ? -19.291 -8.075  -2.453  1.00 2.01   ? 103 DA  C "O4'" 1 
ATOM   24   C "C3'" . DA  A 1 2  ? -17.029 -8.179  -1.759  1.00 6.78   ? 103 DA  C "C3'" 1 
ATOM   25   O "O3'" . DA  A 1 2  ? -15.947 -7.293  -1.852  1.00 9.51   ? 103 DA  C "O3'" 1 
ATOM   26   C "C2'" . DA  A 1 2  ? -17.896 -7.821  -0.569  1.00 3.51   ? 103 DA  C "C2'" 1 
ATOM   27   C "C1'" . DA  A 1 2  ? -19.308 -8.081  -1.053  1.00 2.36   ? 103 DA  C "C1'" 1 
ATOM   28   N N9    . DA  A 1 2  ? -19.580 -9.450  -0.648  1.00 13.37  ? 103 DA  C N9    1 
ATOM   29   C C8    . DA  A 1 2  ? -19.593 -10.596 -1.403  1.00 3.23   ? 103 DA  C C8    1 
ATOM   30   N N7    . DA  A 1 2  ? -19.801 -11.681 -0.697  1.00 17.30  ? 103 DA  C N7    1 
ATOM   31   C C5    . DA  A 1 2  ? -19.951 -11.210 0.607   1.00 17.60  ? 103 DA  C C5    1 
ATOM   32   C C6    . DA  A 1 2  ? -20.225 -11.854 1.833   1.00 16.77  ? 103 DA  C C6    1 
ATOM   33   N N6    . DA  A 1 2  ? -20.429 -13.157 1.949   1.00 23.04  ? 103 DA  C N6    1 
ATOM   34   N N1    . DA  A 1 2  ? -20.299 -11.093 2.945   1.00 12.24  ? 103 DA  C N1    1 
ATOM   35   C C2    . DA  A 1 2  ? -20.132 -9.771  2.821   1.00 23.46  ? 103 DA  C C2    1 
ATOM   36   N N3    . DA  A 1 2  ? -19.898 -9.048  1.728   1.00 24.38  ? 103 DA  C N3    1 
ATOM   37   C C4    . DA  A 1 2  ? -19.819 -9.840  0.645   1.00 15.06  ? 103 DA  C C4    1 
ATOM   38   P P     . DC  A 1 3  ? -14.519 -7.814  -1.415  1.00 2.02   ? 104 DC  C P     1 
ATOM   39   O OP1   . DC  A 1 3  ? -13.543 -6.733  -1.644  1.00 18.27  ? 104 DC  C OP1   1 
ATOM   40   O OP2   . DC  A 1 3  ? -14.351 -9.150  -2.080  1.00 2.00   ? 104 DC  C OP2   1 
ATOM   41   O "O5'" . DC  A 1 3  ? -14.758 -7.917  0.150   1.00 3.86   ? 104 DC  C "O5'" 1 
ATOM   42   C "C5'" . DC  A 1 3  ? -15.414 -6.837  0.803   1.00 5.28   ? 104 DC  C "C5'" 1 
ATOM   43   C "C4'" . DC  A 1 3  ? -15.326 -6.995  2.294   1.00 6.47   ? 104 DC  C "C4'" 1 
ATOM   44   O "O4'" . DC  A 1 3  ? -16.401 -7.885  2.673   1.00 13.07  ? 104 DC  C "O4'" 1 
ATOM   45   C "C3'" . DC  A 1 3  ? -14.023 -7.666  2.703   1.00 8.28   ? 104 DC  C "C3'" 1 
ATOM   46   O "O3'" . DC  A 1 3  ? -13.216 -6.892  3.543   1.00 8.20   ? 104 DC  C "O3'" 1 
ATOM   47   C "C2'" . DC  A 1 3  ? -14.441 -8.909  3.451   1.00 24.89  ? 104 DC  C "C2'" 1 
ATOM   48   C "C1'" . DC  A 1 3  ? -15.954 -8.876  3.565   1.00 6.02   ? 104 DC  C "C1'" 1 
ATOM   49   N N1    . DC  A 1 3  ? -16.397 -10.168 3.045   1.00 2.00   ? 104 DC  C N1    1 
ATOM   50   C C2    . DC  A 1 3  ? -16.956 -11.080 3.909   1.00 8.07   ? 104 DC  C C2    1 
ATOM   51   O O2    . DC  A 1 3  ? -17.223 -10.722 5.069   1.00 18.84  ? 104 DC  C O2    1 
ATOM   52   N N3    . DC  A 1 3  ? -17.208 -12.330 3.466   1.00 11.82  ? 104 DC  C N3    1 
ATOM   53   C C4    . DC  A 1 3  ? -16.953 -12.650 2.200   1.00 5.19   ? 104 DC  C C4    1 
ATOM   54   N N4    . DC  A 1 3  ? -17.201 -13.893 1.806   1.00 16.65  ? 104 DC  C N4    1 
ATOM   55   C C5    . DC  A 1 3  ? -16.434 -11.711 1.284   1.00 5.08   ? 104 DC  C C5    1 
ATOM   56   C C6    . DC  A 1 3  ? -16.190 -10.487 1.741   1.00 2.00   ? 104 DC  C C6    1 
ATOM   57   P P     . DC  A 1 4  ? -11.660 -7.234  3.620   1.00 2.03   ? 105 DC  C P     1 
ATOM   58   O OP1   . DC  A 1 4  ? -10.936 -6.015  4.096   1.00 14.69  ? 105 DC  C OP1   1 
ATOM   59   O OP2   . DC  A 1 4  ? -11.262 -7.877  2.382   1.00 2.00   ? 105 DC  C OP2   1 
ATOM   60   O "O5'" . DC  A 1 4  ? -11.623 -8.312  4.768   1.00 2.00   ? 105 DC  C "O5'" 1 
ATOM   61   C "C5'" . DC  A 1 4  ? -12.096 -7.947  6.043   1.00 11.45  ? 105 DC  C "C5'" 1 
ATOM   62   C "C4'" . DC  A 1 4  ? -12.070 -9.130  6.970   1.00 6.43   ? 105 DC  C "C4'" 1 
ATOM   63   O "O4'" . DC  A 1 4  ? -13.021 -10.092 6.500   1.00 2.01   ? 105 DC  C "O4'" 1 
ATOM   64   C "C3'" . DC  A 1 4  ? -10.730 -9.841  6.979   1.00 16.06  ? 105 DC  C "C3'" 1 
ATOM   65   O "O3'" . DC  A 1 4  ? -10.168 -9.842  8.257   1.00 23.05  ? 105 DC  C "O3'" 1 
ATOM   66   C "C2'" . DC  A 1 4  ? -11.042 -11.261 6.564   1.00 15.56  ? 105 DC  C "C2'" 1 
ATOM   67   C "C1'" . DC  A 1 4  ? -12.535 -11.370 6.727   1.00 2.00   ? 105 DC  C "C1'" 1 
ATOM   68   N N1    . DC  A 1 4  ? -13.080 -12.234 5.696   1.00 2.00   ? 105 DC  C N1    1 
ATOM   69   C C2    . DC  A 1 4  ? -13.652 -13.392 6.077   1.00 2.00   ? 105 DC  C C2    1 
ATOM   70   O O2    . DC  A 1 4  ? -13.793 -13.609 7.281   1.00 8.48   ? 105 DC  C O2    1 
ATOM   71   N N3    . DC  A 1 4  ? -14.043 -14.265 5.158   1.00 2.01   ? 105 DC  C N3    1 
ATOM   72   C C4    . DC  A 1 4  ? -13.877 -13.992 3.884   1.00 2.01   ? 105 DC  C C4    1 
ATOM   73   N N4    . DC  A 1 4  ? -14.213 -14.912 3.017   1.00 2.00   ? 105 DC  C N4    1 
ATOM   74   C C5    . DC  A 1 4  ? -13.347 -12.766 3.448   1.00 6.34   ? 105 DC  C C5    1 
ATOM   75   C C6    . DC  A 1 4  ? -12.970 -11.912 4.385   1.00 2.11   ? 105 DC  C C6    1 
ATOM   76   P P     . DA  A 1 5  ? -8.605  -10.044 8.399   1.00 28.94  ? 106 DA  C P     1 
ATOM   77   O OP1   . DA  A 1 5  ? -8.071  -8.903  9.179   1.00 33.00  ? 106 DA  C OP1   1 
ATOM   78   O OP2   . DA  A 1 5  ? -8.028  -10.355 7.089   1.00 23.94  ? 106 DA  C OP2   1 
ATOM   79   O "O5'" . DA  A 1 5  ? -8.587  -11.371 9.252   1.00 28.62  ? 106 DA  C "O5'" 1 
ATOM   80   C "C5'" . DA  A 1 5  ? -9.386  -11.443 10.423  1.00 11.63  ? 106 DA  C "C5'" 1 
ATOM   81   C "C4'" . DA  A 1 5  ? -9.402  -12.853 10.927  1.00 5.95   ? 106 DA  C "C4'" 1 
ATOM   82   O "O4'" . DA  A 1 5  ? -10.169 -13.635 9.990   1.00 6.01   ? 106 DA  C "O4'" 1 
ATOM   83   C "C3'" . DA  A 1 5  ? -8.008  -13.469 10.989  1.00 8.35   ? 106 DA  C "C3'" 1 
ATOM   84   O "O3'" . DA  A 1 5  ? -7.849  -14.059 12.291  1.00 16.54  ? 106 DA  C "O3'" 1 
ATOM   85   C "C2'" . DA  A 1 5  ? -7.982  -14.424 9.797   1.00 2.00   ? 106 DA  C "C2'" 1 
ATOM   86   C "C1'" . DA  A 1 5  ? -9.433  -14.727 9.503   1.00 2.00   ? 106 DA  C "C1'" 1 
ATOM   87   N N9    . DA  A 1 5  ? -9.752  -14.857 8.087   1.00 9.20   ? 106 DA  C N9    1 
ATOM   88   C C8    . DA  A 1 5  ? -9.365  -14.024 7.067   1.00 22.23  ? 106 DA  C C8    1 
ATOM   89   N N7    . DA  A 1 5  ? -9.755  -14.427 5.871   1.00 18.38  ? 106 DA  C N7    1 
ATOM   90   C C5    . DA  A 1 5  ? -10.454 -15.593 6.132   1.00 7.68   ? 106 DA  C C5    1 
ATOM   91   C C6    . DA  A 1 5  ? -11.086 -16.519 5.290   1.00 7.59   ? 106 DA  C C6    1 
ATOM   92   N N6    . DA  A 1 5  ? -11.106 -16.431 3.960   1.00 10.22  ? 106 DA  C N6    1 
ATOM   93   N N1    . DA  A 1 5  ? -11.697 -17.564 5.870   1.00 10.28  ? 106 DA  C N1    1 
ATOM   94   C C2    . DA  A 1 5  ? -11.668 -17.666 7.200   1.00 3.80   ? 106 DA  C C2    1 
ATOM   95   N N3    . DA  A 1 5  ? -11.097 -16.875 8.093   1.00 4.43   ? 106 DA  C N3    1 
ATOM   96   C C4    . DA  A 1 5  ? -10.489 -15.851 7.492   1.00 7.64   ? 106 DA  C C4    1 
ATOM   97   P P     . DC  A 1 6  ? -6.453  -14.710 12.754  1.00 20.70  ? 107 DC  C P     1 
ATOM   98   O OP1   . DC  A 1 6  ? -6.370  -14.428 14.203  1.00 30.47  ? 107 DC  C OP1   1 
ATOM   99   O OP2   . DC  A 1 6  ? -5.304  -14.389 11.882  1.00 23.93  ? 107 DC  C OP2   1 
ATOM   100  O "O5'" . DC  A 1 6  ? -6.773  -16.245 12.565  1.00 25.71  ? 107 DC  C "O5'" 1 
ATOM   101  C "C5'" . DC  A 1 6  ? -8.091  -16.718 12.859  1.00 9.69   ? 107 DC  C "C5'" 1 
ATOM   102  C "C4'" . DC  A 1 6  ? -8.266  -18.122 12.346  1.00 7.90   ? 107 DC  C "C4'" 1 
ATOM   103  O "O4'" . DC  A 1 6  ? -8.749  -18.084 10.986  1.00 15.86  ? 107 DC  C "O4'" 1 
ATOM   104  C "C3'" . DC  A 1 6  ? -6.981  -18.939 12.328  1.00 4.60   ? 107 DC  C "C3'" 1 
ATOM   105  O "O3'" . DC  A 1 6  ? -7.061  -20.024 13.239  1.00 17.97  ? 107 DC  C "O3'" 1 
ATOM   106  C "C2'" . DC  A 1 6  ? -6.854  -19.423 10.887  1.00 8.44   ? 107 DC  C "C2'" 1 
ATOM   107  C "C1'" . DC  A 1 6  ? -8.198  -19.156 10.249  1.00 5.76   ? 107 DC  C "C1'" 1 
ATOM   108  N N1    . DC  A 1 6  ? -8.098  -18.728 8.842   1.00 4.26   ? 107 DC  C N1    1 
ATOM   109  C C2    . DC  A 1 6  ? -8.702  -19.499 7.861   1.00 9.32   ? 107 DC  C C2    1 
ATOM   110  O O2    . DC  A 1 6  ? -9.366  -20.468 8.191   1.00 14.73  ? 107 DC  C O2    1 
ATOM   111  N N3    . DC  A 1 6  ? -8.553  -19.172 6.570   1.00 15.64  ? 107 DC  C N3    1 
ATOM   112  C C4    . DC  A 1 6  ? -7.844  -18.102 6.243   1.00 10.11  ? 107 DC  C C4    1 
ATOM   113  N N4    . DC  A 1 6  ? -7.700  -17.843 4.945   1.00 5.17   ? 107 DC  C N4    1 
ATOM   114  C C5    . DC  A 1 6  ? -7.252  -17.262 7.223   1.00 2.00   ? 107 DC  C C5    1 
ATOM   115  C C6    . DC  A 1 6  ? -7.401  -17.609 8.499   1.00 3.49   ? 107 DC  C C6    1 
ATOM   116  P P     . DG  A 1 7  ? -5.714  -20.706 13.795  1.00 29.00  ? 108 DG  C P     1 
ATOM   117  O OP1   . DG  A 1 7  ? -5.953  -20.964 15.248  1.00 17.63  ? 108 DG  C OP1   1 
ATOM   118  O OP2   . DG  A 1 7  ? -4.474  -19.945 13.361  1.00 30.38  ? 108 DG  C OP2   1 
ATOM   119  O "O5'" . DG  A 1 7  ? -5.722  -22.095 13.016  1.00 15.70  ? 108 DG  C "O5'" 1 
ATOM   120  C "C5'" . DG  A 1 7  ? -6.913  -22.858 12.957  1.00 6.97   ? 108 DG  C "C5'" 1 
ATOM   121  C "C4'" . DG  A 1 7  ? -6.832  -23.895 11.862  1.00 15.38  ? 108 DG  C "C4'" 1 
ATOM   122  O "O4'" . DG  A 1 7  ? -6.939  -23.277 10.554  1.00 15.30  ? 108 DG  C "O4'" 1 
ATOM   123  C "C3'" . DG  A 1 7  ? -5.569  -24.760 11.847  1.00 12.88  ? 108 DG  C "C3'" 1 
ATOM   124  O "O3'" . DG  A 1 7  ? -5.950  -26.132 11.607  1.00 24.63  ? 108 DG  C "O3'" 1 
ATOM   125  C "C2'" . DG  A 1 7  ? -4.782  -24.173 10.692  1.00 16.54  ? 108 DG  C "C2'" 1 
ATOM   126  C "C1'" . DG  A 1 7  ? -5.850  -23.662 9.738   1.00 5.85   ? 108 DG  C "C1'" 1 
ATOM   127  N N9    . DG  A 1 7  ? -5.425  -22.486 8.973   1.00 13.42  ? 108 DG  C N9    1 
ATOM   128  C C8    . DG  A 1 7  ? -4.769  -21.386 9.460   1.00 6.92   ? 108 DG  C C8    1 
ATOM   129  N N7    . DG  A 1 7  ? -4.491  -20.514 8.528   1.00 21.46  ? 108 DG  C N7    1 
ATOM   130  C C5    . DG  A 1 7  ? -5.008  -21.062 7.360   1.00 9.63   ? 108 DG  C C5    1 
ATOM   131  C C6    . DG  A 1 7  ? -5.021  -20.556 6.020   1.00 15.95  ? 108 DG  C C6    1 
ATOM   132  O O6    . DG  A 1 7  ? -4.611  -19.457 5.597   1.00 23.78  ? 108 DG  C O6    1 
ATOM   133  N N1    . DG  A 1 7  ? -5.601  -21.461 5.138   1.00 5.47   ? 108 DG  C N1    1 
ATOM   134  C C2    . DG  A 1 7  ? -6.151  -22.667 5.508   1.00 2.30   ? 108 DG  C C2    1 
ATOM   135  N N2    . DG  A 1 7  ? -6.679  -23.426 4.537   1.00 7.76   ? 108 DG  C N2    1 
ATOM   136  N N3    . DG  A 1 7  ? -6.186  -23.112 6.740   1.00 8.28   ? 108 DG  C N3    1 
ATOM   137  C C4    . DG  A 1 7  ? -5.587  -22.274 7.609   1.00 7.97   ? 108 DG  C C4    1 
ATOM   138  P P     . DT  A 1 8  ? -4.885  -27.335 11.770  1.00 19.90  ? 109 DT  C P     1 
ATOM   139  O OP1   . DT  A 1 8  ? -5.545  -28.440 12.505  1.00 39.98  ? 109 DT  C OP1   1 
ATOM   140  O OP2   . DT  A 1 8  ? -3.634  -26.771 12.283  1.00 22.38  ? 109 DT  C OP2   1 
ATOM   141  O "O5'" . DT  A 1 8  ? -4.721  -27.828 10.274  1.00 10.74  ? 109 DT  C "O5'" 1 
ATOM   142  C "C5'" . DT  A 1 8  ? -4.973  -26.901 9.259   1.00 15.18  ? 109 DT  C "C5'" 1 
ATOM   143  C "C4'" . DT  A 1 8  ? -4.701  -27.500 7.917   1.00 12.94  ? 109 DT  C "C4'" 1 
ATOM   144  O "O4'" . DT  A 1 8  ? -4.500  -26.333 7.093   1.00 30.70  ? 109 DT  C "O4'" 1 
ATOM   145  C "C3'" . DT  A 1 8  ? -3.415  -28.303 7.813   1.00 21.41  ? 109 DT  C "C3'" 1 
ATOM   146  O "O3'" . DT  A 1 8  ? -3.616  -29.296 6.789   1.00 33.64  ? 109 DT  C "O3'" 1 
ATOM   147  C "C2'" . DT  A 1 8  ? -2.389  -27.244 7.437   1.00 22.00  ? 109 DT  C "C2'" 1 
ATOM   148  C "C1'" . DT  A 1 8  ? -3.192  -26.292 6.577   1.00 19.45  ? 109 DT  C "C1'" 1 
ATOM   149  N N1    . DT  A 1 8  ? -2.762  -24.875 6.561   1.00 20.41  ? 109 DT  C N1    1 
ATOM   150  C C2    . DT  A 1 8  ? -2.780  -24.214 5.351   1.00 19.23  ? 109 DT  C C2    1 
ATOM   151  O O2    . DT  A 1 8  ? -3.155  -24.733 4.331   1.00 27.68  ? 109 DT  C O2    1 
ATOM   152  N N3    . DT  A 1 8  ? -2.336  -22.929 5.384   1.00 13.87  ? 109 DT  C N3    1 
ATOM   153  C C4    . DT  A 1 8  ? -1.875  -22.245 6.482   1.00 20.59  ? 109 DT  C C4    1 
ATOM   154  O O4    . DT  A 1 8  ? -1.425  -21.109 6.349   1.00 21.30  ? 109 DT  C O4    1 
ATOM   155  C C5    . DT  A 1 8  ? -1.931  -22.969 7.733   1.00 12.02  ? 109 DT  C C5    1 
ATOM   156  C C7    . DT  A 1 8  ? -1.536  -22.268 8.993   1.00 2.01   ? 109 DT  C C7    1 
ATOM   157  C C6    . DT  A 1 8  ? -2.353  -24.240 7.707   1.00 15.23  ? 109 DT  C C6    1 
ATOM   158  P P     . DG  A 1 9  ? -2.556  -30.506 6.579   1.00 42.71  ? 110 DG  C P     1 
ATOM   159  O OP1   . DG  A 1 9  ? -3.328  -31.769 6.505   1.00 46.50  ? 110 DG  C OP1   1 
ATOM   160  O OP2   . DG  A 1 9  ? -1.400  -30.404 7.508   1.00 39.75  ? 110 DG  C OP2   1 
ATOM   161  O "O5'" . DG  A 1 9  ? -1.984  -30.254 5.119   1.00 37.12  ? 110 DG  C "O5'" 1 
ATOM   162  C "C5'" . DG  A 1 9  ? -2.863  -29.869 4.059   1.00 43.72  ? 110 DG  C "C5'" 1 
ATOM   163  C "C4'" . DG  A 1 9  ? -2.061  -29.397 2.874   1.00 32.78  ? 110 DG  C "C4'" 1 
ATOM   164  O "O4'" . DG  A 1 9  ? -1.694  -28.005 2.984   1.00 39.66  ? 110 DG  C "O4'" 1 
ATOM   165  C "C3'" . DG  A 1 9  ? -0.763  -30.151 2.696   1.00 32.98  ? 110 DG  C "C3'" 1 
ATOM   166  O "O3'" . DG  A 1 9  ? -0.595  -30.273 1.304   1.00 49.69  ? 110 DG  C "O3'" 1 
ATOM   167  C "C2'" . DG  A 1 9  ? 0.267   -29.216 3.309   1.00 27.90  ? 110 DG  C "C2'" 1 
ATOM   168  C "C1'" . DG  A 1 9  ? -0.288  -27.862 2.908   1.00 29.30  ? 110 DG  C "C1'" 1 
ATOM   169  N N9    . DG  A 1 9  ? 0.091   -26.708 3.726   1.00 22.21  ? 110 DG  C N9    1 
ATOM   170  C C8    . DG  A 1 9  ? 0.414   -26.703 5.053   1.00 20.61  ? 110 DG  C C8    1 
ATOM   171  N N7    . DG  A 1 9  ? 0.708   -25.518 5.505   1.00 17.46  ? 110 DG  C N7    1 
ATOM   172  C C5    . DG  A 1 9  ? 0.577   -24.685 4.406   1.00 14.24  ? 110 DG  C C5    1 
ATOM   173  C C6    . DG  A 1 9  ? 0.791   -23.262 4.273   1.00 16.88  ? 110 DG  C C6    1 
ATOM   174  O O6    . DG  A 1 9  ? 1.123   -22.421 5.137   1.00 8.13   ? 110 DG  C O6    1 
ATOM   175  N N1    . DG  A 1 9  ? 0.566   -22.842 2.978   1.00 12.73  ? 110 DG  C N1    1 
ATOM   176  C C2    . DG  A 1 9  ? 0.168   -23.649 1.949   1.00 18.09  ? 110 DG  C C2    1 
ATOM   177  N N2    . DG  A 1 9  ? -0.032  -23.026 0.777   1.00 13.90  ? 110 DG  C N2    1 
ATOM   178  N N3    . DG  A 1 9  ? -0.034  -24.959 2.054   1.00 19.50  ? 110 DG  C N3    1 
ATOM   179  C C4    . DG  A 1 9  ? 0.192   -25.404 3.302   1.00 13.27  ? 110 DG  C C4    1 
ATOM   180  P P     . DG  A 1 10 ? 0.654   -31.068 0.733   1.00 68.92  ? 111 DG  C P     1 
ATOM   181  O OP1   . DG  A 1 10 ? 0.074   -32.112 -0.152  1.00 73.12  ? 111 DG  C OP1   1 
ATOM   182  O OP2   . DG  A 1 10 ? 1.540   -31.457 1.870   1.00 61.31  ? 111 DG  C OP2   1 
ATOM   183  O "O5'" . DG  A 1 10 ? 1.383   -29.974 -0.168  1.00 76.88  ? 111 DG  C "O5'" 1 
ATOM   184  C "C5'" . DG  A 1 10 ? 0.617   -29.132 -1.072  1.00 83.28  ? 111 DG  C "C5'" 1 
ATOM   185  C "C4'" . DG  A 1 10 ? 1.459   -27.978 -1.578  1.00 85.08  ? 111 DG  C "C4'" 1 
ATOM   186  O "O4'" . DG  A 1 10 ? 1.557   -26.913 -0.591  1.00 79.11  ? 111 DG  C "O4'" 1 
ATOM   187  C "C3'" . DG  A 1 10 ? 2.898   -28.350 -1.948  1.00 86.01  ? 111 DG  C "C3'" 1 
ATOM   188  O "O3'" . DG  A 1 10 ? 3.273   -27.840 -3.228  1.00 94.81  ? 111 DG  C "O3'" 1 
ATOM   189  C "C2'" . DG  A 1 10 ? 3.743   -27.694 -0.867  1.00 70.02  ? 111 DG  C "C2'" 1 
ATOM   190  C "C1'" . DG  A 1 10 ? 2.906   -26.487 -0.503  1.00 57.98  ? 111 DG  C "C1'" 1 
ATOM   191  N N9    . DG  A 1 10 ? 3.150   -26.014 0.849   1.00 39.07  ? 111 DG  C N9    1 
ATOM   192  C C8    . DG  A 1 10 ? 3.143   -26.751 2.011   1.00 41.86  ? 111 DG  C C8    1 
ATOM   193  N N7    . DG  A 1 10 ? 3.509   -26.060 3.060   1.00 40.64  ? 111 DG  C N7    1 
ATOM   194  C C5    . DG  A 1 10 ? 3.750   -24.783 2.558   1.00 33.67  ? 111 DG  C C5    1 
ATOM   195  C C6    . DG  A 1 10 ? 4.216   -23.619 3.207   1.00 27.10  ? 111 DG  C C6    1 
ATOM   196  O O6    . DG  A 1 10 ? 4.537   -23.485 4.392   1.00 24.53  ? 111 DG  C O6    1 
ATOM   197  N N1    . DG  A 1 10 ? 4.318   -22.544 2.324   1.00 15.45  ? 111 DG  C N1    1 
ATOM   198  C C2    . DG  A 1 10 ? 4.019   -22.595 0.983   1.00 17.59  ? 111 DG  C C2    1 
ATOM   199  N N2    . DG  A 1 10 ? 4.145   -21.460 0.291   1.00 18.25  ? 111 DG  C N2    1 
ATOM   200  N N3    . DG  A 1 10 ? 3.615   -23.681 0.362   1.00 25.55  ? 111 DG  C N3    1 
ATOM   201  C C4    . DG  A 1 10 ? 3.501   -24.732 1.203   1.00 34.85  ? 111 DG  C C4    1 
ATOM   202  P P     . DT  A 1 11 ? 4.584   -28.430 -3.939  1.00 104.78 ? 112 DT  C P     1 
ATOM   203  O OP1   . DT  A 1 11 ? 5.075   -27.431 -4.947  1.00 101.93 ? 112 DT  C OP1   1 
ATOM   204  O OP2   . DT  A 1 11 ? 4.241   -29.816 -4.379  1.00 99.36  ? 112 DT  C OP2   1 
ATOM   205  O "O5'" . DT  A 1 11 ? 5.631   -28.506 -2.732  1.00 94.62  ? 112 DT  C "O5'" 1 
ATOM   206  C "C5'" . DT  A 1 11 ? 6.981   -28.061 -2.908  1.00 86.36  ? 112 DT  C "C5'" 1 
ATOM   207  C "C4'" . DT  A 1 11 ? 6.987   -26.649 -3.445  1.00 77.74  ? 112 DT  C "C4'" 1 
ATOM   208  O "O4'" . DT  A 1 11 ? 6.400   -25.765 -2.448  1.00 79.75  ? 112 DT  C "O4'" 1 
ATOM   209  C "C3'" . DT  A 1 11 ? 8.390   -26.120 -3.736  1.00 79.39  ? 112 DT  C "C3'" 1 
ATOM   210  O "O3'" . DT  A 1 11 ? 8.576   -25.539 -5.039  1.00 80.71  ? 112 DT  C "O3'" 1 
ATOM   211  C "C2'" . DT  A 1 11 ? 8.664   -25.174 -2.582  1.00 77.47  ? 112 DT  C "C2'" 1 
ATOM   212  C "C1'" . DT  A 1 11 ? 7.284   -24.682 -2.146  1.00 65.43  ? 112 DT  C "C1'" 1 
ATOM   213  N N1    . DT  A 1 11 ? 7.236   -24.421 -0.670  1.00 42.31  ? 112 DT  C N1    1 
ATOM   214  C C2    . DT  A 1 11 ? 7.412   -23.124 -0.151  1.00 33.69  ? 112 DT  C C2    1 
ATOM   215  O O2    . DT  A 1 11 ? 7.459   -22.116 -0.829  1.00 43.08  ? 112 DT  C O2    1 
ATOM   216  N N3    . DT  A 1 11 ? 7.522   -23.054 1.215   1.00 13.09  ? 112 DT  C N3    1 
ATOM   217  C C4    . DT  A 1 11 ? 7.434   -24.105 2.106   1.00 28.91  ? 112 DT  C C4    1 
ATOM   218  O O4    . DT  A 1 11 ? 7.594   -23.897 3.321   1.00 13.81  ? 112 DT  C O4    1 
ATOM   219  C C5    . DT  A 1 11 ? 7.159   -25.420 1.492   1.00 31.84  ? 112 DT  C C5    1 
ATOM   220  C C7    . DT  A 1 11 ? 6.980   -26.617 2.366   1.00 36.68  ? 112 DT  C C7    1 
ATOM   221  C C6    . DT  A 1 11 ? 7.078   -25.500 0.165   1.00 29.81  ? 112 DT  C C6    1 
ATOM   222  O "O5'" . DA  B 2 1  ? 13.184  -14.816 7.312   1.00 73.72  ? 116 DA  D "O5'" 1 
ATOM   223  C "C5'" . DA  B 2 1  ? 11.827  -14.378 7.080   1.00 82.45  ? 116 DA  D "C5'" 1 
ATOM   224  C "C4'" . DA  B 2 1  ? 11.339  -14.381 5.643   1.00 83.70  ? 116 DA  D "C4'" 1 
ATOM   225  O "O4'" . DA  B 2 1  ? 11.354  -15.750 5.127   1.00 86.39  ? 116 DA  D "O4'" 1 
ATOM   226  C "C3'" . DA  B 2 1  ? 9.891   -13.882 5.478   1.00 82.50  ? 116 DA  D "C3'" 1 
ATOM   227  O "O3'" . DA  B 2 1  ? 9.729   -12.908 4.423   1.00 65.23  ? 116 DA  D "O3'" 1 
ATOM   228  C "C2'" . DA  B 2 1  ? 9.090   -15.144 5.178   1.00 81.63  ? 116 DA  D "C2'" 1 
ATOM   229  C "C1'" . DA  B 2 1  ? 10.105  -16.044 4.487   1.00 72.69  ? 116 DA  D "C1'" 1 
ATOM   230  N N9    . DA  B 2 1  ? 9.809   -17.484 4.621   1.00 52.34  ? 116 DA  D N9    1 
ATOM   231  C C8    . DA  B 2 1  ? 9.738   -18.237 5.782   1.00 49.96  ? 116 DA  D C8    1 
ATOM   232  N N7    . DA  B 2 1  ? 9.319   -19.472 5.589   1.00 44.56  ? 116 DA  D N7    1 
ATOM   233  C C5    . DA  B 2 1  ? 9.132   -19.548 4.209   1.00 36.42  ? 116 DA  D C5    1 
ATOM   234  C C6    . DA  B 2 1  ? 8.669   -20.590 3.374   1.00 28.66  ? 116 DA  D C6    1 
ATOM   235  N N6    . DA  B 2 1  ? 8.347   -21.802 3.832   1.00 13.68  ? 116 DA  D N6    1 
ATOM   236  N N1    . DA  B 2 1  ? 8.560   -20.338 2.045   1.00 23.65  ? 116 DA  D N1    1 
ATOM   237  C C2    . DA  B 2 1  ? 8.940   -19.128 1.591   1.00 25.16  ? 116 DA  D C2    1 
ATOM   238  N N3    . DA  B 2 1  ? 9.416   -18.081 2.272   1.00 25.10  ? 116 DA  D N3    1 
ATOM   239  C C4    . DA  B 2 1  ? 9.468   -18.347 3.594   1.00 37.35  ? 116 DA  D C4    1 
ATOM   240  P P     . DC  B 2 2  ? 8.278   -12.228 4.180   1.00 59.16  ? 117 DC  D P     1 
ATOM   241  O OP1   . DC  B 2 2  ? 8.466   -11.041 3.284   1.00 51.98  ? 117 DC  D OP1   1 
ATOM   242  O OP2   . DC  B 2 2  ? 7.507   -12.075 5.442   1.00 61.36  ? 117 DC  D OP2   1 
ATOM   243  O "O5'" . DC  B 2 2  ? 7.494   -13.362 3.407   1.00 53.95  ? 117 DC  D "O5'" 1 
ATOM   244  C "C5'" . DC  B 2 2  ? 8.177   -14.158 2.466   1.00 31.72  ? 117 DC  D "C5'" 1 
ATOM   245  C "C4'" . DC  B 2 2  ? 7.182   -14.818 1.558   1.00 22.72  ? 117 DC  D "C4'" 1 
ATOM   246  O "O4'" . DC  B 2 2  ? 7.075   -16.211 1.886   1.00 28.28  ? 117 DC  D "O4'" 1 
ATOM   247  C "C3'" . DC  B 2 2  ? 5.777   -14.244 1.633   1.00 16.46  ? 117 DC  D "C3'" 1 
ATOM   248  O "O3'" . DC  B 2 2  ? 5.334   -14.044 0.306   1.00 23.35  ? 117 DC  D "O3'" 1 
ATOM   249  C "C2'" . DC  B 2 2  ? 4.983   -15.354 2.288   1.00 26.81  ? 117 DC  D "C2'" 1 
ATOM   250  C "C1'" . DC  B 2 2  ? 5.737   -16.592 1.829   1.00 22.69  ? 117 DC  D "C1'" 1 
ATOM   251  N N1    . DC  B 2 2  ? 5.580   -17.764 2.699   1.00 17.11  ? 117 DC  D N1    1 
ATOM   252  C C2    . DC  B 2 2  ? 5.172   -18.999 2.146   1.00 25.45  ? 117 DC  D C2    1 
ATOM   253  O O2    . DC  B 2 2  ? 5.021   -19.098 0.913   1.00 24.82  ? 117 DC  D O2    1 
ATOM   254  N N3    . DC  B 2 2  ? 4.963   -20.053 2.974   1.00 21.77  ? 117 DC  D N3    1 
ATOM   255  C C4    . DC  B 2 2  ? 5.187   -19.918 4.286   1.00 25.50  ? 117 DC  D C4    1 
ATOM   256  N N4    . DC  B 2 2  ? 4.998   -20.976 5.069   1.00 33.18  ? 117 DC  D N4    1 
ATOM   257  C C5    . DC  B 2 2  ? 5.626   -18.691 4.855   1.00 27.02  ? 117 DC  D C5    1 
ATOM   258  C C6    . DC  B 2 2  ? 5.808   -17.653 4.032   1.00 14.92  ? 117 DC  D C6    1 
ATOM   259  P P     . DC  B 2 3  ? 3.905   -13.399 0.033   1.00 27.79  ? 118 DC  D P     1 
ATOM   260  O OP1   . DC  B 2 3  ? 4.034   -12.499 -1.157  1.00 20.81  ? 118 DC  D OP1   1 
ATOM   261  O OP2   . DC  B 2 3  ? 3.328   -12.898 1.298   1.00 20.25  ? 118 DC  D OP2   1 
ATOM   262  O "O5'" . DC  B 2 3  ? 3.098   -14.639 -0.506  1.00 29.90  ? 118 DC  D "O5'" 1 
ATOM   263  C "C5'" . DC  B 2 3  ? 3.544   -15.270 -1.714  1.00 21.91  ? 118 DC  D "C5'" 1 
ATOM   264  C "C4'" . DC  B 2 3  ? 2.687   -16.469 -1.997  1.00 13.02  ? 118 DC  D "C4'" 1 
ATOM   265  O "O4'" . DC  B 2 3  ? 2.864   -17.431 -0.927  1.00 18.02  ? 118 DC  D "O4'" 1 
ATOM   266  C "C3'" . DC  B 2 3  ? 1.215   -16.082 -1.974  1.00 13.42  ? 118 DC  D "C3'" 1 
ATOM   267  O "O3'" . DC  B 2 3  ? 0.547   -16.720 -3.038  1.00 28.35  ? 118 DC  D "O3'" 1 
ATOM   268  C "C2'" . DC  B 2 3  ? 0.716   -16.639 -0.659  1.00 18.89  ? 118 DC  D "C2'" 1 
ATOM   269  C "C1'" . DC  B 2 3  ? 1.596   -17.852 -0.497  1.00 3.95   ? 118 DC  D "C1'" 1 
ATOM   270  N N1    . DC  B 2 3  ? 1.707   -18.356 0.876   1.00 2.00   ? 118 DC  D N1    1 
ATOM   271  C C2    . DC  B 2 3  ? 1.347   -19.685 1.142   1.00 7.96   ? 118 DC  D C2    1 
ATOM   272  O O2    . DC  B 2 3  ? 0.992   -20.429 0.193   1.00 12.15  ? 118 DC  D O2    1 
ATOM   273  N N3    . DC  B 2 3  ? 1.377   -20.133 2.415   1.00 5.54   ? 118 DC  D N3    1 
ATOM   274  C C4    . DC  B 2 3  ? 1.730   -19.317 3.393   1.00 6.98   ? 118 DC  D C4    1 
ATOM   275  N N4    . DC  B 2 3  ? 1.691   -19.785 4.632   1.00 17.84  ? 118 DC  D N4    1 
ATOM   276  C C5    . DC  B 2 3  ? 2.131   -17.979 3.148   1.00 7.60   ? 118 DC  D C5    1 
ATOM   277  C C6    . DC  B 2 3  ? 2.117   -17.546 1.882   1.00 2.01   ? 118 DC  D C6    1 
ATOM   278  P P     . DA  B 2 4  ? -0.798  -16.091 -3.609  1.00 31.27  ? 119 DA  D P     1 
ATOM   279  O OP1   . DA  B 2 4  ? -0.540  -15.703 -5.033  1.00 16.84  ? 119 DA  D OP1   1 
ATOM   280  O OP2   . DA  B 2 4  ? -1.324  -15.097 -2.624  1.00 25.63  ? 119 DA  D OP2   1 
ATOM   281  O "O5'" . DA  B 2 4  ? -1.756  -17.345 -3.617  1.00 24.01  ? 119 DA  D "O5'" 1 
ATOM   282  C "C5'" . DA  B 2 4  ? -1.420  -18.487 -4.385  1.00 12.61  ? 119 DA  D "C5'" 1 
ATOM   283  C "C4'" . DA  B 2 4  ? -2.380  -19.594 -4.054  1.00 6.13   ? 119 DA  D "C4'" 1 
ATOM   284  O "O4'" . DA  B 2 4  ? -2.146  -20.012 -2.687  1.00 4.14   ? 119 DA  D "O4'" 1 
ATOM   285  C "C3'" . DA  B 2 4  ? -3.824  -19.104 -4.115  1.00 9.67   ? 119 DA  D "C3'" 1 
ATOM   286  O "O3'" . DA  B 2 4  ? -4.600  -20.141 -4.676  1.00 13.09  ? 119 DA  D "O3'" 1 
ATOM   287  C "C2'" . DA  B 2 4  ? -4.169  -18.829 -2.659  1.00 6.76   ? 119 DA  D "C2'" 1 
ATOM   288  C "C1'" . DA  B 2 4  ? -3.307  -19.828 -1.908  1.00 4.61   ? 119 DA  D "C1'" 1 
ATOM   289  N N9    . DA  B 2 4  ? -2.887  -19.447 -0.559  1.00 2.00   ? 119 DA  D N9    1 
ATOM   290  C C8    . DA  B 2 4  ? -2.504  -18.226 -0.080  1.00 10.55  ? 119 DA  D C8    1 
ATOM   291  N N7    . DA  B 2 4  ? -2.199  -18.224 1.201   1.00 13.16  ? 119 DA  D N7    1 
ATOM   292  C C5    . DA  B 2 4  ? -2.402  -19.538 1.591   1.00 8.47   ? 119 DA  D C5    1 
ATOM   293  C C6    . DA  B 2 4  ? -2.285  -20.194 2.844   1.00 7.93   ? 119 DA  D C6    1 
ATOM   294  N N6    . DA  B 2 4  ? -1.939  -19.596 3.973   1.00 2.00   ? 119 DA  D N6    1 
ATOM   295  N N1    . DA  B 2 4  ? -2.555  -21.511 2.886   1.00 9.71   ? 119 DA  D N1    1 
ATOM   296  C C2    . DA  B 2 4  ? -2.929  -22.123 1.747   1.00 6.52   ? 119 DA  D C2    1 
ATOM   297  N N3    . DA  B 2 4  ? -3.099  -21.620 0.528   1.00 6.90   ? 119 DA  D N3    1 
ATOM   298  C C4    . DA  B 2 4  ? -2.815  -20.305 0.515   1.00 9.59   ? 119 DA  D C4    1 
ATOM   299  P P     . DC  B 2 5  ? -6.103  -19.873 -5.143  1.00 18.32  ? 120 DC  D P     1 
ATOM   300  O OP1   . DC  B 2 5  ? -6.153  -20.141 -6.597  1.00 11.00  ? 120 DC  D OP1   1 
ATOM   301  O OP2   . DC  B 2 5  ? -6.662  -18.601 -4.572  1.00 18.23  ? 120 DC  D OP2   1 
ATOM   302  O "O5'" . DC  B 2 5  ? -6.855  -21.064 -4.430  1.00 23.13  ? 120 DC  D "O5'" 1 
ATOM   303  C "C5'" . DC  B 2 5  ? -6.198  -22.305 -4.291  1.00 9.53   ? 120 DC  D "C5'" 1 
ATOM   304  C "C4'" . DC  B 2 5  ? -6.696  -23.018 -3.063  1.00 11.44  ? 120 DC  D "C4'" 1 
ATOM   305  O "O4'" . DC  B 2 5  ? -6.080  -22.493 -1.867  1.00 17.35  ? 120 DC  D "O4'" 1 
ATOM   306  C "C3'" . DC  B 2 5  ? -8.190  -22.849 -2.872  1.00 20.90  ? 120 DC  D "C3'" 1 
ATOM   307  O "O3'" . DC  B 2 5  ? -8.874  -24.068 -3.017  1.00 20.96  ? 120 DC  D "O3'" 1 
ATOM   308  C "C2'" . DC  B 2 5  ? -8.347  -22.267 -1.476  1.00 23.59  ? 120 DC  D "C2'" 1 
ATOM   309  C "C1'" . DC  B 2 5  ? -7.021  -22.562 -0.826  1.00 16.19  ? 120 DC  D "C1'" 1 
ATOM   310  N N1    . DC  B 2 5  ? -6.655  -21.555 0.154   1.00 16.65  ? 120 DC  D N1    1 
ATOM   311  C C2    . DC  B 2 5  ? -6.534  -21.926 1.478   1.00 19.98  ? 120 DC  D C2    1 
ATOM   312  O O2    . DC  B 2 5  ? -6.751  -23.105 1.783   1.00 23.93  ? 120 DC  D O2    1 
ATOM   313  N N3    . DC  B 2 5  ? -6.189  -20.996 2.404   1.00 20.37  ? 120 DC  D N3    1 
ATOM   314  C C4    . DC  B 2 5  ? -6.000  -19.734 2.029   1.00 16.74  ? 120 DC  D C4    1 
ATOM   315  N N4    . DC  B 2 5  ? -5.712  -18.838 2.969   1.00 21.63  ? 120 DC  D N4    1 
ATOM   316  C C5    . DC  B 2 5  ? -6.115  -19.332 0.676   1.00 21.66  ? 120 DC  D C5    1 
ATOM   317  C C6    . DC  B 2 5  ? -6.442  -20.269 -0.225  1.00 17.84  ? 120 DC  D C6    1 
ATOM   318  P P     . DG  B 2 6  ? -10.368 -24.035 -3.581  1.00 18.86  ? 121 DG  D P     1 
ATOM   319  O OP1   . DG  B 2 6  ? -10.392 -24.924 -4.755  1.00 23.28  ? 121 DG  D OP1   1 
ATOM   320  O OP2   . DG  B 2 6  ? -10.782 -22.635 -3.749  1.00 18.60  ? 121 DG  D OP2   1 
ATOM   321  O "O5'" . DG  B 2 6  ? -11.164 -24.626 -2.332  1.00 19.62  ? 121 DG  D "O5'" 1 
ATOM   322  C "C5'" . DG  B 2 6  ? -10.604 -25.713 -1.585  1.00 11.20  ? 121 DG  D "C5'" 1 
ATOM   323  C "C4'" . DG  B 2 6  ? -11.149 -25.743 -0.178  1.00 11.79  ? 121 DG  D "C4'" 1 
ATOM   324  O "O4'" . DG  B 2 6  ? -10.524 -24.769 0.692   1.00 22.18  ? 121 DG  D "O4'" 1 
ATOM   325  C "C3'" . DG  B 2 6  ? -12.650 -25.557 -0.018  1.00 10.88  ? 121 DG  D "C3'" 1 
ATOM   326  O "O3'" . DG  B 2 6  ? -13.058 -26.522 0.962   1.00 24.73  ? 121 DG  D "O3'" 1 
ATOM   327  C "C2'" . DG  B 2 6  ? -12.752 -24.132 0.512   1.00 18.63  ? 121 DG  D "C2'" 1 
ATOM   328  C "C1'" . DG  B 2 6  ? -11.509 -23.997 1.374   1.00 7.97   ? 121 DG  D "C1'" 1 
ATOM   329  N N9    . DG  B 2 6  ? -10.998 -22.631 1.484   1.00 20.25  ? 121 DG  D N9    1 
ATOM   330  C C8    . DG  B 2 6  ? -10.906 -21.723 0.454   1.00 16.82  ? 121 DG  D C8    1 
ATOM   331  N N7    . DG  B 2 6  ? -10.409 -20.579 0.827   1.00 11.76  ? 121 DG  D N7    1 
ATOM   332  C C5    . DG  B 2 6  ? -10.154 -20.730 2.189   1.00 2.00   ? 121 DG  D C5    1 
ATOM   333  C C6    . DG  B 2 6  ? -9.625  -19.810 3.130   1.00 2.00   ? 121 DG  D C6    1 
ATOM   334  O O6    . DG  B 2 6  ? -9.236  -18.653 2.955   1.00 8.99   ? 121 DG  D O6    1 
ATOM   335  N N1    . DG  B 2 6  ? -9.555  -20.351 4.388   1.00 2.00   ? 121 DG  D N1    1 
ATOM   336  C C2    . DG  B 2 6  ? -9.907  -21.615 4.711   1.00 2.46   ? 121 DG  D C2    1 
ATOM   337  N N2    . DG  B 2 6  ? -9.749  -21.912 6.005   1.00 2.00   ? 121 DG  D N2    1 
ATOM   338  N N3    . DG  B 2 6  ? -10.378 -22.507 3.849   1.00 5.72   ? 121 DG  D N3    1 
ATOM   339  C C4    . DG  B 2 6  ? -10.495 -21.989 2.613   1.00 6.26   ? 121 DG  D C4    1 
ATOM   340  P P     . DT  B 2 7  ? -14.609 -26.777 1.273   1.00 29.43  ? 122 DT  D P     1 
ATOM   341  O OP1   . DT  B 2 7  ? -14.787 -28.246 1.324   1.00 42.29  ? 122 DT  D OP1   1 
ATOM   342  O OP2   . DT  B 2 7  ? -15.473 -25.948 0.391   1.00 19.78  ? 122 DT  D OP2   1 
ATOM   343  O "O5'" . DT  B 2 7  ? -14.760 -26.248 2.755   1.00 11.24  ? 122 DT  D "O5'" 1 
ATOM   344  C "C5'" . DT  B 2 7  ? -13.965 -25.186 3.162   1.00 14.99  ? 122 DT  D "C5'" 1 
ATOM   345  C "C4'" . DT  B 2 7  ? -14.177 -24.929 4.620   1.00 21.81  ? 122 DT  D "C4'" 1 
ATOM   346  O "O4'" . DT  B 2 7  ? -13.419 -23.731 4.880   1.00 34.23  ? 122 DT  D "O4'" 1 
ATOM   347  C "C3'" . DT  B 2 7  ? -15.622 -24.607 4.959   1.00 25.85  ? 122 DT  D "C3'" 1 
ATOM   348  O "O3'" . DT  B 2 7  ? -15.935 -25.104 6.269   1.00 31.56  ? 122 DT  D "O3'" 1 
ATOM   349  C "C2'" . DT  B 2 7  ? -15.665 -23.092 4.876   1.00 24.96  ? 122 DT  D "C2'" 1 
ATOM   350  C "C1'" . DT  B 2 7  ? -14.251 -22.654 5.223   1.00 16.24  ? 122 DT  D "C1'" 1 
ATOM   351  N N1    . DT  B 2 7  ? -13.790 -21.476 4.458   1.00 24.22  ? 122 DT  D N1    1 
ATOM   352  C C2    . DT  B 2 7  ? -13.167 -20.443 5.126   1.00 22.27  ? 122 DT  D C2    1 
ATOM   353  O O2    . DT  B 2 7  ? -12.919 -20.460 6.331   1.00 14.18  ? 122 DT  D O2    1 
ATOM   354  N N3    . DT  B 2 7  ? -12.851 -19.376 4.335   1.00 23.84  ? 122 DT  D N3    1 
ATOM   355  C C4    . DT  B 2 7  ? -13.099 -19.229 2.984   1.00 33.26  ? 122 DT  D C4    1 
ATOM   356  O O4    . DT  B 2 7  ? -12.775 -18.180 2.413   1.00 34.70  ? 122 DT  D O4    1 
ATOM   357  C C5    . DT  B 2 7  ? -13.742 -20.358 2.347   1.00 29.35  ? 122 DT  D C5    1 
ATOM   358  C C7    . DT  B 2 7  ? -14.073 -20.287 0.889   1.00 29.92  ? 122 DT  D C7    1 
ATOM   359  C C6    . DT  B 2 7  ? -14.025 -21.417 3.101   1.00 24.35  ? 122 DT  D C6    1 
ATOM   360  P P     . DG  B 2 8  ? -17.466 -25.420 6.665   1.00 31.94  ? 123 DG  D P     1 
ATOM   361  O OP1   . DG  B 2 8  ? -17.404 -26.717 7.371   1.00 46.68  ? 123 DG  D OP1   1 
ATOM   362  O OP2   . DG  B 2 8  ? -18.373 -25.266 5.484   1.00 19.88  ? 123 DG  D OP2   1 
ATOM   363  O "O5'" . DG  B 2 8  ? -17.825 -24.286 7.726   1.00 20.74  ? 123 DG  D "O5'" 1 
ATOM   364  C "C5'" . DG  B 2 8  ? -16.934 -23.997 8.818   1.00 19.40  ? 123 DG  D "C5'" 1 
ATOM   365  C "C4'" . DG  B 2 8  ? -17.261 -22.646 9.421   1.00 29.33  ? 123 DG  D "C4'" 1 
ATOM   366  O "O4'" . DG  B 2 8  ? -16.698 -21.555 8.651   1.00 26.65  ? 123 DG  D "O4'" 1 
ATOM   367  C "C3'" . DG  B 2 8  ? -18.752 -22.336 9.569   1.00 27.14  ? 123 DG  D "C3'" 1 
ATOM   368  O "O3'" . DG  B 2 8  ? -18.975 -21.710 10.840  1.00 28.72  ? 123 DG  D "O3'" 1 
ATOM   369  C "C2'" . DG  B 2 8  ? -19.025 -21.397 8.404   1.00 22.28  ? 123 DG  D "C2'" 1 
ATOM   370  C "C1'" . DG  B 2 8  ? -17.719 -20.635 8.299   1.00 25.65  ? 123 DG  D "C1'" 1 
ATOM   371  N N9    . DG  B 2 8  ? -17.412 -20.088 6.978   1.00 21.84  ? 123 DG  D N9    1 
ATOM   372  C C8    . DG  B 2 8  ? -17.813 -20.574 5.763   1.00 11.61  ? 123 DG  D C8    1 
ATOM   373  N N7    . DG  B 2 8  ? -17.399 -19.847 4.760   1.00 12.94  ? 123 DG  D N7    1 
ATOM   374  C C5    . DG  B 2 8  ? -16.675 -18.821 5.351   1.00 14.95  ? 123 DG  D C5    1 
ATOM   375  C C6    . DG  B 2 8  ? -15.995 -17.724 4.772   1.00 15.96  ? 123 DG  D C6    1 
ATOM   376  O O6    . DG  B 2 8  ? -15.891 -17.431 3.585   1.00 18.28  ? 123 DG  D O6    1 
ATOM   377  N N1    . DG  B 2 8  ? -15.396 -16.925 5.729   1.00 18.72  ? 123 DG  D N1    1 
ATOM   378  C C2    . DG  B 2 8  ? -15.439 -17.148 7.077   1.00 26.86  ? 123 DG  D C2    1 
ATOM   379  N N2    . DG  B 2 8  ? -14.777 -16.271 7.850   1.00 28.50  ? 123 DG  D N2    1 
ATOM   380  N N3    . DG  B 2 8  ? -16.074 -18.159 7.632   1.00 16.68  ? 123 DG  D N3    1 
ATOM   381  C C4    . DG  B 2 8  ? -16.667 -18.953 6.715   1.00 16.12  ? 123 DG  D C4    1 
ATOM   382  P P     . DG  B 2 9  ? -20.466 -21.374 11.327  1.00 40.29  ? 124 DG  D P     1 
ATOM   383  O OP1   . DG  B 2 9  ? -20.508 -21.686 12.769  1.00 35.33  ? 124 DG  D OP1   1 
ATOM   384  O OP2   . DG  B 2 9  ? -21.471 -21.954 10.401  1.00 39.75  ? 124 DG  D OP2   1 
ATOM   385  O "O5'" . DG  B 2 9  ? -20.543 -19.792 11.251  1.00 34.46  ? 124 DG  D "O5'" 1 
ATOM   386  C "C5'" . DG  B 2 9  ? -19.662 -19.033 12.075  1.00 41.61  ? 124 DG  D "C5'" 1 
ATOM   387  C "C4'" . DG  B 2 9  ? -19.618 -17.595 11.630  1.00 37.25  ? 124 DG  D "C4'" 1 
ATOM   388  O "O4'" . DG  B 2 9  ? -18.910 -17.450 10.363  1.00 35.51  ? 124 DG  D "O4'" 1 
ATOM   389  C "C3'" . DG  B 2 9  ? -21.003 -16.998 11.421  1.00 29.12  ? 124 DG  D "C3'" 1 
ATOM   390  O "O3'" . DG  B 2 9  ? -21.130 -15.771 12.117  1.00 33.20  ? 124 DG  D "O3'" 1 
ATOM   391  C "C2'" . DG  B 2 9  ? -21.042 -16.717 9.937   1.00 36.86  ? 124 DG  D "C2'" 1 
ATOM   392  C "C1'" . DG  B 2 9  ? -19.578 -16.473 9.625   1.00 22.37  ? 124 DG  D "C1'" 1 
ATOM   393  N N9    . DG  B 2 9  ? -19.300 -16.658 8.209   1.00 12.68  ? 124 DG  D N9    1 
ATOM   394  C C8    . DG  B 2 9  ? -19.667 -17.699 7.395   1.00 24.23  ? 124 DG  D C8    1 
ATOM   395  N N7    . DG  B 2 9  ? -19.500 -17.439 6.130   1.00 22.19  ? 124 DG  D N7    1 
ATOM   396  C C5    . DG  B 2 9  ? -18.936 -16.178 6.127   1.00 12.00  ? 124 DG  D C5    1 
ATOM   397  C C6    . DG  B 2 9  ? -18.566 -15.348 5.057   1.00 11.35  ? 124 DG  D C6    1 
ATOM   398  O O6    . DG  B 2 9  ? -18.673 -15.550 3.831   1.00 9.08   ? 124 DG  D O6    1 
ATOM   399  N N1    . DG  B 2 9  ? -18.025 -14.163 5.508   1.00 12.52  ? 124 DG  D N1    1 
ATOM   400  C C2    . DG  B 2 9  ? -17.857 -13.817 6.825   1.00 16.61  ? 124 DG  D C2    1 
ATOM   401  N N2    . DG  B 2 9  ? -17.298 -12.623 7.066   1.00 17.51  ? 124 DG  D N2    1 
ATOM   402  N N3    . DG  B 2 9  ? -18.208 -14.578 7.829   1.00 22.75  ? 124 DG  D N3    1 
ATOM   403  C C4    . DG  B 2 9  ? -18.747 -15.730 7.409   1.00 13.80  ? 124 DG  D C4    1 
ATOM   404  P P     . DT  B 2 10 ? -22.454 -14.887 11.903  1.00 29.32  ? 125 DT  D P     1 
ATOM   405  O OP1   . DT  B 2 10 ? -22.952 -14.534 13.253  1.00 38.67  ? 125 DT  D OP1   1 
ATOM   406  O OP2   . DT  B 2 10 ? -23.338 -15.599 10.951  1.00 18.38  ? 125 DT  D OP2   1 
ATOM   407  O "O5'" . DT  B 2 10 ? -21.898 -13.577 11.193  1.00 33.96  ? 125 DT  D "O5'" 1 
ATOM   408  C "C5'" . DT  B 2 10 ? -20.799 -12.845 11.762  1.00 31.62  ? 125 DT  D "C5'" 1 
ATOM   409  C "C4'" . DT  B 2 10 ? -20.757 -11.471 11.150  1.00 22.40  ? 125 DT  D "C4'" 1 
ATOM   410  O "O4'" . DT  B 2 10 ? -20.245 -11.602 9.808   1.00 22.22  ? 125 DT  D "O4'" 1 
ATOM   411  C "C3'" . DT  B 2 10 ? -22.173 -10.952 11.004  1.00 30.69  ? 125 DT  D "C3'" 1 
ATOM   412  O "O3'" . DT  B 2 10 ? -22.303 -9.575  11.277  1.00 38.88  ? 125 DT  D "O3'" 1 
ATOM   413  C "C2'" . DT  B 2 10 ? -22.513 -11.206 9.554   1.00 32.11  ? 125 DT  D "C2'" 1 
ATOM   414  C "C1'" . DT  B 2 10 ? -21.171 -11.120 8.873   1.00 16.17  ? 125 DT  D "C1'" 1 
ATOM   415  N N1    . DT  B 2 10 ? -21.155 -12.013 7.703   1.00 20.72  ? 125 DT  D N1    1 
ATOM   416  C C2    . DT  B 2 10 ? -20.795 -11.488 6.478   1.00 13.67  ? 125 DT  D C2    1 
ATOM   417  O O2    . DT  B 2 10 ? -20.267 -10.399 6.358   1.00 25.84  ? 125 DT  D O2    1 
ATOM   418  N N3    . DT  B 2 10 ? -21.048 -12.310 5.404   1.00 11.81  ? 125 DT  D N3    1 
ATOM   419  C C4    . DT  B 2 10 ? -21.529 -13.614 5.452   1.00 21.14  ? 125 DT  D C4    1 
ATOM   420  O O4    . DT  B 2 10 ? -21.775 -14.226 4.406   1.00 25.13  ? 125 DT  D O4    1 
ATOM   421  C C5    . DT  B 2 10 ? -21.722 -14.151 6.783   1.00 12.79  ? 125 DT  D C5    1 
ATOM   422  C C7    . DT  B 2 10 ? -22.056 -15.594 6.933   1.00 18.61  ? 125 DT  D C7    1 
ATOM   423  C C6    . DT  B 2 10 ? -21.560 -13.331 7.829   1.00 10.81  ? 125 DT  D C6    1 
ATOM   424  P P     . DG  B 2 11 ? -23.747 -8.910  11.115  1.00 50.71  ? 126 DG  D P     1 
ATOM   425  O OP1   . DG  B 2 11 ? -23.894 -7.936  12.231  1.00 55.48  ? 126 DG  D OP1   1 
ATOM   426  O OP2   . DG  B 2 11 ? -24.787 -9.972  10.899  1.00 36.76  ? 126 DG  D OP2   1 
ATOM   427  O "O5'" . DG  B 2 11 ? -23.609 -8.129  9.741   1.00 50.48  ? 126 DG  D "O5'" 1 
ATOM   428  C "C5'" . DG  B 2 11 ? -22.765 -6.971  9.638   1.00 31.13  ? 126 DG  D "C5'" 1 
ATOM   429  C "C4'" . DG  B 2 11 ? -23.050 -6.283  8.331   1.00 22.14  ? 126 DG  D "C4'" 1 
ATOM   430  O "O4'" . DG  B 2 11 ? -22.614 -7.201  7.293   1.00 18.95  ? 126 DG  D "O4'" 1 
ATOM   431  C "C3'" . DG  B 2 11 ? -24.551 -6.085  8.133   1.00 19.18  ? 126 DG  D "C3'" 1 
ATOM   432  O "O3'" . DG  B 2 11 ? -25.136 -4.779  8.079   1.00 39.78  ? 126 DG  D "O3'" 1 
ATOM   433  C "C2'" . DG  B 2 11 ? -24.902 -6.998  6.981   1.00 22.33  ? 126 DG  D "C2'" 1 
ATOM   434  C "C1'" . DG  B 2 11 ? -23.583 -7.302  6.297   1.00 10.52  ? 126 DG  D "C1'" 1 
ATOM   435  N N9    . DG  B 2 11 ? -23.616 -8.677  5.830   1.00 12.75  ? 126 DG  D N9    1 
ATOM   436  C C8    . DG  B 2 11 ? -23.855 -9.787  6.593   1.00 8.21   ? 126 DG  D C8    1 
ATOM   437  N N7    . DG  B 2 11 ? -24.058 -10.860 5.875   1.00 15.00  ? 126 DG  D N7    1 
ATOM   438  C C5    . DG  B 2 11 ? -23.897 -10.442 4.566   1.00 2.00   ? 126 DG  D C5    1 
ATOM   439  C C6    . DG  B 2 11 ? -24.047 -11.153 3.363   1.00 2.00   ? 126 DG  D C6    1 
ATOM   440  O O6    . DG  B 2 11 ? -24.379 -12.309 3.199   1.00 19.56  ? 126 DG  D O6    1 
ATOM   441  N N1    . DG  B 2 11 ? -23.774 -10.373 2.261   1.00 13.69  ? 126 DG  D N1    1 
ATOM   442  C C2    . DG  B 2 11 ? -23.384 -9.050  2.307   1.00 21.06  ? 126 DG  D C2    1 
ATOM   443  N N2    . DG  B 2 11 ? -23.086 -8.483  1.100   1.00 2.00   ? 126 DG  D N2    1 
ATOM   444  N N3    . DG  B 2 11 ? -23.279 -8.346  3.445   1.00 5.49   ? 126 DG  D N3    1 
ATOM   445  C C4    . DG  B 2 11 ? -23.553 -9.108  4.524   1.00 10.61  ? 126 DG  D C4    1 
ATOM   446  N N     . ASN C 3 1  ? 18.286  -24.666 16.753  1.00 50.92  ? 3   ASN A N     1 
ATOM   447  C CA    . ASN C 3 1  ? 18.111  -25.258 18.107  1.00 43.19  ? 3   ASN A CA    1 
ATOM   448  C C     . ASN C 3 1  ? 17.955  -26.754 18.008  1.00 44.28  ? 3   ASN A C     1 
ATOM   449  O O     . ASN C 3 1  ? 17.322  -27.312 17.100  1.00 44.57  ? 3   ASN A O     1 
ATOM   450  C CB    . ASN C 3 1  ? 16.889  -24.700 18.809  1.00 42.23  ? 3   ASN A CB    1 
ATOM   451  C CG    . ASN C 3 1  ? 17.031  -24.688 20.311  1.00 52.78  ? 3   ASN A CG    1 
ATOM   452  O OD1   . ASN C 3 1  ? 16.694  -23.697 20.959  1.00 58.60  ? 3   ASN A OD1   1 
ATOM   453  N ND2   . ASN C 3 1  ? 17.520  -25.782 20.882  1.00 58.71  ? 3   ASN A ND2   1 
ATOM   454  N N     . ASP C 3 2  ? 18.512  -27.387 19.013  1.00 44.30  ? 4   ASP A N     1 
ATOM   455  C CA    . ASP C 3 2  ? 18.519  -28.815 19.134  1.00 35.96  ? 4   ASP A CA    1 
ATOM   456  C C     . ASP C 3 2  ? 17.204  -29.345 19.689  1.00 29.54  ? 4   ASP A C     1 
ATOM   457  O O     . ASP C 3 2  ? 16.905  -30.519 19.544  1.00 29.35  ? 4   ASP A O     1 
ATOM   458  C CB    . ASP C 3 2  ? 19.716  -29.180 19.993  1.00 42.58  ? 4   ASP A CB    1 
ATOM   459  C CG    . ASP C 3 2  ? 20.953  -28.368 19.612  1.00 45.14  ? 4   ASP A CG    1 
ATOM   460  O OD1   . ASP C 3 2  ? 21.817  -28.878 18.876  1.00 50.35  ? 4   ASP A OD1   1 
ATOM   461  O OD2   . ASP C 3 2  ? 21.054  -27.203 20.042  1.00 57.67  ? 4   ASP A OD2   1 
ATOM   462  N N     . ASP C 3 3  ? 16.420  -28.488 20.342  1.00 22.26  ? 5   ASP A N     1 
ATOM   463  C CA    . ASP C 3 3  ? 15.129  -28.920 20.848  1.00 16.12  ? 5   ASP A CA    1 
ATOM   464  C C     . ASP C 3 3  ? 14.182  -28.900 19.644  1.00 20.03  ? 5   ASP A C     1 
ATOM   465  O O     . ASP C 3 3  ? 13.477  -29.860 19.349  1.00 30.48  ? 5   ASP A O     1 
ATOM   466  C CB    . ASP C 3 3  ? 14.628  -27.985 21.932  1.00 16.36  ? 5   ASP A CB    1 
ATOM   467  C CG    . ASP C 3 3  ? 15.403  -28.127 23.260  1.00 27.35  ? 5   ASP A CG    1 
ATOM   468  O OD1   . ASP C 3 3  ? 14.943  -27.567 24.285  1.00 35.42  ? 5   ASP A OD1   1 
ATOM   469  O OD2   . ASP C 3 3  ? 16.460  -28.782 23.300  1.00 21.26  ? 5   ASP A OD2   1 
ATOM   470  N N     . ILE C 3 4  ? 14.263  -27.829 18.884  1.00 15.55  ? 6   ILE A N     1 
ATOM   471  C CA    . ILE C 3 4  ? 13.434  -27.647 17.703  1.00 13.60  ? 6   ILE A CA    1 
ATOM   472  C C     . ILE C 3 4  ? 13.435  -28.844 16.762  1.00 12.91  ? 6   ILE A C     1 
ATOM   473  O O     . ILE C 3 4  ? 12.411  -29.222 16.200  1.00 17.80  ? 6   ILE A O     1 
ATOM   474  C CB    . ILE C 3 4  ? 13.946  -26.405 16.928  1.00 13.80  ? 6   ILE A CB    1 
ATOM   475  C CG1   . ILE C 3 4  ? 13.325  -25.127 17.474  1.00 21.28  ? 6   ILE A CG1   1 
ATOM   476  C CG2   . ILE C 3 4  ? 13.643  -26.512 15.478  1.00 21.47  ? 6   ILE A CG2   1 
ATOM   477  C CD1   . ILE C 3 4  ? 13.538  -24.899 18.963  1.00 38.11  ? 6   ILE A CD1   1 
ATOM   478  N N     . GLU C 3 5  ? 14.606  -29.395 16.517  1.00 12.73  ? 7   GLU A N     1 
ATOM   479  C CA    . GLU C 3 5  ? 14.692  -30.503 15.584  1.00 14.55  ? 7   GLU A CA    1 
ATOM   480  C C     . GLU C 3 5  ? 14.138  -31.790 16.133  1.00 20.41  ? 7   GLU A C     1 
ATOM   481  O O     . GLU C 3 5  ? 13.709  -32.657 15.384  1.00 25.65  ? 7   GLU A O     1 
ATOM   482  C CB    . GLU C 3 5  ? 16.137  -30.690 15.141  1.00 17.26  ? 7   GLU A CB    1 
ATOM   483  C CG    . GLU C 3 5  ? 16.730  -29.461 14.513  1.00 20.23  ? 7   GLU A CG    1 
ATOM   484  C CD    . GLU C 3 5  ? 15.961  -28.995 13.261  1.00 37.96  ? 7   GLU A CD    1 
ATOM   485  O OE1   . GLU C 3 5  ? 14.934  -29.612 12.870  1.00 45.48  ? 7   GLU A OE1   1 
ATOM   486  O OE2   . GLU C 3 5  ? 16.385  -27.986 12.658  1.00 41.93  ? 7   GLU A OE2   1 
ATOM   487  N N     . VAL C 3 6  ? 14.111  -31.906 17.454  1.00 20.65  ? 8   VAL A N     1 
ATOM   488  C CA    . VAL C 3 6  ? 13.606  -33.105 18.073  1.00 7.98   ? 8   VAL A CA    1 
ATOM   489  C C     . VAL C 3 6  ? 12.241  -32.951 18.695  1.00 8.93   ? 8   VAL A C     1 
ATOM   490  O O     . VAL C 3 6  ? 11.805  -33.839 19.395  1.00 20.05  ? 8   VAL A O     1 
ATOM   491  C CB    . VAL C 3 6  ? 14.591  -33.638 19.080  1.00 2.00   ? 8   VAL A CB    1 
ATOM   492  C CG1   . VAL C 3 6  ? 15.820  -34.007 18.349  1.00 5.38   ? 8   VAL A CG1   1 
ATOM   493  C CG2   . VAL C 3 6  ? 14.911  -32.615 20.127  1.00 2.01   ? 8   VAL A CG2   1 
ATOM   494  N N     . GLU C 3 7  ? 11.568  -31.837 18.429  1.00 6.25   ? 9   GLU A N     1 
ATOM   495  C CA    . GLU C 3 7  ? 10.242  -31.588 18.971  1.00 5.83   ? 9   GLU A CA    1 
ATOM   496  C C     . GLU C 3 7  ? 9.159   -32.427 18.293  1.00 13.29  ? 9   GLU A C     1 
ATOM   497  O O     . GLU C 3 7  ? 9.265   -32.838 17.123  1.00 16.17  ? 9   GLU A O     1 
ATOM   498  C CB    . GLU C 3 7  ? 9.854   -30.153 18.803  1.00 10.26  ? 9   GLU A CB    1 
ATOM   499  C CG    . GLU C 3 7  ? 9.597   -29.824 17.347  1.00 16.39  ? 9   GLU A CG    1 
ATOM   500  C CD    . GLU C 3 7  ? 9.108   -28.416 17.153  1.00 23.16  ? 9   GLU A CD    1 
ATOM   501  O OE1   . GLU C 3 7  ? 9.108   -27.647 18.141  1.00 27.31  ? 9   GLU A OE1   1 
ATOM   502  O OE2   . GLU C 3 7  ? 8.732   -28.075 16.012  1.00 29.46  ? 9   GLU A OE2   1 
ATOM   503  N N     . SER C 3 8  ? 8.071   -32.569 19.039  1.00 10.17  ? 10  SER A N     1 
ATOM   504  C CA    . SER C 3 8  ? 6.927   -33.353 18.669  1.00 6.27   ? 10  SER A CA    1 
ATOM   505  C C     . SER C 3 8  ? 6.151   -32.729 17.568  1.00 15.90  ? 10  SER A C     1 
ATOM   506  O O     . SER C 3 8  ? 6.248   -31.531 17.323  1.00 22.72  ? 10  SER A O     1 
ATOM   507  C CB    . SER C 3 8  ? 6.020   -33.467 19.865  1.00 3.62   ? 10  SER A CB    1 
ATOM   508  O OG    . SER C 3 8  ? 5.502   -32.206 20.223  1.00 2.99   ? 10  SER A OG    1 
ATOM   509  N N     . ASP C 3 9  ? 5.279   -33.528 16.977  1.00 15.17  ? 11  ASP A N     1 
ATOM   510  C CA    . ASP C 3 9  ? 4.452   -33.042 15.897  1.00 10.09  ? 11  ASP A CA    1 
ATOM   511  C C     . ASP C 3 9  ? 3.461   -31.994 16.391  1.00 13.65  ? 11  ASP A C     1 
ATOM   512  O O     . ASP C 3 9  ? 3.268   -30.988 15.740  1.00 13.97  ? 11  ASP A O     1 
ATOM   513  C CB    . ASP C 3 9  ? 3.769   -34.209 15.231  1.00 6.04   ? 11  ASP A CB    1 
ATOM   514  C CG    . ASP C 3 9  ? 4.754   -35.147 14.589  1.00 21.80  ? 11  ASP A CG    1 
ATOM   515  O OD1   . ASP C 3 9  ? 4.334   -36.246 14.169  1.00 31.92  ? 11  ASP A OD1   1 
ATOM   516  O OD2   . ASP C 3 9  ? 5.950   -34.777 14.483  1.00 35.22  ? 11  ASP A OD2   1 
ATOM   517  N N     . ALA C 3 10 ? 2.883   -32.195 17.575  1.00 16.84  ? 12  ALA A N     1 
ATOM   518  C CA    . ALA C 3 10 ? 1.952   -31.215 18.129  1.00 8.36   ? 12  ALA A CA    1 
ATOM   519  C C     . ALA C 3 10 ? 2.706   -29.883 18.207  1.00 10.38  ? 12  ALA A C     1 
ATOM   520  O O     . ALA C 3 10 ? 2.145   -28.840 17.954  1.00 8.86   ? 12  ALA A O     1 
ATOM   521  C CB    . ALA C 3 10 ? 1.525   -31.632 19.510  1.00 3.91   ? 12  ALA A CB    1 
ATOM   522  N N     . ASP C 3 11 ? 3.996   -29.946 18.521  1.00 3.74   ? 13  ASP A N     1 
ATOM   523  C CA    . ASP C 3 11 ? 4.828   -28.771 18.631  1.00 2.00   ? 13  ASP A CA    1 
ATOM   524  C C     . ASP C 3 11 ? 5.099   -28.122 17.278  1.00 10.93  ? 13  ASP A C     1 
ATOM   525  O O     . ASP C 3 11 ? 5.255   -26.903 17.188  1.00 13.73  ? 13  ASP A O     1 
ATOM   526  C CB    . ASP C 3 11 ? 6.152   -29.147 19.293  1.00 5.29   ? 13  ASP A CB    1 
ATOM   527  C CG    . ASP C 3 11 ? 6.124   -28.983 20.797  1.00 8.40   ? 13  ASP A CG    1 
ATOM   528  O OD1   . ASP C 3 11 ? 5.032   -28.805 21.369  1.00 17.41  ? 13  ASP A OD1   1 
ATOM   529  O OD2   . ASP C 3 11 ? 7.203   -29.017 21.410  1.00 9.23   ? 13  ASP A OD2   1 
ATOM   530  N N     . LYS C 3 12 ? 5.240   -28.942 16.241  1.00 12.91  ? 14  LYS A N     1 
ATOM   531  C CA    . LYS C 3 12 ? 5.480   -28.442 14.901  1.00 7.78   ? 14  LYS A CA    1 
ATOM   532  C C     . LYS C 3 12 ? 4.224   -27.733 14.394  1.00 12.09  ? 14  LYS A C     1 
ATOM   533  O O     . LYS C 3 12 ? 4.298   -26.596 13.944  1.00 17.75  ? 14  LYS A O     1 
ATOM   534  C CB    . LYS C 3 12 ? 5.852   -29.601 13.980  1.00 8.86   ? 14  LYS A CB    1 
ATOM   535  C CG    . LYS C 3 12 ? 7.297   -30.077 14.147  1.00 30.41  ? 14  LYS A CG    1 
ATOM   536  C CD    . LYS C 3 12 ? 7.498   -31.595 14.005  1.00 36.86  ? 14  LYS A CD    1 
ATOM   537  C CE    . LYS C 3 12 ? 8.088   -32.001 12.645  1.00 50.23  ? 14  LYS A CE    1 
ATOM   538  N NZ    . LYS C 3 12 ? 8.181   -33.500 12.412  1.00 58.30  ? 14  LYS A NZ    1 
ATOM   539  N N     . ARG C 3 13 ? 3.065   -28.375 14.538  1.00 15.49  ? 15  ARG A N     1 
ATOM   540  C CA    . ARG C 3 13 ? 1.780   -27.836 14.081  1.00 15.00  ? 15  ARG A CA    1 
ATOM   541  C C     . ARG C 3 13 ? 1.562   -26.509 14.713  1.00 12.60  ? 15  ARG A C     1 
ATOM   542  O O     . ARG C 3 13 ? 1.503   -25.482 14.054  1.00 19.14  ? 15  ARG A O     1 
ATOM   543  C CB    . ARG C 3 13 ? 0.627   -28.734 14.505  1.00 17.68  ? 15  ARG A CB    1 
ATOM   544  C CG    . ARG C 3 13 ? -0.410  -28.984 13.425  1.00 42.51  ? 15  ARG A CG    1 
ATOM   545  C CD    . ARG C 3 13 ? -1.634  -29.747 13.961  1.00 60.27  ? 15  ARG A CD    1 
ATOM   546  N NE    . ARG C 3 13 ? -2.409  -28.966 14.938  1.00 76.69  ? 15  ARG A NE    1 
ATOM   547  C CZ    . ARG C 3 13 ? -3.508  -29.399 15.560  1.00 81.65  ? 15  ARG A CZ    1 
ATOM   548  N NH1   . ARG C 3 13 ? -3.974  -30.617 15.308  1.00 88.40  ? 15  ARG A NH1   1 
ATOM   549  N NH2   . ARG C 3 13 ? -4.137  -28.622 16.441  1.00 81.46  ? 15  ARG A NH2   1 
ATOM   550  N N     . ALA C 3 14 ? 1.518   -26.531 16.020  1.00 14.38  ? 16  ALA A N     1 
ATOM   551  C CA    . ALA C 3 14 ? 1.294   -25.319 16.783  1.00 21.73  ? 16  ALA A CA    1 
ATOM   552  C C     . ALA C 3 14 ? 2.150   -24.165 16.326  1.00 20.99  ? 16  ALA A C     1 
ATOM   553  O O     . ALA C 3 14 ? 1.697   -23.019 16.270  1.00 26.39  ? 16  ALA A O     1 
ATOM   554  C CB    . ALA C 3 14 ? 1.545   -25.564 18.243  1.00 16.14  ? 16  ALA A CB    1 
ATOM   555  N N     . HIS C 3 15 ? 3.398   -24.465 16.021  1.00 21.46  ? 17  HIS A N     1 
ATOM   556  C CA    . HIS C 3 15 ? 4.325   -23.437 15.579  1.00 28.16  ? 17  HIS A CA    1 
ATOM   557  C C     . HIS C 3 15 ? 3.970   -22.911 14.182  1.00 25.71  ? 17  HIS A C     1 
ATOM   558  O O     . HIS C 3 15 ? 3.861   -21.696 13.963  1.00 19.49  ? 17  HIS A O     1 
ATOM   559  C CB    . HIS C 3 15 ? 5.743   -23.995 15.574  1.00 31.07  ? 17  HIS A CB    1 
ATOM   560  C CG    . HIS C 3 15 ? 6.795   -22.952 15.382  1.00 37.73  ? 17  HIS A CG    1 
ATOM   561  N ND1   . HIS C 3 15 ? 7.546   -22.843 14.231  1.00 30.00  ? 17  HIS A ND1   1 
ATOM   562  C CD2   . HIS C 3 15 ? 7.265   -22.006 16.229  1.00 53.30  ? 17  HIS A CD2   1 
ATOM   563  C CE1   . HIS C 3 15 ? 8.444   -21.885 14.383  1.00 33.31  ? 17  HIS A CE1   1 
ATOM   564  N NE2   . HIS C 3 15 ? 8.293   -21.361 15.586  1.00 48.29  ? 17  HIS A NE2   1 
ATOM   565  N N     . HIS C 3 16 ? 3.779   -23.827 13.242  1.00 18.75  ? 18  HIS A N     1 
ATOM   566  C CA    . HIS C 3 16 ? 3.433   -23.443 11.884  1.00 21.49  ? 18  HIS A CA    1 
ATOM   567  C C     . HIS C 3 16 ? 2.289   -22.460 11.930  1.00 24.24  ? 18  HIS A C     1 
ATOM   568  O O     . HIS C 3 16 ? 2.333   -21.399 11.308  1.00 34.79  ? 18  HIS A O     1 
ATOM   569  C CB    . HIS C 3 16 ? 2.982   -24.653 11.092  1.00 7.84   ? 18  HIS A CB    1 
ATOM   570  C CG    . HIS C 3 16 ? 2.812   -24.375 9.638   1.00 13.41  ? 18  HIS A CG    1 
ATOM   571  N ND1   . HIS C 3 16 ? 1.696   -24.758 8.937   1.00 23.13  ? 18  HIS A ND1   1 
ATOM   572  C CD2   . HIS C 3 16 ? 3.648   -23.811 8.735   1.00 24.94  ? 18  HIS A CD2   1 
ATOM   573  C CE1   . HIS C 3 16 ? 1.848   -24.456 7.660   1.00 19.56  ? 18  HIS A CE1   1 
ATOM   574  N NE2   . HIS C 3 16 ? 3.025   -23.884 7.511   1.00 32.45  ? 18  HIS A NE2   1 
ATOM   575  N N     . ASN C 3 17 ? 1.288   -22.815 12.718  1.00 20.05  ? 19  ASN A N     1 
ATOM   576  C CA    . ASN C 3 17 ? 0.093   -22.015 12.882  1.00 12.47  ? 19  ASN A CA    1 
ATOM   577  C C     . ASN C 3 17 ? 0.383   -20.671 13.529  1.00 12.15  ? 19  ASN A C     1 
ATOM   578  O O     . ASN C 3 17 ? -0.180  -19.661 13.160  1.00 18.23  ? 19  ASN A O     1 
ATOM   579  C CB    . ASN C 3 17 ? -0.909  -22.778 13.747  1.00 17.00  ? 19  ASN A CB    1 
ATOM   580  C CG    . ASN C 3 17 ? -1.544  -23.987 13.042  1.00 14.24  ? 19  ASN A CG    1 
ATOM   581  O OD1   . ASN C 3 17 ? -2.296  -24.709 13.669  1.00 27.83  ? 19  ASN A OD1   1 
ATOM   582  N ND2   . ASN C 3 17 ? -1.294  -24.175 11.750  1.00 17.08  ? 19  ASN A ND2   1 
ATOM   583  N N     . ALA C 3 18 ? 1.237   -20.671 14.533  1.00 12.56  ? 20  ALA A N     1 
ATOM   584  C CA    . ALA C 3 18 ? 1.581   -19.453 15.236  1.00 8.82   ? 20  ALA A CA    1 
ATOM   585  C C     . ALA C 3 18 ? 2.316   -18.522 14.303  1.00 13.11  ? 20  ALA A C     1 
ATOM   586  O O     . ALA C 3 18 ? 2.135   -17.322 14.369  1.00 20.31  ? 20  ALA A O     1 
ATOM   587  C CB    . ALA C 3 18 ? 2.456   -19.779 16.418  1.00 6.76   ? 20  ALA A CB    1 
ATOM   588  N N     . LEU C 3 19 ? 3.174   -19.062 13.456  1.00 10.14  ? 21  LEU A N     1 
ATOM   589  C CA    . LEU C 3 19 ? 3.907   -18.209 12.555  1.00 11.91  ? 21  LEU A CA    1 
ATOM   590  C C     . LEU C 3 19 ? 2.977   -17.580 11.544  1.00 18.04  ? 21  LEU A C     1 
ATOM   591  O O     . LEU C 3 19 ? 3.189   -16.423 11.143  1.00 20.15  ? 21  LEU A O     1 
ATOM   592  C CB    . LEU C 3 19 ? 5.001   -18.982 11.835  1.00 16.91  ? 21  LEU A CB    1 
ATOM   593  C CG    . LEU C 3 19 ? 6.242   -19.387 12.632  1.00 23.92  ? 21  LEU A CG    1 
ATOM   594  C CD1   . LEU C 3 19 ? 7.098   -20.283 11.759  1.00 29.38  ? 21  LEU A CD1   1 
ATOM   595  C CD2   . LEU C 3 19 ? 7.050   -18.189 13.122  1.00 23.17  ? 21  LEU A CD2   1 
ATOM   596  N N     . GLU C 3 20 ? 1.940   -18.308 11.135  1.00 12.02  ? 22  GLU A N     1 
ATOM   597  C CA    . GLU C 3 20 ? 1.030   -17.749 10.146  1.00 16.76  ? 22  GLU A CA    1 
ATOM   598  C C     . GLU C 3 20 ? 0.185   -16.655 10.762  1.00 15.28  ? 22  GLU A C     1 
ATOM   599  O O     . GLU C 3 20 ? -0.117  -15.658 10.119  1.00 26.32  ? 22  GLU A O     1 
ATOM   600  C CB    . GLU C 3 20 ? 0.163   -18.824 9.499   1.00 18.83  ? 22  GLU A CB    1 
ATOM   601  C CG    . GLU C 3 20 ? -0.880  -18.292 8.537   1.00 36.34  ? 22  GLU A CG    1 
ATOM   602  C CD    . GLU C 3 20 ? -0.359  -18.024 7.144   1.00 38.35  ? 22  GLU A CD    1 
ATOM   603  O OE1   . GLU C 3 20 ? 0.850   -18.208 6.903   1.00 26.93  ? 22  GLU A OE1   1 
ATOM   604  O OE2   . GLU C 3 20 ? -1.186  -17.632 6.283   1.00 55.50  ? 22  GLU A OE2   1 
ATOM   605  N N     . ARG C 3 21 ? -0.155  -16.807 12.030  1.00 16.15  ? 23  ARG A N     1 
ATOM   606  C CA    . ARG C 3 21 ? -0.965  -15.802 12.700  1.00 11.97  ? 23  ARG A CA    1 
ATOM   607  C C     . ARG C 3 21 ? -0.161  -14.525 12.744  1.00 11.85  ? 23  ARG A C     1 
ATOM   608  O O     . ARG C 3 21 ? -0.642  -13.445 12.430  1.00 19.80  ? 23  ARG A O     1 
ATOM   609  C CB    . ARG C 3 21 ? -1.297  -16.254 14.097  1.00 5.82   ? 23  ARG A CB    1 
ATOM   610  C CG    . ARG C 3 21 ? -2.577  -15.666 14.638  1.00 42.06  ? 23  ARG A CG    1 
ATOM   611  C CD    . ARG C 3 21 ? -3.004  -16.400 15.897  1.00 44.55  ? 23  ARG A CD    1 
ATOM   612  N NE    . ARG C 3 21 ? -3.228  -17.803 15.697  1.00 49.32  ? 23  ARG A NE    1 
ATOM   613  C CZ    . ARG C 3 21 ? -2.709  -18.892 16.265  1.00 56.97  ? 23  ARG A CZ    1 
ATOM   614  N NH1   . ARG C 3 21 ? -3.217  -20.018 15.806  1.00 51.03  ? 23  ARG A NH1   1 
ATOM   615  N NH2   . ARG C 3 21 ? -1.727  -18.936 17.174  1.00 61.86  ? 23  ARG A NH2   1 
ATOM   616  N N     . LYS C 3 22 ? 1.109   -14.679 13.046  1.00 16.40  ? 24  LYS A N     1 
ATOM   617  C CA    . LYS C 3 22 ? 2.004   -13.564 13.126  1.00 15.20  ? 24  LYS A CA    1 
ATOM   618  C C     . LYS C 3 22 ? 2.158   -12.909 11.740  1.00 15.39  ? 24  LYS A C     1 
ATOM   619  O O     . LYS C 3 22 ? 2.151   -11.679 11.625  1.00 15.62  ? 24  LYS A O     1 
ATOM   620  C CB    . LYS C 3 22 ? 3.335   -14.044 13.705  1.00 25.56  ? 24  LYS A CB    1 
ATOM   621  C CG    . LYS C 3 22 ? 4.112   -12.962 14.463  1.00 51.13  ? 24  LYS A CG    1 
ATOM   622  C CD    . LYS C 3 22 ? 5.298   -13.520 15.267  1.00 60.66  ? 24  LYS A CD    1 
ATOM   623  C CE    . LYS C 3 22 ? 6.304   -14.272 14.385  1.00 68.05  ? 24  LYS A CE    1 
ATOM   624  N NZ    . LYS C 3 22 ? 6.904   -13.431 13.303  1.00 70.15  ? 24  LYS A NZ    1 
ATOM   625  N N     . ARG C 3 23 ? 2.253   -13.713 10.684  1.00 14.31  ? 25  ARG A N     1 
ATOM   626  C CA    . ARG C 3 23 ? 2.381   -13.156 9.340   1.00 9.17   ? 25  ARG A CA    1 
ATOM   627  C C     . ARG C 3 23 ? 1.128   -12.315 9.044   1.00 15.09  ? 25  ARG A C     1 
ATOM   628  O O     . ARG C 3 23 ? 1.222   -11.127 8.707   1.00 22.24  ? 25  ARG A O     1 
ATOM   629  C CB    . ARG C 3 23 ? 2.547   -14.272 8.299   1.00 10.45  ? 25  ARG A CB    1 
ATOM   630  C CG    . ARG C 3 23 ? 2.855   -13.746 6.899   1.00 32.00  ? 25  ARG A CG    1 
ATOM   631  C CD    . ARG C 3 23 ? 2.923   -14.811 5.812   1.00 25.95  ? 25  ARG A CD    1 
ATOM   632  N NE    . ARG C 3 23 ? 1.627   -15.076 5.194   1.00 26.03  ? 25  ARG A NE    1 
ATOM   633  C CZ    . ARG C 3 23 ? 1.258   -14.603 4.007   1.00 46.29  ? 25  ARG A CZ    1 
ATOM   634  N NH1   . ARG C 3 23 ? 2.090   -13.831 3.316   1.00 44.88  ? 25  ARG A NH1   1 
ATOM   635  N NH2   . ARG C 3 23 ? 0.080   -14.946 3.481   1.00 55.94  ? 25  ARG A NH2   1 
ATOM   636  N N     . ARG C 3 24 ? -0.043  -12.907 9.242   1.00 13.55  ? 26  ARG A N     1 
ATOM   637  C CA    . ARG C 3 24 ? -1.291  -12.207 8.994   1.00 10.87  ? 26  ARG A CA    1 
ATOM   638  C C     . ARG C 3 24 ? -1.413  -10.945 9.842   1.00 12.50  ? 26  ARG A C     1 
ATOM   639  O O     . ARG C 3 24 ? -2.012  -9.967  9.398   1.00 19.93  ? 26  ARG A O     1 
ATOM   640  C CB    . ARG C 3 24 ? -2.488  -13.116 9.249   1.00 5.83   ? 26  ARG A CB    1 
ATOM   641  C CG    . ARG C 3 24 ? -2.552  -14.306 8.325   1.00 3.48   ? 26  ARG A CG    1 
ATOM   642  C CD    . ARG C 3 24 ? -3.892  -15.051 8.405   1.00 16.73  ? 26  ARG A CD    1 
ATOM   643  N NE    . ARG C 3 24 ? -4.099  -15.688 9.705   1.00 29.98  ? 26  ARG A NE    1 
ATOM   644  C CZ    . ARG C 3 24 ? -4.001  -16.993 9.905   1.00 26.66  ? 26  ARG A CZ    1 
ATOM   645  N NH1   . ARG C 3 24 ? -3.722  -17.777 8.875   1.00 26.19  ? 26  ARG A NH1   1 
ATOM   646  N NH2   . ARG C 3 24 ? -4.070  -17.495 11.136  1.00 29.96  ? 26  ARG A NH2   1 
ATOM   647  N N     . ASP C 3 25 ? -0.859  -10.938 11.050  1.00 6.03   ? 27  ASP A N     1 
ATOM   648  C CA    . ASP C 3 25 ? -0.990  -9.728  11.870  1.00 13.74  ? 27  ASP A CA    1 
ATOM   649  C C     . ASP C 3 25 ? -0.122  -8.630  11.330  1.00 16.36  ? 27  ASP A C     1 
ATOM   650  O O     . ASP C 3 25 ? -0.469  -7.464  11.443  1.00 13.55  ? 27  ASP A O     1 
ATOM   651  C CB    . ASP C 3 25 ? -0.643  -9.941  13.349  1.00 16.88  ? 27  ASP A CB    1 
ATOM   652  C CG    . ASP C 3 25 ? -1.675  -10.748 14.102  1.00 24.40  ? 27  ASP A CG    1 
ATOM   653  O OD1   . ASP C 3 25 ? -2.854  -10.795 13.682  1.00 45.78  ? 27  ASP A OD1   1 
ATOM   654  O OD2   . ASP C 3 25 ? -1.289  -11.357 15.126  1.00 35.41  ? 27  ASP A OD2   1 
ATOM   655  N N     . HIS C 3 26 ? 1.025   -8.992  10.765  1.00 24.06  ? 28  HIS A N     1 
ATOM   656  C CA    . HIS C 3 26 ? 1.903   -7.977  10.229  1.00 23.47  ? 28  HIS A CA    1 
ATOM   657  C C     . HIS C 3 26 ? 1.179   -7.314  9.082   1.00 14.35  ? 28  HIS A C     1 
ATOM   658  O O     . HIS C 3 26 ? 1.045   -6.095  9.041   1.00 18.21  ? 28  HIS A O     1 
ATOM   659  C CB    . HIS C 3 26 ? 3.239   -8.561  9.749   1.00 43.38  ? 28  HIS A CB    1 
ATOM   660  C CG    . HIS C 3 26 ? 4.200   -7.525  9.222   1.00 67.28  ? 28  HIS A CG    1 
ATOM   661  N ND1   . HIS C 3 26 ? 5.390   -7.851  8.606   1.00 77.20  ? 28  HIS A ND1   1 
ATOM   662  C CD2   . HIS C 3 26 ? 4.140   -6.167  9.216   1.00 72.59  ? 28  HIS A CD2   1 
ATOM   663  C CE1   . HIS C 3 26 ? 6.020   -6.744  8.248   1.00 77.60  ? 28  HIS A CE1   1 
ATOM   664  N NE2   . HIS C 3 26 ? 5.279   -5.707  8.604   1.00 71.13  ? 28  HIS A NE2   1 
ATOM   665  N N     . ILE C 3 27 ? 0.651   -8.119  8.179   1.00 7.69   ? 29  ILE A N     1 
ATOM   666  C CA    . ILE C 3 27 ? -0.037  -7.560  7.038   1.00 5.37   ? 29  ILE A CA    1 
ATOM   667  C C     . ILE C 3 27 ? -1.239  -6.723  7.430   1.00 9.41   ? 29  ILE A C     1 
ATOM   668  O O     . ILE C 3 27 ? -1.481  -5.655  6.869   1.00 16.24  ? 29  ILE A O     1 
ATOM   669  C CB    . ILE C 3 27 ? -0.412  -8.660  6.083   1.00 2.00   ? 29  ILE A CB    1 
ATOM   670  C CG1   . ILE C 3 27 ? 0.862   -9.266  5.540   1.00 2.01   ? 29  ILE A CG1   1 
ATOM   671  C CG2   . ILE C 3 27 ? -1.296  -8.138  4.955   1.00 4.25   ? 29  ILE A CG2   1 
ATOM   672  C CD1   . ILE C 3 27 ? 0.593   -10.410 4.669   1.00 5.91   ? 29  ILE A CD1   1 
ATOM   673  N N     . LYS C 3 28 ? -1.997  -7.192  8.407   1.00 15.49  ? 30  LYS A N     1 
ATOM   674  C CA    . LYS C 3 28 ? -3.170  -6.451  8.837   1.00 13.93  ? 30  LYS A CA    1 
ATOM   675  C C     . LYS C 3 28 ? -2.688  -5.106  9.336   1.00 11.24  ? 30  LYS A C     1 
ATOM   676  O O     . LYS C 3 28 ? -3.294  -4.068  9.110   1.00 13.86  ? 30  LYS A O     1 
ATOM   677  C CB    . LYS C 3 28 ? -3.879  -7.210  9.930   1.00 8.34   ? 30  LYS A CB    1 
ATOM   678  C CG    . LYS C 3 28 ? -5.038  -6.493  10.542  1.00 20.20  ? 30  LYS A CG    1 
ATOM   679  C CD    . LYS C 3 28 ? -5.651  -7.425  11.567  1.00 46.44  ? 30  LYS A CD    1 
ATOM   680  C CE    . LYS C 3 28 ? -6.908  -6.870  12.211  1.00 63.32  ? 30  LYS A CE    1 
ATOM   681  N NZ    . LYS C 3 28 ? -7.625  -7.954  12.983  1.00 80.04  ? 30  LYS A NZ    1 
ATOM   682  N N     . ASP C 3 29 ? -1.522  -5.111  9.937   1.00 11.74  ? 31  ASP A N     1 
ATOM   683  C CA    . ASP C 3 29 ? -1.014  -3.867  10.427  1.00 8.87   ? 31  ASP A CA    1 
ATOM   684  C C     . ASP C 3 29 ? -0.621  -2.982  9.289   1.00 9.62   ? 31  ASP A C     1 
ATOM   685  O O     . ASP C 3 29 ? -1.060  -1.845  9.238   1.00 12.39  ? 31  ASP A O     1 
ATOM   686  C CB    . ASP C 3 29 ? 0.135   -4.103  11.372  1.00 16.76  ? 31  ASP A CB    1 
ATOM   687  C CG    . ASP C 3 29 ? -0.265  -3.868  12.797  1.00 32.33  ? 31  ASP A CG    1 
ATOM   688  O OD1   . ASP C 3 29 ? 0.646   -3.716  13.633  1.00 45.76  ? 31  ASP A OD1   1 
ATOM   689  O OD2   . ASP C 3 29 ? -1.494  -3.813  13.083  1.00 39.25  ? 31  ASP A OD2   1 
ATOM   690  N N     . SER C 3 30 ? 0.149   -3.523  8.348   1.00 2.42   ? 32  SER A N     1 
ATOM   691  C CA    . SER C 3 30 ? 0.574   -2.776  7.187   1.00 2.00   ? 32  SER A CA    1 
ATOM   692  C C     . SER C 3 30 ? -0.579  -2.210  6.363   1.00 2.38   ? 32  SER A C     1 
ATOM   693  O O     . SER C 3 30 ? -0.465  -1.154  5.785   1.00 9.96   ? 32  SER A O     1 
ATOM   694  C CB    . SER C 3 30 ? 1.477   -3.649  6.369   1.00 4.32   ? 32  SER A CB    1 
ATOM   695  O OG    . SER C 3 30 ? 2.628   -3.928  7.156   1.00 8.90   ? 32  SER A OG    1 
ATOM   696  N N     . PHE C 3 31 ? -1.706  -2.894  6.327   1.00 9.19   ? 33  PHE A N     1 
ATOM   697  C CA    . PHE C 3 31 ? -2.864  -2.374  5.613   1.00 12.00  ? 33  PHE A CA    1 
ATOM   698  C C     . PHE C 3 31 ? -3.367  -1.157  6.403   1.00 14.92  ? 33  PHE A C     1 
ATOM   699  O O     . PHE C 3 31 ? -3.864  -0.196  5.832   1.00 17.90  ? 33  PHE A O     1 
ATOM   700  C CB    . PHE C 3 31 ? -3.989  -3.429  5.574   1.00 13.99  ? 33  PHE A CB    1 
ATOM   701  C CG    . PHE C 3 31 ? -4.075  -4.194  4.283   1.00 5.53   ? 33  PHE A CG    1 
ATOM   702  C CD1   . PHE C 3 31 ? -4.496  -3.570  3.119   1.00 3.87   ? 33  PHE A CD1   1 
ATOM   703  C CD2   . PHE C 3 31 ? -3.702  -5.535  4.230   1.00 2.00   ? 33  PHE A CD2   1 
ATOM   704  C CE1   . PHE C 3 31 ? -4.551  -4.282  1.914   1.00 5.61   ? 33  PHE A CE1   1 
ATOM   705  C CE2   . PHE C 3 31 ? -3.756  -6.255  3.021   1.00 6.77   ? 33  PHE A CE2   1 
ATOM   706  C CZ    . PHE C 3 31 ? -4.179  -5.618  1.862   1.00 2.00   ? 33  PHE A CZ    1 
ATOM   707  N N     . HIS C 3 32 ? -3.274  -1.223  7.727   1.00 17.13  ? 34  HIS A N     1 
ATOM   708  C CA    . HIS C 3 32 ? -3.744  -0.142  8.580   1.00 17.06  ? 34  HIS A CA    1 
ATOM   709  C C     . HIS C 3 32 ? -2.980  1.129   8.270   1.00 14.62  ? 34  HIS A C     1 
ATOM   710  O O     . HIS C 3 32 ? -3.576  2.176   7.966   1.00 6.73   ? 34  HIS A O     1 
ATOM   711  C CB    . HIS C 3 32 ? -3.543  -0.518  10.042  1.00 45.32  ? 34  HIS A CB    1 
ATOM   712  C CG    . HIS C 3 32 ? -4.205  0.416   11.012  1.00 74.28  ? 34  HIS A CG    1 
ATOM   713  N ND1   . HIS C 3 32 ? -5.090  -0.023  11.973  1.00 86.43  ? 34  HIS A ND1   1 
ATOM   714  C CD2   . HIS C 3 32 ? -4.114  1.762   11.166  1.00 82.19  ? 34  HIS A CD2   1 
ATOM   715  C CE1   . HIS C 3 32 ? -5.524  1.012   12.676  1.00 90.88  ? 34  HIS A CE1   1 
ATOM   716  N NE2   . HIS C 3 32 ? -4.947  2.104   12.207  1.00 86.53  ? 34  HIS A NE2   1 
ATOM   717  N N     . SER C 3 33 ? -1.661  1.045   8.386   1.00 5.96   ? 35  SER A N     1 
ATOM   718  C CA    . SER C 3 33 ? -0.800  2.170   8.102   1.00 4.73   ? 35  SER A CA    1 
ATOM   719  C C     . SER C 3 33 ? -0.963  2.724   6.684   1.00 11.25  ? 35  SER A C     1 
ATOM   720  O O     . SER C 3 33 ? -0.857  3.928   6.509   1.00 15.84  ? 35  SER A O     1 
ATOM   721  C CB    . SER C 3 33 ? 0.624   1.771   8.333   1.00 6.52   ? 35  SER A CB    1 
ATOM   722  O OG    . SER C 3 33 ? 0.779   1.276   9.650   1.00 10.55  ? 35  SER A OG    1 
ATOM   723  N N     . LEU C 3 34 ? -1.175  1.874   5.670   1.00 10.35  ? 36  LEU A N     1 
ATOM   724  C CA    . LEU C 3 34 ? -1.395  2.378   4.298   1.00 9.85   ? 36  LEU A CA    1 
ATOM   725  C C     . LEU C 3 34 ? -2.718  3.155   4.325   1.00 11.88  ? 36  LEU A C     1 
ATOM   726  O O     . LEU C 3 34 ? -2.799  4.267   3.844   1.00 18.37  ? 36  LEU A O     1 
ATOM   727  C CB    . LEU C 3 34 ? -1.554  1.246   3.282   1.00 5.20   ? 36  LEU A CB    1 
ATOM   728  C CG    . LEU C 3 34 ? -0.947  1.404   1.885   1.00 2.14   ? 36  LEU A CG    1 
ATOM   729  C CD1   . LEU C 3 34 ? -1.578  0.403   0.872   1.00 2.02   ? 36  LEU A CD1   1 
ATOM   730  C CD2   . LEU C 3 34 ? -1.054  2.803   1.445   1.00 2.01   ? 36  LEU A CD2   1 
ATOM   731  N N     . ARG C 3 35 ? -3.733  2.578   4.945   1.00 10.56  ? 37  ARG A N     1 
ATOM   732  C CA    . ARG C 3 35 ? -5.028  3.203   5.036   1.00 4.07   ? 37  ARG A CA    1 
ATOM   733  C C     . ARG C 3 35 ? -4.883  4.621   5.548   1.00 11.87  ? 37  ARG A C     1 
ATOM   734  O O     . ARG C 3 35 ? -5.338  5.557   4.905   1.00 17.72  ? 37  ARG A O     1 
ATOM   735  C CB    . ARG C 3 35 ? -5.951  2.413   5.989   1.00 7.92   ? 37  ARG A CB    1 
ATOM   736  C CG    . ARG C 3 35 ? -7.402  2.726   5.713   1.00 4.72   ? 37  ARG A CG    1 
ATOM   737  C CD    . ARG C 3 35 ? -8.312  2.424   6.838   1.00 20.87  ? 37  ARG A CD    1 
ATOM   738  N NE    . ARG C 3 35 ? -7.993  3.255   7.982   1.00 31.62  ? 37  ARG A NE    1 
ATOM   739  C CZ    . ARG C 3 35 ? -7.694  2.760   9.176   1.00 37.78  ? 37  ARG A CZ    1 
ATOM   740  N NH1   . ARG C 3 35 ? -7.668  1.448   9.354   1.00 29.75  ? 37  ARG A NH1   1 
ATOM   741  N NH2   . ARG C 3 35 ? -7.466  3.573   10.199  1.00 52.57  ? 37  ARG A NH2   1 
ATOM   742  N N     . ASP C 3 36 ? -4.207  4.782   6.683   1.00 10.43  ? 38  ASP A N     1 
ATOM   743  C CA    . ASP C 3 36 ? -4.054  6.087   7.284   1.00 7.47   ? 38  ASP A CA    1 
ATOM   744  C C     . ASP C 3 36 ? -3.177  7.055   6.493   1.00 13.94  ? 38  ASP A C     1 
ATOM   745  O O     . ASP C 3 36 ? -3.274  8.265   6.675   1.00 27.67  ? 38  ASP A O     1 
ATOM   746  C CB    . ASP C 3 36 ? -3.534  5.938   8.713   1.00 19.80  ? 38  ASP A CB    1 
ATOM   747  C CG    . ASP C 3 36 ? -4.471  5.129   9.603   1.00 22.95  ? 38  ASP A CG    1 
ATOM   748  O OD1   . ASP C 3 36 ? -5.597  4.851   9.154   1.00 11.05  ? 38  ASP A OD1   1 
ATOM   749  O OD2   . ASP C 3 36 ? -4.080  4.782   10.753  1.00 22.29  ? 38  ASP A OD2   1 
ATOM   750  N N     . SER C 3 37 ? -2.314  6.538   5.623   1.00 11.45  ? 39  SER A N     1 
ATOM   751  C CA    . SER C 3 37 ? -1.434  7.380   4.822   1.00 4.48   ? 39  SER A CA    1 
ATOM   752  C C     . SER C 3 37 ? -2.142  8.001   3.642   1.00 7.33   ? 39  SER A C     1 
ATOM   753  O O     . SER C 3 37 ? -1.637  8.951   3.029   1.00 6.57   ? 39  SER A O     1 
ATOM   754  C CB    . SER C 3 37 ? -0.274  6.564   4.295   1.00 2.00   ? 39  SER A CB    1 
ATOM   755  O OG    . SER C 3 37 ? 0.574   6.156   5.349   1.00 16.78  ? 39  SER A OG    1 
ATOM   756  N N     . VAL C 3 38 ? -3.318  7.465   3.327   1.00 6.12   ? 40  VAL A N     1 
ATOM   757  C CA    . VAL C 3 38 ? -4.094  7.918   2.174   1.00 9.91   ? 40  VAL A CA    1 
ATOM   758  C C     . VAL C 3 38 ? -5.285  8.721   2.630   1.00 12.50  ? 40  VAL A C     1 
ATOM   759  O O     . VAL C 3 38 ? -6.223  8.172   3.157   1.00 19.48  ? 40  VAL A O     1 
ATOM   760  C CB    . VAL C 3 38 ? -4.614  6.715   1.363   1.00 2.00   ? 40  VAL A CB    1 
ATOM   761  C CG1   . VAL C 3 38 ? -5.452  7.194   0.254   1.00 6.45   ? 40  VAL A CG1   1 
ATOM   762  C CG2   . VAL C 3 38 ? -3.491  5.913   0.826   1.00 2.48   ? 40  VAL A CG2   1 
ATOM   763  N N     . PRO C 3 39 ? -5.294  10.023  2.369   1.00 18.30  ? 41  PRO A N     1 
ATOM   764  C CA    . PRO C 3 39 ? -6.408  10.863  2.791   1.00 16.32  ? 41  PRO A CA    1 
ATOM   765  C C     . PRO C 3 39 ? -7.819  10.530  2.321   1.00 25.77  ? 41  PRO A C     1 
ATOM   766  O O     . PRO C 3 39 ? -8.767  10.934  2.970   1.00 28.39  ? 41  PRO A O     1 
ATOM   767  C CB    . PRO C 3 39 ? -5.956  12.238  2.369   1.00 15.24  ? 41  PRO A CB    1 
ATOM   768  C CG    . PRO C 3 39 ? -5.078  11.973  1.221   1.00 28.98  ? 41  PRO A CG    1 
ATOM   769  C CD    . PRO C 3 39 ? -4.265  10.829  1.715   1.00 22.50  ? 41  PRO A CD    1 
ATOM   770  N N     . SER C 3 40 ? -7.991  9.768   1.250   1.00 36.95  ? 42  SER A N     1 
ATOM   771  C CA    . SER C 3 40 ? -9.357  9.416   0.817   1.00 39.19  ? 42  SER A CA    1 
ATOM   772  C C     . SER C 3 40 ? -10.035 8.420   1.762   1.00 45.75  ? 42  SER A C     1 
ATOM   773  O O     . SER C 3 40 ? -11.144 7.988   1.496   1.00 51.39  ? 42  SER A O     1 
ATOM   774  C CB    . SER C 3 40 ? -9.356  8.787   -0.571  1.00 30.66  ? 42  SER A CB    1 
ATOM   775  O OG    . SER C 3 40 ? -8.253  9.225   -1.335  1.00 40.52  ? 42  SER A OG    1 
ATOM   776  N N     . LEU C 3 41 ? -9.337  7.989   2.809   1.00 54.18  ? 43  LEU A N     1 
ATOM   777  C CA    . LEU C 3 41 ? -9.876  7.037   3.773   1.00 60.60  ? 43  LEU A CA    1 
ATOM   778  C C     . LEU C 3 41 ? -8.955  7.036   4.981   1.00 83.52  ? 43  LEU A C     1 
ATOM   779  O O     . LEU C 3 41 ? -8.678  5.990   5.558   1.00 87.81  ? 43  LEU A O     1 
ATOM   780  C CB    . LEU C 3 41 ? -9.949  5.644   3.138   1.00 46.71  ? 43  LEU A CB    1 
ATOM   781  C CG    . LEU C 3 41 ? -9.078  5.306   1.922   1.00 22.30  ? 43  LEU A CG    1 
ATOM   782  C CD1   . LEU C 3 41 ? -7.702  4.961   2.364   1.00 14.71  ? 43  LEU A CD1   1 
ATOM   783  C CD2   . LEU C 3 41 ? -9.658  4.154   1.169   1.00 14.13  ? 43  LEU A CD2   1 
ATOM   784  N N     . GLN C 3 42 ? -8.555  8.241   5.393   1.00 110.06 ? 44  GLN A N     1 
ATOM   785  C CA    . GLN C 3 42 ? -7.627  8.479   6.511   1.00 134.05 ? 44  GLN A CA    1 
ATOM   786  C C     . GLN C 3 42 ? -7.766  7.569   7.731   1.00 136.31 ? 44  GLN A C     1 
ATOM   787  O O     . GLN C 3 42 ? -6.774  7.266   8.403   1.00 141.32 ? 44  GLN A O     1 
ATOM   788  C CB    . GLN C 3 42 ? -7.682  9.950   6.955   1.00 156.78 ? 44  GLN A CB    1 
ATOM   789  C CG    . GLN C 3 42 ? -6.554  10.377  7.923   1.00 188.68 ? 44  GLN A CG    1 
ATOM   790  C CD    . GLN C 3 42 ? -7.063  11.117  9.161   1.00 204.84 ? 44  GLN A CD    1 
ATOM   791  O OE1   . GLN C 3 42 ? -8.119  10.788  9.707   1.00 216.44 ? 44  GLN A OE1   1 
ATOM   792  N NE2   . GLN C 3 42 ? -6.306  12.111  9.615   1.00 213.83 ? 44  GLN A NE2   1 
ATOM   793  N N     . GLY C 3 43 ? -8.989  7.166   8.052   1.00 135.60 ? 45  GLY A N     1 
ATOM   794  C CA    . GLY C 3 43 ? -9.164  6.296   9.197   1.00 127.95 ? 45  GLY A CA    1 
ATOM   795  C C     . GLY C 3 43 ? -10.560 5.748   9.353   1.00 122.74 ? 45  GLY A C     1 
ATOM   796  O O     . GLY C 3 43 ? -11.078 5.751   10.463  1.00 124.82 ? 45  GLY A O     1 
ATOM   797  N N     . GLU C 3 44 ? -11.160 5.250   8.272   1.00 116.64 ? 46  GLU A N     1 
ATOM   798  C CA    . GLU C 3 44 ? -12.513 4.706   8.359   1.00 109.18 ? 46  GLU A CA    1 
ATOM   799  C C     . GLU C 3 44 ? -12.846 3.579   7.378   1.00 96.25  ? 46  GLU A C     1 
ATOM   800  O O     . GLU C 3 44 ? -12.749 3.762   6.167   1.00 91.49  ? 46  GLU A O     1 
ATOM   801  C CB    . GLU C 3 44 ? -13.557 5.820   8.189   1.00 121.08 ? 46  GLU A CB    1 
ATOM   802  C CG    . GLU C 3 44 ? -14.913 5.473   8.839   1.00 138.93 ? 46  GLU A CG    1 
ATOM   803  C CD    . GLU C 3 44 ? -16.133 6.028   8.104   1.00 147.74 ? 46  GLU A CD    1 
ATOM   804  O OE1   . GLU C 3 44 ? -17.253 5.536   8.378   1.00 151.03 ? 46  GLU A OE1   1 
ATOM   805  O OE2   . GLU C 3 44 ? -15.979 6.940   7.259   1.00 153.84 ? 46  GLU A OE2   1 
ATOM   806  N N     . LYS C 3 45 ? -13.316 2.452   7.921   1.00 81.96  ? 47  LYS A N     1 
ATOM   807  C CA    . LYS C 3 45 ? -13.724 1.291   7.141   1.00 67.69  ? 47  LYS A CA    1 
ATOM   808  C C     . LYS C 3 45 ? -12.704 0.893   6.085   1.00 56.53  ? 47  LYS A C     1 
ATOM   809  O O     . LYS C 3 45 ? -11.530 0.698   6.408   1.00 62.12  ? 47  LYS A O     1 
ATOM   810  C CB    . LYS C 3 45 ? -15.093 1.540   6.497   1.00 73.90  ? 47  LYS A CB    1 
ATOM   811  C CG    . LYS C 3 45 ? -16.271 1.158   7.380   1.00 90.36  ? 47  LYS A CG    1 
ATOM   812  C CD    . LYS C 3 45 ? -16.414 2.061   8.594   1.00 102.78 ? 47  LYS A CD    1 
ATOM   813  C CE    . LYS C 3 45 ? -17.594 1.643   9.459   1.00 107.70 ? 47  LYS A CE    1 
ATOM   814  N NZ    . LYS C 3 45 ? -17.947 2.690   10.458  1.00 116.75 ? 47  LYS A NZ    1 
ATOM   815  N N     . ALA C 3 46 ? -13.163 0.733   4.845   1.00 32.69  ? 48  ALA A N     1 
ATOM   816  C CA    . ALA C 3 46 ? -12.301 0.371   3.720   1.00 28.07  ? 48  ALA A CA    1 
ATOM   817  C C     . ALA C 3 46 ? -11.824 -1.088  3.723   1.00 27.16  ? 48  ALA A C     1 
ATOM   818  O O     . ALA C 3 46 ? -11.209 -1.554  4.673   1.00 25.38  ? 48  ALA A O     1 
ATOM   819  C CB    . ALA C 3 46 ? -11.120 1.315   3.628   1.00 22.28  ? 48  ALA A CB    1 
ATOM   820  N N     . SER C 3 47 ? -12.152 -1.806  2.652   1.00 18.26  ? 49  SER A N     1 
ATOM   821  C CA    . SER C 3 47 ? -11.787 -3.188  2.491   1.00 15.02  ? 49  SER A CA    1 
ATOM   822  C C     . SER C 3 47 ? -10.367 -3.239  1.905   1.00 25.61  ? 49  SER A C     1 
ATOM   823  O O     . SER C 3 47 ? -9.934  -2.284  1.265   1.00 34.20  ? 49  SER A O     1 
ATOM   824  C CB    . SER C 3 47 ? -12.762 -3.807  1.511   1.00 22.08  ? 49  SER A CB    1 
ATOM   825  O OG    . SER C 3 47 ? -12.924 -2.966  0.379   1.00 26.47  ? 49  SER A OG    1 
ATOM   826  N N     . ARG C 3 48 ? -9.662  -4.359  2.065   1.00 17.76  ? 50  ARG A N     1 
ATOM   827  C CA    . ARG C 3 48 ? -8.315  -4.476  1.564   1.00 2.00   ? 50  ARG A CA    1 
ATOM   828  C C     . ARG C 3 48 ? -8.215  -4.118  0.091   1.00 8.88   ? 50  ARG A C     1 
ATOM   829  O O     . ARG C 3 48 ? -7.257  -3.472  -0.309  1.00 21.36  ? 50  ARG A O     1 
ATOM   830  C CB    . ARG C 3 48 ? -7.773  -5.880  1.824   1.00 3.93   ? 50  ARG A CB    1 
ATOM   831  C CG    . ARG C 3 48 ? -7.293  -6.135  3.265   1.00 4.54   ? 50  ARG A CG    1 
ATOM   832  C CD    . ARG C 3 48 ? -7.378  -7.633  3.580   1.00 6.02   ? 50  ARG A CD    1 
ATOM   833  N NE    . ARG C 3 48 ? -6.161  -8.292  4.076   1.00 2.02   ? 50  ARG A NE    1 
ATOM   834  C CZ    . ARG C 3 48 ? -5.777  -8.295  5.352   1.00 8.81   ? 50  ARG A CZ    1 
ATOM   835  N NH1   . ARG C 3 48 ? -6.516  -7.672  6.274   1.00 2.00   ? 50  ARG A NH1   1 
ATOM   836  N NH2   . ARG C 3 48 ? -4.634  -8.893  5.700   1.00 5.25   ? 50  ARG A NH2   1 
ATOM   837  N N     . ALA C 3 49 ? -9.200  -4.471  -0.731  1.00 10.11  ? 51  ALA A N     1 
ATOM   838  C CA    . ALA C 3 49 ? -9.088  -4.145  -2.138  1.00 2.08   ? 51  ALA A CA    1 
ATOM   839  C C     . ALA C 3 49 ? -9.177  -2.636  -2.341  1.00 6.83   ? 51  ALA A C     1 
ATOM   840  O O     . ALA C 3 49 ? -8.491  -2.100  -3.175  1.00 15.54  ? 51  ALA A O     1 
ATOM   841  C CB    . ALA C 3 49 ? -10.104 -4.876  -2.956  1.00 2.00   ? 51  ALA A CB    1 
ATOM   842  N N     . GLN C 3 50 ? -9.994  -1.938  -1.565  1.00 7.42   ? 52  GLN A N     1 
ATOM   843  C CA    . GLN C 3 50 ? -10.128 -0.481  -1.710  1.00 9.80   ? 52  GLN A CA    1 
ATOM   844  C C     . GLN C 3 50 ? -8.846  0.234   -1.327  1.00 12.07  ? 52  GLN A C     1 
ATOM   845  O O     . GLN C 3 50 ? -8.482  1.225   -1.939  1.00 12.79  ? 52  GLN A O     1 
ATOM   846  C CB    . GLN C 3 50 ? -11.220 0.079   -0.814  1.00 16.96  ? 52  GLN A CB    1 
ATOM   847  C CG    . GLN C 3 50 ? -12.623 -0.334  -1.177  1.00 39.13  ? 52  GLN A CG    1 
ATOM   848  C CD    . GLN C 3 50 ? -13.659 0.241   -0.226  1.00 51.16  ? 52  GLN A CD    1 
ATOM   849  O OE1   . GLN C 3 50 ? -14.648 -0.418  0.104   1.00 51.45  ? 52  GLN A OE1   1 
ATOM   850  N NE2   . GLN C 3 50 ? -13.429 1.476   0.234   1.00 66.87  ? 52  GLN A NE2   1 
ATOM   851  N N     . ILE C 3 51 ? -8.218  -0.227  -0.256  1.00 8.04   ? 53  ILE A N     1 
ATOM   852  C CA    . ILE C 3 51 ? -6.983  0.349   0.227   1.00 3.55   ? 53  ILE A CA    1 
ATOM   853  C C     . ILE C 3 51 ? -5.927  0.247   -0.873  1.00 6.92   ? 53  ILE A C     1 
ATOM   854  O O     . ILE C 3 51 ? -5.310  1.231   -1.214  1.00 21.99  ? 53  ILE A O     1 
ATOM   855  C CB    . ILE C 3 51 ? -6.495  -0.383  1.478   1.00 7.16   ? 53  ILE A CB    1 
ATOM   856  C CG1   . ILE C 3 51 ? -7.542  -0.259  2.601   1.00 2.00   ? 53  ILE A CG1   1 
ATOM   857  C CG2   . ILE C 3 51 ? -5.144  0.139   1.884   1.00 5.05   ? 53  ILE A CG2   1 
ATOM   858  C CD1   . ILE C 3 51 ? -7.041  -0.621  3.943   1.00 2.00   ? 53  ILE A CD1   1 
ATOM   859  N N     . LEU C 3 52 ? -5.745  -0.928  -1.462  1.00 9.24   ? 54  LEU A N     1 
ATOM   860  C CA    . LEU C 3 52 ? -4.768  -1.124  -2.526  1.00 2.00   ? 54  LEU A CA    1 
ATOM   861  C C     . LEU C 3 52 ? -5.114  -0.266  -3.714  1.00 4.25   ? 54  LEU A C     1 
ATOM   862  O O     . LEU C 3 52 ? -4.249  0.402   -4.273  1.00 15.09  ? 54  LEU A O     1 
ATOM   863  C CB    . LEU C 3 52 ? -4.757  -2.567  -2.988  1.00 4.18   ? 54  LEU A CB    1 
ATOM   864  C CG    . LEU C 3 52 ? -3.847  -3.643  -2.404  1.00 3.22   ? 54  LEU A CG    1 
ATOM   865  C CD1   . LEU C 3 52 ? -2.880  -3.050  -1.441  1.00 5.09   ? 54  LEU A CD1   1 
ATOM   866  C CD2   . LEU C 3 52 ? -4.658  -4.694  -1.744  1.00 7.92   ? 54  LEU A CD2   1 
ATOM   867  N N     . ASP C 3 53 ? -6.391  -0.244  -4.069  1.00 3.77   ? 55  ASP A N     1 
ATOM   868  C CA    . ASP C 3 53 ? -6.878  0.537   -5.196  1.00 4.19   ? 55  ASP A CA    1 
ATOM   869  C C     . ASP C 3 53 ? -6.809  2.046   -5.009  1.00 4.50   ? 55  ASP A C     1 
ATOM   870  O O     . ASP C 3 53 ? -6.306  2.754   -5.870  1.00 6.41   ? 55  ASP A O     1 
ATOM   871  C CB    . ASP C 3 53 ? -8.286  0.114   -5.577  1.00 2.00   ? 55  ASP A CB    1 
ATOM   872  C CG    . ASP C 3 53 ? -8.323  -1.238  -6.341  1.00 12.50  ? 55  ASP A CG    1 
ATOM   873  O OD1   . ASP C 3 53 ? -7.252  -1.783  -6.710  1.00 15.57  ? 55  ASP A OD1   1 
ATOM   874  O OD2   . ASP C 3 53 ? -9.436  -1.757  -6.586  1.00 22.08  ? 55  ASP A OD2   1 
ATOM   875  N N     . LYS C 3 54 ? -7.288  2.560   -3.890  1.00 2.56   ? 56  LYS A N     1 
ATOM   876  C CA    . LYS C 3 54 ? -7.211  4.004   -3.690  1.00 6.71   ? 56  LYS A CA    1 
ATOM   877  C C     . LYS C 3 54 ? -5.778  4.436   -3.512  1.00 2.89   ? 56  LYS A C     1 
ATOM   878  O O     . LYS C 3 54 ? -5.422  5.562   -3.840  1.00 12.16  ? 56  LYS A O     1 
ATOM   879  C CB    . LYS C 3 54 ? -8.096  4.488   -2.534  1.00 17.60  ? 56  LYS A CB    1 
ATOM   880  C CG    . LYS C 3 54 ? -9.567  4.192   -2.784  1.00 36.21  ? 56  LYS A CG    1 
ATOM   881  C CD    . LYS C 3 54 ? -10.474 5.182   -2.111  1.00 50.90  ? 56  LYS A CD    1 
ATOM   882  C CE    . LYS C 3 54 ? -11.934 4.773   -2.293  1.00 66.87  ? 56  LYS A CE    1 
ATOM   883  N NZ    . LYS C 3 54 ? -12.862 5.607   -1.464  1.00 78.29  ? 56  LYS A NZ    1 
ATOM   884  N N     . ALA C 3 55 ? -4.934  3.524   -3.057  1.00 5.22   ? 57  ALA A N     1 
ATOM   885  C CA    . ALA C 3 55 ? -3.536  3.840   -2.879  1.00 3.40   ? 57  ALA A CA    1 
ATOM   886  C C     . ALA C 3 55 ? -2.921  4.079   -4.257  1.00 9.36   ? 57  ALA A C     1 
ATOM   887  O O     . ALA C 3 55 ? -2.182  5.035   -4.401  1.00 15.17  ? 57  ALA A O     1 
ATOM   888  C CB    . ALA C 3 55 ? -2.837  2.736   -2.146  1.00 2.00   ? 57  ALA A CB    1 
ATOM   889  N N     . THR C 3 56 ? -3.233  3.269   -5.288  1.00 12.97  ? 58  THR A N     1 
ATOM   890  C CA    . THR C 3 56 ? -2.693  3.475   -6.667  1.00 9.79   ? 58  THR A CA    1 
ATOM   891  C C     . THR C 3 56 ? -3.235  4.751   -7.277  1.00 15.97  ? 58  THR A C     1 
ATOM   892  O O     . THR C 3 56 ? -2.523  5.496   -7.975  1.00 19.27  ? 58  THR A O     1 
ATOM   893  C CB    . THR C 3 56 ? -3.061  2.324   -7.546  1.00 4.66   ? 58  THR A CB    1 
ATOM   894  O OG1   . THR C 3 56 ? -2.529  1.140   -6.931  1.00 24.28  ? 58  THR A OG1   1 
ATOM   895  C CG2   . THR C 3 56 ? -2.457  2.470   -8.899  1.00 16.38  ? 58  THR A CG2   1 
ATOM   896  N N     . GLU C 3 57 ? -4.510  4.981   -6.998  1.00 15.19  ? 59  GLU A N     1 
ATOM   897  C CA    . GLU C 3 57 ? -5.199  6.169   -7.431  1.00 13.06  ? 59  GLU A CA    1 
ATOM   898  C C     . GLU C 3 57 ? -4.481  7.424   -6.868  1.00 9.10   ? 59  GLU A C     1 
ATOM   899  O O     . GLU C 3 57 ? -4.093  8.296   -7.633  1.00 5.10   ? 59  GLU A O     1 
ATOM   900  C CB    . GLU C 3 57 ? -6.673  6.072   -6.993  1.00 18.66  ? 59  GLU A CB    1 
ATOM   901  C CG    . GLU C 3 57 ? -7.535  5.442   -8.118  1.00 10.18  ? 59  GLU A CG    1 
ATOM   902  C CD    . GLU C 3 57 ? -8.243  4.131   -7.775  1.00 20.64  ? 59  GLU A CD    1 
ATOM   903  O OE1   . GLU C 3 57 ? -7.820  3.026   -8.229  1.00 24.55  ? 59  GLU A OE1   1 
ATOM   904  O OE2   . GLU C 3 57 ? -9.298  4.226   -7.130  1.00 18.95  ? 59  GLU A OE2   1 
ATOM   905  N N     . TYR C 3 58 ? -4.227  7.458   -5.554  1.00 9.04   ? 60  TYR A N     1 
ATOM   906  C CA    . TYR C 3 58 ? -3.573  8.605   -4.899  1.00 2.11   ? 60  TYR A CA    1 
ATOM   907  C C     . TYR C 3 58 ? -2.222  8.880   -5.448  1.00 6.45   ? 60  TYR A C     1 
ATOM   908  O O     . TYR C 3 58 ? -1.891  10.026  -5.675  1.00 8.19   ? 60  TYR A O     1 
ATOM   909  C CB    . TYR C 3 58 ? -3.407  8.406   -3.412  1.00 2.00   ? 60  TYR A CB    1 
ATOM   910  C CG    . TYR C 3 58 ? -3.074  9.689   -2.669  1.00 6.29   ? 60  TYR A CG    1 
ATOM   911  C CD1   . TYR C 3 58 ? -4.004  10.690  -2.524  1.00 10.37  ? 60  TYR A CD1   1 
ATOM   912  C CD2   . TYR C 3 58 ? -1.884  9.828   -1.981  1.00 17.07  ? 60  TYR A CD2   1 
ATOM   913  C CE1   . TYR C 3 58 ? -3.771  11.761  -1.703  1.00 2.00   ? 60  TYR A CE1   1 
ATOM   914  C CE2   . TYR C 3 58 ? -1.640  10.920  -1.153  1.00 2.00   ? 60  TYR A CE2   1 
ATOM   915  C CZ    . TYR C 3 58 ? -2.594  11.865  -1.017  1.00 9.54   ? 60  TYR A CZ    1 
ATOM   916  O OH    . TYR C 3 58 ? -2.424  12.877  -0.095  1.00 26.49  ? 60  TYR A OH    1 
ATOM   917  N N     . ILE C 3 59 ? -1.417  7.842   -5.608  1.00 8.08   ? 61  ILE A N     1 
ATOM   918  C CA    . ILE C 3 59 ? -0.081  8.004   -6.160  1.00 6.28   ? 61  ILE A CA    1 
ATOM   919  C C     . ILE C 3 59 ? -0.139  8.728   -7.506  1.00 9.90   ? 61  ILE A C     1 
ATOM   920  O O     . ILE C 3 59 ? 0.626   9.671   -7.742  1.00 21.48  ? 61  ILE A O     1 
ATOM   921  C CB    . ILE C 3 59 ? 0.604   6.651   -6.264  1.00 2.00   ? 61  ILE A CB    1 
ATOM   922  C CG1   . ILE C 3 59 ? 1.152   6.235   -4.900  1.00 8.13   ? 61  ILE A CG1   1 
ATOM   923  C CG2   . ILE C 3 59 ? 1.614   6.643   -7.350  1.00 5.24   ? 61  ILE A CG2   1 
ATOM   924  C CD1   . ILE C 3 59 ? 1.725   4.837   -4.873  1.00 13.86  ? 61  ILE A CD1   1 
ATOM   925  N N     . GLN C 3 60 ? -1.111  8.370   -8.343  1.00 12.78  ? 62  GLN A N     1 
ATOM   926  C CA    . GLN C 3 60 ? -1.283  9.012   -9.662  1.00 8.21   ? 62  GLN A CA    1 
ATOM   927  C C     . GLN C 3 60 ? -1.711  10.456  -9.538  1.00 10.71  ? 62  GLN A C     1 
ATOM   928  O O     . GLN C 3 60 ? -1.296  11.323  -10.311 1.00 15.02  ? 62  GLN A O     1 
ATOM   929  C CB    . GLN C 3 60 ? -2.339  8.318   -10.475 1.00 2.01   ? 62  GLN A CB    1 
ATOM   930  C CG    . GLN C 3 60 ? -1.952  6.983   -10.838 1.00 10.98  ? 62  GLN A CG    1 
ATOM   931  C CD    . GLN C 3 60 ? -0.595  6.960   -11.434 1.00 11.54  ? 62  GLN A CD    1 
ATOM   932  O OE1   . GLN C 3 60 ? -0.269  7.736   -12.349 1.00 15.27  ? 62  GLN A OE1   1 
ATOM   933  N NE2   . GLN C 3 60 ? 0.234   6.060   -10.925 1.00 33.75  ? 62  GLN A NE2   1 
ATOM   934  N N     . TYR C 3 61 ? -2.649  10.682  -8.641  1.00 2.00   ? 63  TYR A N     1 
ATOM   935  C CA    . TYR C 3 61 ? -3.134  12.007  -8.368  1.00 8.40   ? 63  TYR A CA    1 
ATOM   936  C C     . TYR C 3 61 ? -1.967  12.898  -7.999  1.00 10.33  ? 63  TYR A C     1 
ATOM   937  O O     . TYR C 3 61 ? -1.753  13.909  -8.633  1.00 21.83  ? 63  TYR A O     1 
ATOM   938  C CB    . TYR C 3 61 ? -4.071  11.938  -7.201  1.00 9.27   ? 63  TYR A CB    1 
ATOM   939  C CG    . TYR C 3 61 ? -4.354  13.271  -6.584  1.00 8.67   ? 63  TYR A CG    1 
ATOM   940  C CD1   . TYR C 3 61 ? -4.268  13.439  -5.222  1.00 18.40  ? 63  TYR A CD1   1 
ATOM   941  C CD2   . TYR C 3 61 ? -4.758  14.337  -7.344  1.00 3.82   ? 63  TYR A CD2   1 
ATOM   942  C CE1   . TYR C 3 61 ? -4.584  14.627  -4.623  1.00 9.10   ? 63  TYR A CE1   1 
ATOM   943  C CE2   . TYR C 3 61 ? -5.076  15.534  -6.757  1.00 12.02  ? 63  TYR A CE2   1 
ATOM   944  C CZ    . TYR C 3 61 ? -4.984  15.672  -5.390  1.00 15.30  ? 63  TYR A CZ    1 
ATOM   945  O OH    . TYR C 3 61 ? -5.304  16.862  -4.771  1.00 32.48  ? 63  TYR A OH    1 
ATOM   946  N N     . MET C 3 62 ? -1.214  12.495  -6.977  1.00 18.74  ? 64  MET A N     1 
ATOM   947  C CA    . MET C 3 62 ? -0.029  13.219  -6.497  1.00 16.05  ? 64  MET A CA    1 
ATOM   948  C C     . MET C 3 62 ? 0.934   13.511  -7.614  1.00 17.06  ? 64  MET A C     1 
ATOM   949  O O     . MET C 3 62 ? 1.501   14.593  -7.669  1.00 27.89  ? 64  MET A O     1 
ATOM   950  C CB    . MET C 3 62 ? 0.749   12.427  -5.457  1.00 18.89  ? 64  MET A CB    1 
ATOM   951  C CG    . MET C 3 62 ? -0.021  12.122  -4.242  1.00 29.05  ? 64  MET A CG    1 
ATOM   952  S SD    . MET C 3 62 ? 0.472   13.161  -2.941  1.00 47.39  ? 64  MET A SD    1 
ATOM   953  C CE    . MET C 3 62 ? -0.831  14.413  -2.954  1.00 32.14  ? 64  MET A CE    1 
ATOM   954  N N     . ARG C 3 63 ? 1.227   12.519  -8.442  1.00 18.03  ? 65  ARG A N     1 
ATOM   955  C CA    . ARG C 3 63 ? 2.133   12.767  -9.570  1.00 18.54  ? 65  ARG A CA    1 
ATOM   956  C C     . ARG C 3 63 ? 1.590   13.907  -10.456 1.00 15.05  ? 65  ARG A C     1 
ATOM   957  O O     . ARG C 3 63 ? 2.322   14.831  -10.805 1.00 28.06  ? 65  ARG A O     1 
ATOM   958  C CB    . ARG C 3 63 ? 2.355   11.501  -10.410 1.00 3.91   ? 65  ARG A CB    1 
ATOM   959  C CG    . ARG C 3 63 ? 3.225   10.494  -9.751  1.00 2.00   ? 65  ARG A CG    1 
ATOM   960  C CD    . ARG C 3 63 ? 3.585   9.357   -10.672 1.00 3.66   ? 65  ARG A CD    1 
ATOM   961  N NE    . ARG C 3 63 ? 4.538   8.496   -9.978  1.00 28.35  ? 65  ARG A NE    1 
ATOM   962  C CZ    . ARG C 3 63 ? 4.418   7.177   -9.851  1.00 29.48  ? 65  ARG A CZ    1 
ATOM   963  N NH1   . ARG C 3 63 ? 3.384   6.561   -10.395 1.00 36.59  ? 65  ARG A NH1   1 
ATOM   964  N NH2   . ARG C 3 63 ? 5.295   6.487   -9.131  1.00 24.67  ? 65  ARG A NH2   1 
ATOM   965  N N     . ARG C 3 64 ? 0.305   13.870  -10.769 1.00 11.00  ? 66  ARG A N     1 
ATOM   966  C CA    . ARG C 3 64 ? -0.309  14.894  -11.594 1.00 8.12   ? 66  ARG A CA    1 
ATOM   967  C C     . ARG C 3 64 ? -0.099  16.205  -10.922 1.00 14.18  ? 66  ARG A C     1 
ATOM   968  O O     . ARG C 3 64 ? 0.389   17.161  -11.540 1.00 27.40  ? 66  ARG A O     1 
ATOM   969  C CB    . ARG C 3 64 ? -1.810  14.654  -11.711 1.00 2.58   ? 66  ARG A CB    1 
ATOM   970  C CG    . ARG C 3 64 ? -2.596  15.792  -12.292 1.00 4.48   ? 66  ARG A CG    1 
ATOM   971  C CD    . ARG C 3 64 ? -4.073  15.471  -12.421 1.00 7.78   ? 66  ARG A CD    1 
ATOM   972  N NE    . ARG C 3 64 ? -4.877  15.861  -11.259 1.00 2.84   ? 66  ARG A NE    1 
ATOM   973  C CZ    . ARG C 3 64 ? -5.203  17.115  -10.975 1.00 16.13  ? 66  ARG A CZ    1 
ATOM   974  N NH1   . ARG C 3 64 ? -5.971  17.396  -9.926  1.00 14.16  ? 66  ARG A NH1   1 
ATOM   975  N NH2   . ARG C 3 64 ? -4.682  18.106  -11.691 1.00 19.52  ? 66  ARG A NH2   1 
ATOM   976  N N     . LYS C 3 65 ? -0.370  16.205  -9.619  1.00 15.96  ? 67  LYS A N     1 
ATOM   977  C CA    . LYS C 3 65 ? -0.279  17.392  -8.777  1.00 16.10  ? 67  LYS A CA    1 
ATOM   978  C C     . LYS C 3 65 ? 1.127   17.938  -8.663  1.00 16.97  ? 67  LYS A C     1 
ATOM   979  O O     . LYS C 3 65 ? 1.344   19.139  -8.507  1.00 21.18  ? 67  LYS A O     1 
ATOM   980  C CB    . LYS C 3 65 ? -0.799  17.066  -7.388  1.00 11.14  ? 67  LYS A CB    1 
ATOM   981  C CG    . LYS C 3 65 ? -1.528  18.189  -6.761  1.00 23.34  ? 67  LYS A CG    1 
ATOM   982  C CD    . LYS C 3 65 ? -2.670  18.580  -7.670  1.00 36.70  ? 67  LYS A CD    1 
ATOM   983  C CE    . LYS C 3 65 ? -3.132  20.004  -7.390  1.00 52.37  ? 67  LYS A CE    1 
ATOM   984  N NZ    . LYS C 3 65 ? -2.040  21.003  -7.607  1.00 52.73  ? 67  LYS A NZ    1 
ATOM   985  N N     . ASN C 3 66 ? 2.087   17.049  -8.784  1.00 23.20  ? 68  ASN A N     1 
ATOM   986  C CA    . ASN C 3 66 ? 3.460   17.427  -8.658  1.00 31.58  ? 68  ASN A CA    1 
ATOM   987  C C     . ASN C 3 66 ? 3.986   18.047  -9.926  1.00 35.09  ? 68  ASN A C     1 
ATOM   988  O O     . ASN C 3 66 ? 4.698   19.036  -9.885  1.00 40.13  ? 68  ASN A O     1 
ATOM   989  C CB    . ASN C 3 66 ? 4.298   16.243  -8.249  1.00 41.72  ? 68  ASN A CB    1 
ATOM   990  C CG    . ASN C 3 66 ? 5.557   16.675  -7.601  1.00 53.62  ? 68  ASN A CG    1 
ATOM   991  O OD1   . ASN C 3 66 ? 5.539   17.323  -6.527  1.00 53.60  ? 68  ASN A OD1   1 
ATOM   992  N ND2   . ASN C 3 66 ? 6.677   16.388  -8.261  1.00 55.02  ? 68  ASN A ND2   1 
ATOM   993  N N     . HIS C 3 67 ? 3.600   17.497  -11.064 1.00 39.89  ? 69  HIS A N     1 
ATOM   994  C CA    . HIS C 3 67 ? 4.013   18.047  -12.338 1.00 38.97  ? 69  HIS A CA    1 
ATOM   995  C C     . HIS C 3 67 ? 3.454   19.482  -12.405 1.00 38.47  ? 69  HIS A C     1 
ATOM   996  O O     . HIS C 3 67 ? 4.110   20.418  -12.879 1.00 33.63  ? 69  HIS A O     1 
ATOM   997  C CB    . HIS C 3 67 ? 3.432   17.197  -13.467 1.00 51.94  ? 69  HIS A CB    1 
ATOM   998  C CG    . HIS C 3 67 ? 3.914   17.595  -14.826 1.00 74.31  ? 69  HIS A CG    1 
ATOM   999  N ND1   . HIS C 3 67 ? 3.517   18.759  -15.449 1.00 84.21  ? 69  HIS A ND1   1 
ATOM   1000 C CD2   . HIS C 3 67 ? 4.796   17.003  -15.666 1.00 83.64  ? 69  HIS A CD2   1 
ATOM   1001 C CE1   . HIS C 3 67 ? 4.135   18.872  -16.611 1.00 90.22  ? 69  HIS A CE1   1 
ATOM   1002 N NE2   . HIS C 3 67 ? 4.919   17.819  -16.767 1.00 92.19  ? 69  HIS A NE2   1 
ATOM   1003 N N     . THR C 3 68 ? 2.244   19.661  -11.897 1.00 37.86  ? 70  THR A N     1 
ATOM   1004 C CA    . THR C 3 68 ? 1.611   20.968  -11.913 1.00 36.11  ? 70  THR A CA    1 
ATOM   1005 C C     . THR C 3 68 ? 2.361   21.956  -11.008 1.00 31.34  ? 70  THR A C     1 
ATOM   1006 O O     . THR C 3 68 ? 2.615   23.072  -11.422 1.00 24.90  ? 70  THR A O     1 
ATOM   1007 C CB    . THR C 3 68 ? 0.093   20.847  -11.578 1.00 38.62  ? 70  THR A CB    1 
ATOM   1008 O OG1   . THR C 3 68 ? -0.595  20.171  -12.640 1.00 47.30  ? 70  THR A OG1   1 
ATOM   1009 C CG2   . THR C 3 68 ? -0.528  22.199  -11.341 1.00 47.99  ? 70  THR A CG2   1 
ATOM   1010 N N     . HIS C 3 69 ? 2.774   21.535  -9.809  1.00 29.91  ? 71  HIS A N     1 
ATOM   1011 C CA    . HIS C 3 69 ? 3.524   22.410  -8.907  1.00 26.26  ? 71  HIS A CA    1 
ATOM   1012 C C     . HIS C 3 69 ? 4.850   22.829  -9.459  1.00 35.66  ? 71  HIS A C     1 
ATOM   1013 O O     . HIS C 3 69 ? 5.256   23.964  -9.278  1.00 47.05  ? 71  HIS A O     1 
ATOM   1014 C CB    . HIS C 3 69 ? 3.822   21.731  -7.601  1.00 26.15  ? 71  HIS A CB    1 
ATOM   1015 C CG    . HIS C 3 69 ? 2.636   21.622  -6.715  1.00 23.01  ? 71  HIS A CG    1 
ATOM   1016 N ND1   . HIS C 3 69 ? 1.488   22.352  -6.927  1.00 36.72  ? 71  HIS A ND1   1 
ATOM   1017 C CD2   . HIS C 3 69 ? 2.423   20.900  -5.595  1.00 24.89  ? 71  HIS A CD2   1 
ATOM   1018 C CE1   . HIS C 3 69 ? 0.620   22.088  -5.969  1.00 39.26  ? 71  HIS A CE1   1 
ATOM   1019 N NE2   . HIS C 3 69 ? 1.164   21.210  -5.147  1.00 31.60  ? 71  HIS A NE2   1 
ATOM   1020 N N     . GLN C 3 70 ? 5.605   21.886  -10.002 1.00 42.49  ? 72  GLN A N     1 
ATOM   1021 C CA    . GLN C 3 70 ? 6.903   22.241  -10.552 1.00 55.86  ? 72  GLN A CA    1 
ATOM   1022 C C     . GLN C 3 70 ? 6.895   23.152  -11.789 1.00 56.43  ? 72  GLN A C     1 
ATOM   1023 O O     . GLN C 3 70 ? 7.878   23.842  -12.036 1.00 62.36  ? 72  GLN A O     1 
ATOM   1024 C CB    . GLN C 3 70 ? 7.794   21.022  -10.690 1.00 63.09  ? 72  GLN A CB    1 
ATOM   1025 C CG    . GLN C 3 70 ? 8.137   20.477  -9.317  1.00 81.26  ? 72  GLN A CG    1 
ATOM   1026 C CD    . GLN C 3 70 ? 9.045   19.280  -9.355  1.00 94.71  ? 72  GLN A CD    1 
ATOM   1027 O OE1   . GLN C 3 70 ? 9.707   18.964  -8.364  1.00 105.53 ? 72  GLN A OE1   1 
ATOM   1028 N NE2   . GLN C 3 70 ? 9.060   18.577  -10.483 1.00 103.75 ? 72  GLN A NE2   1 
ATOM   1029 N N     . GLN C 3 71 ? 5.799   23.181  -12.548 1.00 55.61  ? 73  GLN A N     1 
ATOM   1030 C CA    . GLN C 3 71 ? 5.691   24.106  -13.675 1.00 48.52  ? 73  GLN A CA    1 
ATOM   1031 C C     . GLN C 3 71 ? 5.530   25.473  -13.033 1.00 43.26  ? 73  GLN A C     1 
ATOM   1032 O O     . GLN C 3 71 ? 6.332   26.368  -13.268 1.00 47.76  ? 73  GLN A O     1 
ATOM   1033 C CB    . GLN C 3 71 ? 4.459   23.826  -14.531 1.00 58.34  ? 73  GLN A CB    1 
ATOM   1034 C CG    . GLN C 3 71 ? 4.501   22.512  -15.283 1.00 83.96  ? 73  GLN A CG    1 
ATOM   1035 C CD    . GLN C 3 71 ? 5.642   22.441  -16.289 1.00 95.59  ? 73  GLN A CD    1 
ATOM   1036 O OE1   . GLN C 3 71 ? 5.645   23.164  -17.293 1.00 105.01 ? 73  GLN A OE1   1 
ATOM   1037 N NE2   . GLN C 3 71 ? 6.608   21.555  -16.038 1.00 98.24  ? 73  GLN A NE2   1 
ATOM   1038 N N     . ASP C 3 72 ? 4.542   25.613  -12.157 1.00 32.36  ? 74  ASP A N     1 
ATOM   1039 C CA    . ASP C 3 72 ? 4.297   26.887  -11.478 1.00 30.96  ? 74  ASP A CA    1 
ATOM   1040 C C     . ASP C 3 72 ? 5.507   27.372  -10.700 1.00 32.59  ? 74  ASP A C     1 
ATOM   1041 O O     . ASP C 3 72 ? 5.561   28.513  -10.279 1.00 37.08  ? 74  ASP A O     1 
ATOM   1042 C CB    . ASP C 3 72 ? 3.091   26.774  -10.563 1.00 27.52  ? 74  ASP A CB    1 
ATOM   1043 C CG    . ASP C 3 72 ? 1.871   26.246  -11.290 1.00 45.93  ? 74  ASP A CG    1 
ATOM   1044 O OD1   . ASP C 3 72 ? 1.895   26.143  -12.554 1.00 53.40  ? 74  ASP A OD1   1 
ATOM   1045 O OD2   . ASP C 3 72 ? 0.885   25.910  -10.592 1.00 51.11  ? 74  ASP A OD2   1 
ATOM   1046 N N     . ILE C 3 73 ? 6.446   26.487  -10.427 1.00 39.41  ? 75  ILE A N     1 
ATOM   1047 C CA    . ILE C 3 73 ? 7.650   26.918  -9.749  1.00 51.11  ? 75  ILE A CA    1 
ATOM   1048 C C     . ILE C 3 73 ? 8.523   27.527  -10.849 1.00 57.52  ? 75  ILE A C     1 
ATOM   1049 O O     . ILE C 3 73 ? 8.844   28.711  -10.786 1.00 63.23  ? 75  ILE A O     1 
ATOM   1050 C CB    . ILE C 3 73 ? 8.361   25.750  -9.034  1.00 50.37  ? 75  ILE A CB    1 
ATOM   1051 C CG1   . ILE C 3 73 ? 7.551   25.330  -7.816  1.00 47.99  ? 75  ILE A CG1   1 
ATOM   1052 C CG2   . ILE C 3 73 ? 9.769   26.155  -8.603  1.00 50.23  ? 75  ILE A CG2   1 
ATOM   1053 C CD1   . ILE C 3 73 ? 8.126   24.160  -7.095  1.00 50.51  ? 75  ILE A CD1   1 
ATOM   1054 N N     . ASP C 3 74 ? 8.799   26.759  -11.904 1.00 58.96  ? 76  ASP A N     1 
ATOM   1055 C CA    . ASP C 3 74 ? 9.610   27.226  -13.033 1.00 63.31  ? 76  ASP A CA    1 
ATOM   1056 C C     . ASP C 3 74 ? 9.126   28.563  -13.569 1.00 65.66  ? 76  ASP A C     1 
ATOM   1057 O O     . ASP C 3 74 ? 9.918   29.452  -13.851 1.00 63.77  ? 76  ASP A O     1 
ATOM   1058 C CB    . ASP C 3 74 ? 9.583   26.214  -14.190 1.00 65.92  ? 76  ASP A CB    1 
ATOM   1059 C CG    . ASP C 3 74 ? 10.324  24.908  -13.865 1.00 76.71  ? 76  ASP A CG    1 
ATOM   1060 O OD1   . ASP C 3 74 ? 10.779  24.728  -12.708 1.00 88.04  ? 76  ASP A OD1   1 
ATOM   1061 O OD2   . ASP C 3 74 ? 10.452  24.049  -14.772 1.00 76.89  ? 76  ASP A OD2   1 
ATOM   1062 N N     . ASP C 3 75 ? 7.816   28.713  -13.682 1.00 69.12  ? 77  ASP A N     1 
ATOM   1063 C CA    . ASP C 3 75 ? 7.246   29.936  -14.210 1.00 71.72  ? 77  ASP A CA    1 
ATOM   1064 C C     . ASP C 3 75 ? 7.232   31.075  -13.214 1.00 68.52  ? 77  ASP A C     1 
ATOM   1065 O O     . ASP C 3 75 ? 7.103   32.228  -13.602 1.00 74.58  ? 77  ASP A O     1 
ATOM   1066 C CB    . ASP C 3 75 ? 5.848   29.677  -14.763 1.00 85.68  ? 77  ASP A CB    1 
ATOM   1067 C CG    . ASP C 3 75 ? 5.768   28.375  -15.554 1.00 103.81 ? 77  ASP A CG    1 
ATOM   1068 O OD1   . ASP C 3 75 ? 4.644   27.836  -15.685 1.00 115.83 ? 77  ASP A OD1   1 
ATOM   1069 O OD2   . ASP C 3 75 ? 6.819   27.874  -16.024 1.00 110.69 ? 77  ASP A OD2   1 
ATOM   1070 N N     . LEU C 3 76 ? 7.351   30.768  -11.933 1.00 64.95  ? 78  LEU A N     1 
ATOM   1071 C CA    . LEU C 3 76 ? 7.386   31.809  -10.917 1.00 62.81  ? 78  LEU A CA    1 
ATOM   1072 C C     . LEU C 3 76 ? 8.873   32.168  -10.773 1.00 66.39  ? 78  LEU A C     1 
ATOM   1073 O O     . LEU C 3 76 ? 9.233   33.260  -10.347 1.00 60.73  ? 78  LEU A O     1 
ATOM   1074 C CB    . LEU C 3 76 ? 6.774   31.287  -9.608  1.00 61.71  ? 78  LEU A CB    1 
ATOM   1075 C CG    . LEU C 3 76 ? 6.241   32.208  -8.498  1.00 67.92  ? 78  LEU A CG    1 
ATOM   1076 C CD1   . LEU C 3 76 ? 5.581   33.453  -9.050  1.00 70.77  ? 78  LEU A CD1   1 
ATOM   1077 C CD2   . LEU C 3 76 ? 5.256   31.447  -7.630  1.00 65.19  ? 78  LEU A CD2   1 
ATOM   1078 N N     . LYS C 3 77 ? 9.722   31.252  -11.222 1.00 74.43  ? 79  LYS A N     1 
ATOM   1079 C CA    . LYS C 3 77 ? 11.170  31.410  -11.209 1.00 83.82  ? 79  LYS A CA    1 
ATOM   1080 C C     . LYS C 3 77 ? 11.598  32.145  -12.484 1.00 89.62  ? 79  LYS A C     1 
ATOM   1081 O O     . LYS C 3 77 ? 12.782  32.395  -12.704 1.00 91.25  ? 79  LYS A O     1 
ATOM   1082 C CB    . LYS C 3 77 ? 11.834  30.036  -11.167 1.00 87.79  ? 79  LYS A CB    1 
ATOM   1083 C CG    . LYS C 3 77 ? 12.374  29.621  -9.822  1.00 96.29  ? 79  LYS A CG    1 
ATOM   1084 C CD    . LYS C 3 77 ? 12.913  28.198  -9.921  1.00 106.22 ? 79  LYS A CD    1 
ATOM   1085 C CE    . LYS C 3 77 ? 13.539  27.736  -8.616  1.00 112.61 ? 79  LYS A CE    1 
ATOM   1086 N NZ    . LYS C 3 77 ? 14.818  28.453  -8.332  1.00 120.45 ? 79  LYS A NZ    1 
ATOM   1087 N N     . ARG C 3 78 ? 10.620  32.430  -13.340 1.00 95.21  ? 80  ARG A N     1 
ATOM   1088 C CA    . ARG C 3 78 ? 10.822  33.159  -14.594 1.00 97.59  ? 80  ARG A CA    1 
ATOM   1089 C C     . ARG C 3 78 ? 10.526  34.595  -14.225 1.00 94.39  ? 80  ARG A C     1 
ATOM   1090 O O     . ARG C 3 78 ? 11.222  35.512  -14.622 1.00 90.38  ? 80  ARG A O     1 
ATOM   1091 C CB    . ARG C 3 78 ? 9.795   32.708  -15.634 1.00 107.77 ? 80  ARG A CB    1 
ATOM   1092 C CG    . ARG C 3 78 ? 10.362  32.383  -16.997 1.00 123.35 ? 80  ARG A CG    1 
ATOM   1093 C CD    . ARG C 3 78 ? 11.364  31.253  -16.900 1.00 136.41 ? 80  ARG A CD    1 
ATOM   1094 N NE    . ARG C 3 78 ? 12.727  31.728  -17.104 1.00 148.96 ? 80  ARG A NE    1 
ATOM   1095 C CZ    . ARG C 3 78 ? 13.663  31.029  -17.733 1.00 155.88 ? 80  ARG A CZ    1 
ATOM   1096 N NH1   . ARG C 3 78 ? 13.376  29.820  -18.203 1.00 160.12 ? 80  ARG A NH1   1 
ATOM   1097 N NH2   . ARG C 3 78 ? 14.867  31.550  -17.932 1.00 160.84 ? 80  ARG A NH2   1 
ATOM   1098 N N     . GLN C 3 79 ? 9.407   34.759  -13.534 1.00 97.29  ? 81  GLN A N     1 
ATOM   1099 C CA    . GLN C 3 79 ? 8.943   36.039  -13.043 1.00 103.10 ? 81  GLN A CA    1 
ATOM   1100 C C     . GLN C 3 79 ? 9.938   36.588  -12.024 1.00 103.60 ? 81  GLN A C     1 
ATOM   1101 O O     . GLN C 3 79 ? 10.154  37.798  -11.942 1.00 104.15 ? 81  GLN A O     1 
ATOM   1102 C CB    . GLN C 3 79 ? 7.571   35.876  -12.394 1.00 108.01 ? 81  GLN A CB    1 
ATOM   1103 C CG    . GLN C 3 79 ? 6.432   35.771  -13.388 1.00 125.37 ? 81  GLN A CG    1 
ATOM   1104 C CD    . GLN C 3 79 ? 5.083   35.978  -12.727 1.00 137.27 ? 81  GLN A CD    1 
ATOM   1105 O OE1   . GLN C 3 79 ? 4.965   36.732  -11.754 1.00 142.85 ? 81  GLN A OE1   1 
ATOM   1106 N NE2   . GLN C 3 79 ? 4.056   35.302  -13.241 1.00 145.54 ? 81  GLN A NE2   1 
ATOM   1107 N N     . ASN C 3 80 ? 10.463  35.710  -11.179 1.00 103.72 ? 82  ASN A N     1 
ATOM   1108 C CA    . ASN C 3 80 ? 11.441  36.123  -10.180 1.00 103.64 ? 82  ASN A CA    1 
ATOM   1109 C C     . ASN C 3 80 ? 12.803  36.225  -10.860 1.00 108.29 ? 82  ASN A C     1 
ATOM   1110 O O     . ASN C 3 80 ? 12.964  35.614  -11.945 1.00 111.74 ? 82  ASN A O     1 
ATOM   1111 C CB    . ASN C 3 80 ? 11.495  35.115  -9.025  1.00 99.31  ? 82  ASN A CB    1 
ATOM   1112 C CG    . ASN C 3 80 ? 12.604  35.422  -8.024  1.00 95.04  ? 82  ASN A CG    1 
ATOM   1113 O OD1   . ASN C 3 80 ? 13.535  34.628  -7.818  1.00 88.91  ? 82  ASN A OD1   1 
ATOM   1114 N ND2   . ASN C 3 80 ? 12.495  36.573  -7.379  1.00 95.44  ? 82  ASN A ND2   1 
ATOM   1115 O OXT   . ASN C 3 80 ? 13.678  36.945  -10.332 0.00 107.42 ? 82  ASN A OXT   1 
ATOM   1116 N N     . SER D 3 8  ? -29.072 -26.053 -4.361  1.00 72.49  ? 10  SER B N     1 
ATOM   1117 C CA    . SER D 3 8  ? -28.615 -27.278 -3.621  1.00 74.20  ? 10  SER B CA    1 
ATOM   1118 C C     . SER D 3 8  ? -27.963 -26.820 -2.336  1.00 73.42  ? 10  SER B C     1 
ATOM   1119 O O     . SER D 3 8  ? -28.151 -25.671 -1.934  1.00 75.80  ? 10  SER B O     1 
ATOM   1120 C CB    . SER D 3 8  ? -27.564 -28.034 -4.441  1.00 74.93  ? 10  SER B CB    1 
ATOM   1121 O OG    . SER D 3 8  ? -27.896 -28.048 -5.820  1.00 88.13  ? 10  SER B OG    1 
ATOM   1122 N N     . ASP D 3 9  ? -27.247 -27.726 -1.673  1.00 72.41  ? 11  ASP B N     1 
ATOM   1123 C CA    . ASP D 3 9  ? -26.505 -27.371 -0.464  1.00 76.58  ? 11  ASP B CA    1 
ATOM   1124 C C     . ASP D 3 9  ? -25.031 -27.565 -0.841  1.00 78.69  ? 11  ASP B C     1 
ATOM   1125 O O     . ASP D 3 9  ? -24.135 -26.884 -0.332  1.00 78.86  ? 11  ASP B O     1 
ATOM   1126 C CB    . ASP D 3 9  ? -26.900 -28.241 0.743   1.00 77.97  ? 11  ASP B CB    1 
ATOM   1127 C CG    . ASP D 3 9  ? -26.557 -27.578 2.105   1.00 82.84  ? 11  ASP B CG    1 
ATOM   1128 O OD1   . ASP D 3 9  ? -25.996 -28.274 2.983   1.00 84.08  ? 11  ASP B OD1   1 
ATOM   1129 O OD2   . ASP D 3 9  ? -26.865 -26.374 2.318   1.00 83.53  ? 11  ASP B OD2   1 
ATOM   1130 N N     . ALA D 3 10 ? -24.794 -28.464 -1.791  1.00 81.08  ? 12  ALA B N     1 
ATOM   1131 C CA    . ALA D 3 10 ? -23.443 -28.732 -2.265  1.00 76.63  ? 12  ALA B CA    1 
ATOM   1132 C C     . ALA D 3 10 ? -23.096 -27.639 -3.268  1.00 74.93  ? 12  ALA B C     1 
ATOM   1133 O O     . ALA D 3 10 ? -22.129 -26.909 -3.083  1.00 69.92  ? 12  ALA B O     1 
ATOM   1134 C CB    . ALA D 3 10 ? -23.390 -30.098 -2.919  1.00 84.61  ? 12  ALA B CB    1 
ATOM   1135 N N     . ASP D 3 11 ? -23.932 -27.494 -4.294  1.00 73.40  ? 13  ASP B N     1 
ATOM   1136 C CA    . ASP D 3 11 ? -23.730 -26.479 -5.319  1.00 71.72  ? 13  ASP B CA    1 
ATOM   1137 C C     . ASP D 3 11 ? -23.675 -25.094 -4.708  1.00 69.30  ? 13  ASP B C     1 
ATOM   1138 O O     . ASP D 3 11 ? -23.160 -24.163 -5.321  1.00 67.17  ? 13  ASP B O     1 
ATOM   1139 C CB    . ASP D 3 11 ? -24.831 -26.546 -6.360  1.00 85.96  ? 13  ASP B CB    1 
ATOM   1140 C CG    . ASP D 3 11 ? -24.820 -27.848 -7.135  1.00 104.62 ? 13  ASP B CG    1 
ATOM   1141 O OD1   . ASP D 3 11 ? -25.156 -28.899 -6.536  1.00 117.25 ? 13  ASP B OD1   1 
ATOM   1142 O OD2   . ASP D 3 11 ? -24.477 -27.817 -8.341  1.00 116.54 ? 13  ASP B OD2   1 
ATOM   1143 N N     . LYS D 3 12 ? -24.213 -24.964 -3.500  1.00 66.55  ? 14  LYS B N     1 
ATOM   1144 C CA    . LYS D 3 12 ? -24.196 -23.702 -2.769  1.00 63.90  ? 14  LYS B CA    1 
ATOM   1145 C C     . LYS D 3 12 ? -22.755 -23.395 -2.368  1.00 61.35  ? 14  LYS B C     1 
ATOM   1146 O O     . LYS D 3 12 ? -22.291 -22.265 -2.534  1.00 62.73  ? 14  LYS B O     1 
ATOM   1147 C CB    . LYS D 3 12 ? -25.036 -23.805 -1.501  1.00 70.45  ? 14  LYS B CB    1 
ATOM   1148 C CG    . LYS D 3 12 ? -26.367 -23.055 -1.514  1.00 79.12  ? 14  LYS B CG    1 
ATOM   1149 C CD    . LYS D 3 12 ? -26.922 -22.959 -0.086  1.00 86.28  ? 14  LYS B CD    1 
ATOM   1150 C CE    . LYS D 3 12 ? -25.827 -22.468 0.882   1.00 93.78  ? 14  LYS B CE    1 
ATOM   1151 N NZ    . LYS D 3 12 ? -26.248 -22.444 2.313   1.00 100.98 ? 14  LYS B NZ    1 
ATOM   1152 N N     . ARG D 3 13 ? -22.052 -24.403 -1.850  1.00 58.59  ? 15  ARG B N     1 
ATOM   1153 C CA    . ARG D 3 13 ? -20.648 -24.262 -1.432  1.00 56.31  ? 15  ARG B CA    1 
ATOM   1154 C C     . ARG D 3 13 ? -19.673 -23.953 -2.587  1.00 44.25  ? 15  ARG B C     1 
ATOM   1155 O O     . ARG D 3 13 ? -18.791 -23.102 -2.462  1.00 40.28  ? 15  ARG B O     1 
ATOM   1156 C CB    . ARG D 3 13 ? -20.187 -25.499 -0.651  1.00 69.05  ? 15  ARG B CB    1 
ATOM   1157 C CG    . ARG D 3 13 ? -19.966 -25.228 0.842   1.00 91.10  ? 15  ARG B CG    1 
ATOM   1158 C CD    . ARG D 3 13 ? -19.672 -26.501 1.643   1.00 107.87 ? 15  ARG B CD    1 
ATOM   1159 N NE    . ARG D 3 13 ? -20.839 -26.943 2.409   1.00 123.88 ? 15  ARG B NE    1 
ATOM   1160 C CZ    . ARG D 3 13 ? -20.801 -27.796 3.433   1.00 128.83 ? 15  ARG B CZ    1 
ATOM   1161 N NH1   . ARG D 3 13 ? -19.643 -28.320 3.833   1.00 130.23 ? 15  ARG B NH1   1 
ATOM   1162 N NH2   . ARG D 3 13 ? -21.927 -28.117 4.071   1.00 130.61 ? 15  ARG B NH2   1 
ATOM   1163 N N     . ALA D 3 14 ? -19.833 -24.630 -3.711  1.00 28.09  ? 16  ALA B N     1 
ATOM   1164 C CA    . ALA D 3 14 ? -18.992 -24.378 -4.860  1.00 30.55  ? 16  ALA B CA    1 
ATOM   1165 C C     . ALA D 3 14 ? -18.970 -22.887 -5.213  1.00 31.20  ? 16  ALA B C     1 
ATOM   1166 O O     . ALA D 3 14 ? -17.921 -22.333 -5.570  1.00 33.46  ? 16  ALA B O     1 
ATOM   1167 C CB    . ALA D 3 14 ? -19.517 -25.165 -6.040  1.00 43.14  ? 16  ALA B CB    1 
ATOM   1168 N N     . HIS D 3 15 ? -20.140 -22.258 -5.149  1.00 24.25  ? 17  HIS B N     1 
ATOM   1169 C CA    . HIS D 3 15 ? -20.272 -20.844 -5.466  1.00 19.40  ? 17  HIS B CA    1 
ATOM   1170 C C     . HIS D 3 15 ? -19.538 -19.983 -4.444  1.00 21.31  ? 17  HIS B C     1 
ATOM   1171 O O     . HIS D 3 15 ? -18.711 -19.145 -4.811  1.00 19.34  ? 17  HIS B O     1 
ATOM   1172 C CB    . HIS D 3 15 ? -21.743 -20.467 -5.499  1.00 21.31  ? 17  HIS B CB    1 
ATOM   1173 C CG    . HIS D 3 15 ? -22.014 -19.129 -6.107  1.00 24.21  ? 17  HIS B CG    1 
ATOM   1174 N ND1   . HIS D 3 15 ? -22.475 -18.059 -5.366  1.00 38.83  ? 17  HIS B ND1   1 
ATOM   1175 C CD2   . HIS D 3 15 ? -21.959 -18.704 -7.393  1.00 19.54  ? 17  HIS B CD2   1 
ATOM   1176 C CE1   . HIS D 3 15 ? -22.701 -17.035 -6.176  1.00 38.17  ? 17  HIS B CE1   1 
ATOM   1177 N NE2   . HIS D 3 15 ? -22.399 -17.402 -7.411  1.00 17.36  ? 17  HIS B NE2   1 
ATOM   1178 N N     . HIS D 3 16 ? -19.847 -20.185 -3.165  1.00 15.06  ? 18  HIS B N     1 
ATOM   1179 C CA    . HIS D 3 16 ? -19.183 -19.427 -2.115  1.00 18.38  ? 18  HIS B CA    1 
ATOM   1180 C C     . HIS D 3 16 ? -17.693 -19.423 -2.374  1.00 23.03  ? 18  HIS B C     1 
ATOM   1181 O O     . HIS D 3 16 ? -17.061 -18.369 -2.316  1.00 24.96  ? 18  HIS B O     1 
ATOM   1182 C CB    . HIS D 3 16 ? -19.405 -20.063 -0.746  1.00 15.91  ? 18  HIS B CB    1 
ATOM   1183 C CG    . HIS D 3 16 ? -18.907 -19.230 0.404   1.00 19.30  ? 18  HIS B CG    1 
ATOM   1184 N ND1   . HIS D 3 16 ? -18.115 -19.740 1.415   1.00 32.67  ? 18  HIS B ND1   1 
ATOM   1185 C CD2   . HIS D 3 16 ? -19.181 -17.950 0.763   1.00 28.06  ? 18  HIS B CD2   1 
ATOM   1186 C CE1   . HIS D 3 16 ? -17.935 -18.821 2.349   1.00 19.76  ? 18  HIS B CE1   1 
ATOM   1187 N NE2   . HIS D 3 16 ? -18.572 -17.726 1.979   1.00 21.86  ? 18  HIS B NE2   1 
ATOM   1188 N N     . ASN D 3 17 ? -17.165 -20.613 -2.679  1.00 18.33  ? 19  ASN B N     1 
ATOM   1189 C CA    . ASN D 3 17 ? -15.754 -20.825 -2.919  1.00 18.17  ? 19  ASN B CA    1 
ATOM   1190 C C     . ASN D 3 17 ? -15.274 -20.110 -4.171  1.00 20.24  ? 19  ASN B C     1 
ATOM   1191 O O     . ASN D 3 17 ? -14.167 -19.565 -4.209  1.00 25.90  ? 19  ASN B O     1 
ATOM   1192 C CB    . ASN D 3 17 ? -15.480 -22.313 -3.055  1.00 11.93  ? 19  ASN B CB    1 
ATOM   1193 C CG    . ASN D 3 17 ? -15.549 -23.065 -1.734  1.00 14.98  ? 19  ASN B CG    1 
ATOM   1194 O OD1   . ASN D 3 17 ? -15.454 -24.282 -1.747  1.00 28.43  ? 19  ASN B OD1   1 
ATOM   1195 N ND2   . ASN D 3 17 ? -15.675 -22.366 -0.599  1.00 2.74   ? 19  ASN B ND2   1 
ATOM   1196 N N     . ALA D 3 18 ? -16.108 -20.122 -5.196  1.00 14.04  ? 20  ALA B N     1 
ATOM   1197 C CA    . ALA D 3 18 ? -15.778 -19.485 -6.448  1.00 11.24  ? 20  ALA B CA    1 
ATOM   1198 C C     . ALA D 3 18 ? -15.706 -17.973 -6.259  1.00 17.92  ? 20  ALA B C     1 
ATOM   1199 O O     . ALA D 3 18 ? -14.859 -17.291 -6.845  1.00 19.79  ? 20  ALA B O     1 
ATOM   1200 C CB    . ALA D 3 18 ? -16.821 -19.815 -7.447  1.00 7.28   ? 20  ALA B CB    1 
ATOM   1201 N N     . LEU D 3 19 ? -16.616 -17.439 -5.461  1.00 16.55  ? 21  LEU B N     1 
ATOM   1202 C CA    . LEU D 3 19 ? -16.627 -16.012 -5.201  1.00 10.25  ? 21  LEU B CA    1 
ATOM   1203 C C     . LEU D 3 19 ? -15.418 -15.572 -4.394  1.00 12.08  ? 21  LEU B C     1 
ATOM   1204 O O     . LEU D 3 19 ? -14.962 -14.453 -4.549  1.00 32.72  ? 21  LEU B O     1 
ATOM   1205 C CB    . LEU D 3 19 ? -17.898 -15.595 -4.477  1.00 10.24  ? 21  LEU B CB    1 
ATOM   1206 C CG    . LEU D 3 19 ? -19.223 -15.605 -5.252  1.00 5.45   ? 21  LEU B CG    1 
ATOM   1207 C CD1   . LEU D 3 19 ? -20.331 -15.366 -4.273  1.00 2.00   ? 21  LEU B CD1   1 
ATOM   1208 C CD2   . LEU D 3 19 ? -19.222 -14.564 -6.383  1.00 2.00   ? 21  LEU B CD2   1 
ATOM   1209 N N     . GLU D 3 20 ? -14.873 -16.431 -3.546  1.00 11.17  ? 22  GLU B N     1 
ATOM   1210 C CA    . GLU D 3 20 ? -13.711 -16.043 -2.754  1.00 8.04   ? 22  GLU B CA    1 
ATOM   1211 C C     . GLU D 3 20 ? -12.484 -16.076 -3.622  1.00 12.82  ? 22  GLU B C     1 
ATOM   1212 O O     . GLU D 3 20 ? -11.596 -15.215 -3.513  1.00 11.24  ? 22  GLU B O     1 
ATOM   1213 C CB    . GLU D 3 20 ? -13.505 -16.946 -1.542  1.00 2.54   ? 22  GLU B CB    1 
ATOM   1214 C CG    . GLU D 3 20 ? -12.236 -16.636 -0.759  1.00 2.62   ? 22  GLU B CG    1 
ATOM   1215 C CD    . GLU D 3 20 ? -12.391 -15.483 0.209   1.00 8.41   ? 22  GLU B CD    1 
ATOM   1216 O OE1   . GLU D 3 20 ? -13.475 -14.876 0.223   1.00 19.63  ? 22  GLU B OE1   1 
ATOM   1217 O OE2   . GLU D 3 20 ? -11.448 -15.183 0.986   1.00 3.26   ? 22  GLU B OE2   1 
ATOM   1218 N N     . ARG D 3 21 ? -12.438 -17.042 -4.526  1.00 9.19   ? 23  ARG B N     1 
ATOM   1219 C CA    . ARG D 3 21 ? -11.289 -17.126 -5.407  1.00 14.64  ? 23  ARG B CA    1 
ATOM   1220 C C     . ARG D 3 21 ? -11.219 -15.796 -6.140  1.00 11.88  ? 23  ARG B C     1 
ATOM   1221 O O     . ARG D 3 21 ? -10.170 -15.185 -6.223  1.00 23.93  ? 23  ARG B O     1 
ATOM   1222 C CB    . ARG D 3 21 ? -11.438 -18.297 -6.365  1.00 17.56  ? 23  ARG B CB    1 
ATOM   1223 C CG    . ARG D 3 21 ? -10.131 -18.847 -6.888  1.00 37.59  ? 23  ARG B CG    1 
ATOM   1224 C CD    . ARG D 3 21 ? -10.107 -20.383 -6.840  1.00 55.93  ? 23  ARG B CD    1 
ATOM   1225 N NE    . ARG D 3 21 ? -11.341 -20.951 -7.293  1.00 58.07  ? 23  ARG B NE    1 
ATOM   1226 C CZ    . ARG D 3 21 ? -12.135 -21.907 -6.810  1.00 55.80  ? 23  ARG B CZ    1 
ATOM   1227 N NH1   . ARG D 3 21 ? -11.936 -22.610 -5.705  1.00 52.13  ? 23  ARG B NH1   1 
ATOM   1228 N NH2   . ARG D 3 21 ? -13.208 -22.133 -7.547  1.00 38.00  ? 23  ARG B NH2   1 
ATOM   1229 N N     . LYS D 3 22 ? -12.379 -15.286 -6.528  1.00 14.08  ? 24  LYS B N     1 
ATOM   1230 C CA    . LYS D 3 22 ? -12.489 -14.010 -7.221  1.00 8.39   ? 24  LYS B CA    1 
ATOM   1231 C C     . LYS D 3 22 ? -11.977 -12.883 -6.324  1.00 5.18   ? 24  LYS B C     1 
ATOM   1232 O O     . LYS D 3 22 ? -11.234 -12.007 -6.773  1.00 2.01   ? 24  LYS B O     1 
ATOM   1233 C CB    . LYS D 3 22 ? -13.948 -13.798 -7.621  1.00 10.91  ? 24  LYS B CB    1 
ATOM   1234 C CG    . LYS D 3 22 ? -14.314 -12.396 -8.086  1.00 31.88  ? 24  LYS B CG    1 
ATOM   1235 C CD    . LYS D 3 22 ? -15.751 -12.381 -8.657  1.00 41.29  ? 24  LYS B CD    1 
ATOM   1236 C CE    . LYS D 3 22 ? -16.157 -11.010 -9.197  1.00 33.89  ? 24  LYS B CE    1 
ATOM   1237 N NZ    . LYS D 3 22 ? -17.176 -11.145 -10.268 1.00 44.18  ? 24  LYS B NZ    1 
ATOM   1238 N N     . ARG D 3 23 ? -12.309 -12.955 -5.036  1.00 9.23   ? 25  ARG B N     1 
ATOM   1239 C CA    . ARG D 3 23 ? -11.861 -11.940 -4.083  1.00 8.31   ? 25  ARG B CA    1 
ATOM   1240 C C     . ARG D 3 23 ? -10.354 -11.968 -4.072  1.00 8.65   ? 25  ARG B C     1 
ATOM   1241 O O     . ARG D 3 23 ? -9.727  -10.955 -4.281  1.00 18.99  ? 25  ARG B O     1 
ATOM   1242 C CB    . ARG D 3 23 ? -12.367 -12.210 -2.655  1.00 5.91   ? 25  ARG B CB    1 
ATOM   1243 C CG    . ARG D 3 23 ? -12.019 -11.046 -1.688  1.00 7.63   ? 25  ARG B CG    1 
ATOM   1244 C CD    . ARG D 3 23 ? -12.484 -11.221 -0.258  1.00 5.65   ? 25  ARG B CD    1 
ATOM   1245 N NE    . ARG D 3 23 ? -11.506 -11.957 0.529   1.00 3.78   ? 25  ARG B NE    1 
ATOM   1246 C CZ    . ARG D 3 23 ? -10.766 -11.377 1.447   1.00 6.81   ? 25  ARG B CZ    1 
ATOM   1247 N NH1   . ARG D 3 23 ? -10.925 -10.083 1.654   1.00 10.91  ? 25  ARG B NH1   1 
ATOM   1248 N NH2   . ARG D 3 23 ? -9.909  -12.073 2.179   1.00 12.90  ? 25  ARG B NH2   1 
ATOM   1249 N N     . ARG D 3 24 ? -9.772  -13.146 -3.893  1.00 12.93  ? 26  ARG B N     1 
ATOM   1250 C CA    . ARG D 3 24 ? -8.330  -13.274 -3.876  1.00 7.69   ? 26  ARG B CA    1 
ATOM   1251 C C     . ARG D 3 24 ? -7.686  -12.778 -5.171  1.00 11.90  ? 26  ARG B C     1 
ATOM   1252 O O     . ARG D 3 24 ? -6.589  -12.216 -5.148  1.00 20.12  ? 26  ARG B O     1 
ATOM   1253 C CB    . ARG D 3 24 ? -7.944  -14.719 -3.634  1.00 7.87   ? 26  ARG B CB    1 
ATOM   1254 C CG    . ARG D 3 24 ? -8.389  -15.229 -2.252  1.00 21.43  ? 26  ARG B CG    1 
ATOM   1255 C CD    . ARG D 3 24 ? -7.661  -16.535 -1.795  1.00 8.01   ? 26  ARG B CD    1 
ATOM   1256 N NE    . ARG D 3 24 ? -8.010  -17.654 -2.644  1.00 5.34   ? 26  ARG B NE    1 
ATOM   1257 C CZ    . ARG D 3 24 ? -8.877  -18.582 -2.279  1.00 18.14  ? 26  ARG B CZ    1 
ATOM   1258 N NH1   . ARG D 3 24 ? -9.457  -18.523 -1.085  1.00 15.70  ? 26  ARG B NH1   1 
ATOM   1259 N NH2   . ARG D 3 24 ? -9.238  -19.502 -3.145  1.00 8.78   ? 26  ARG B NH2   1 
ATOM   1260 N N     . ASP D 3 25 ? -8.350  -12.960 -6.302  1.00 4.89   ? 27  ASP B N     1 
ATOM   1261 C CA    . ASP D 3 25 ? -7.752  -12.513 -7.547  1.00 4.84   ? 27  ASP B CA    1 
ATOM   1262 C C     . ASP D 3 25 ? -7.776  -11.005 -7.644  1.00 5.58   ? 27  ASP B C     1 
ATOM   1263 O O     . ASP D 3 25 ? -6.895  -10.400 -8.231  1.00 7.49   ? 27  ASP B O     1 
ATOM   1264 C CB    . ASP D 3 25 ? -8.451  -13.113 -8.765  1.00 19.93  ? 27  ASP B CB    1 
ATOM   1265 C CG    . ASP D 3 25 ? -8.173  -14.607 -8.942  1.00 38.07  ? 27  ASP B CG    1 
ATOM   1266 O OD1   . ASP D 3 25 ? -7.137  -15.114 -8.444  1.00 39.42  ? 27  ASP B OD1   1 
ATOM   1267 O OD2   . ASP D 3 25 ? -9.006  -15.276 -9.600  1.00 51.28  ? 27  ASP B OD2   1 
ATOM   1268 N N     . HIS D 3 26 ? -8.812  -10.380 -7.116  1.00 4.09   ? 28  HIS B N     1 
ATOM   1269 C CA    . HIS D 3 26 ? -8.861  -8.943  -7.184  1.00 6.82   ? 28  HIS B CA    1 
ATOM   1270 C C     . HIS D 3 26 ? -7.675  -8.388  -6.399  1.00 17.99  ? 28  HIS B C     1 
ATOM   1271 O O     . HIS D 3 26 ? -6.904  -7.582  -6.918  1.00 22.20  ? 28  HIS B O     1 
ATOM   1272 C CB    . HIS D 3 26 ? -10.169 -8.411  -6.615  1.00 2.02   ? 28  HIS B CB    1 
ATOM   1273 C CG    . HIS D 3 26 ? -10.298 -6.925  -6.708  1.00 24.49  ? 28  HIS B CG    1 
ATOM   1274 N ND1   . HIS D 3 26 ? -11.346 -6.227  -6.146  1.00 36.58  ? 28  HIS B ND1   1 
ATOM   1275 C CD2   . HIS D 3 26 ? -9.492  -5.995  -7.279  1.00 28.16  ? 28  HIS B CD2   1 
ATOM   1276 C CE1   . HIS D 3 26 ? -11.178 -4.934  -6.363  1.00 31.54  ? 28  HIS B CE1   1 
ATOM   1277 N NE2   . HIS D 3 26 ? -10.062 -4.766  -7.046  1.00 33.62  ? 28  HIS B NE2   1 
ATOM   1278 N N     . ILE D 3 27 ? -7.493  -8.864  -5.172  1.00 14.25  ? 29  ILE B N     1 
ATOM   1279 C CA    . ILE D 3 27 ? -6.409  -8.393  -4.322  1.00 7.05   ? 29  ILE B CA    1 
ATOM   1280 C C     . ILE D 3 27 ? -5.034  -8.680  -4.918  1.00 11.37  ? 29  ILE B C     1 
ATOM   1281 O O     . ILE D 3 27 ? -4.102  -7.900  -4.764  1.00 11.81  ? 29  ILE B O     1 
ATOM   1282 C CB    . ILE D 3 27 ? -6.538  -9.015  -2.929  1.00 3.27   ? 29  ILE B CB    1 
ATOM   1283 C CG1   . ILE D 3 27 ? -7.824  -8.524  -2.299  1.00 2.00   ? 29  ILE B CG1   1 
ATOM   1284 C CG2   . ILE D 3 27 ? -5.365  -8.652  -2.035  1.00 2.00   ? 29  ILE B CG2   1 
ATOM   1285 C CD1   . ILE D 3 27 ? -8.111  -9.122  -0.979  1.00 5.27   ? 29  ILE B CD1   1 
ATOM   1286 N N     . LYS D 3 28 ? -4.903  -9.799  -5.612  1.00 20.96  ? 30  LYS B N     1 
ATOM   1287 C CA    . LYS D 3 28 ? -3.633  -10.177 -6.233  1.00 19.12  ? 30  LYS B CA    1 
ATOM   1288 C C     . LYS D 3 28 ? -3.307  -9.162  -7.328  1.00 21.72  ? 30  LYS B C     1 
ATOM   1289 O O     . LYS D 3 28 ? -2.199  -8.641  -7.394  1.00 24.40  ? 30  LYS B O     1 
ATOM   1290 C CB    . LYS D 3 28 ? -3.776  -11.573 -6.822  1.00 15.75  ? 30  LYS B CB    1 
ATOM   1291 C CG    . LYS D 3 28 ? -2.520  -12.259 -7.311  1.00 28.80  ? 30  LYS B CG    1 
ATOM   1292 C CD    . LYS D 3 28 ? -2.874  -13.636 -7.954  1.00 49.47  ? 30  LYS B CD    1 
ATOM   1293 C CE    . LYS D 3 28 ? -3.804  -14.508 -7.032  1.00 61.94  ? 30  LYS B CE    1 
ATOM   1294 N NZ    . LYS D 3 28 ? -4.357  -15.785 -7.636  1.00 55.60  ? 30  LYS B NZ    1 
ATOM   1295 N N     . ASP D 3 29 ? -4.294  -8.828  -8.147  1.00 18.87  ? 31  ASP B N     1 
ATOM   1296 C CA    . ASP D 3 29 ? -4.063  -7.896  -9.210  1.00 22.59  ? 31  ASP B CA    1 
ATOM   1297 C C     . ASP D 3 29 ? -3.752  -6.545  -8.673  1.00 17.78  ? 31  ASP B C     1 
ATOM   1298 O O     . ASP D 3 29 ? -2.758  -5.916  -9.060  1.00 25.75  ? 31  ASP B O     1 
ATOM   1299 C CB    . ASP D 3 29 ? -5.236  -7.866  -10.147 1.00 43.74  ? 31  ASP B CB    1 
ATOM   1300 C CG    . ASP D 3 29 ? -4.943  -8.588  -11.423 1.00 75.85  ? 31  ASP B CG    1 
ATOM   1301 O OD1   . ASP D 3 29 ? -5.677  -8.325  -12.391 1.00 107.66 ? 31  ASP B OD1   1 
ATOM   1302 O OD2   . ASP D 3 29 ? -3.971  -9.393  -11.479 1.00 91.49  ? 31  ASP B OD2   1 
ATOM   1303 N N     . SER D 3 30 ? -4.550  -6.128  -7.709  1.00 13.02  ? 32  SER B N     1 
ATOM   1304 C CA    . SER D 3 30 ? -4.354  -4.829  -7.071  1.00 5.54   ? 32  SER B CA    1 
ATOM   1305 C C     . SER D 3 30 ? -2.989  -4.670  -6.422  1.00 2.00   ? 32  SER B C     1 
ATOM   1306 O O     . SER D 3 30 ? -2.459  -3.571  -6.415  1.00 10.66  ? 32  SER B O     1 
ATOM   1307 C CB    . SER D 3 30 ? -5.490  -4.546  -6.099  1.00 2.00   ? 32  SER B CB    1 
ATOM   1308 O OG    . SER D 3 30 ? -6.693  -4.432  -6.856  1.00 12.61  ? 32  SER B OG    1 
ATOM   1309 N N     . PHE D 3 31 ? -2.401  -5.761  -5.928  1.00 2.00   ? 33  PHE B N     1 
ATOM   1310 C CA    . PHE D 3 31 ? -1.069  -5.711  -5.332  1.00 2.00   ? 33  PHE B CA    1 
ATOM   1311 C C     . PHE D 3 31 ? -0.074  -5.458  -6.479  1.00 10.58  ? 33  PHE B C     1 
ATOM   1312 O O     . PHE D 3 31 ? 0.915   -4.737  -6.332  1.00 9.35   ? 33  PHE B O     1 
ATOM   1313 C CB    . PHE D 3 31 ? -0.730  -7.043  -4.669  1.00 3.91   ? 33  PHE B CB    1 
ATOM   1314 C CG    . PHE D 3 31 ? -0.923  -7.065  -3.174  1.00 9.88   ? 33  PHE B CG    1 
ATOM   1315 C CD1   . PHE D 3 31 ? -0.073  -6.347  -2.331  1.00 5.99   ? 33  PHE B CD1   1 
ATOM   1316 C CD2   . PHE D 3 31 ? -1.959  -7.801  -2.610  1.00 5.32   ? 33  PHE B CD2   1 
ATOM   1317 C CE1   . PHE D 3 31 ? -0.256  -6.366  -0.938  1.00 4.68   ? 33  PHE B CE1   1 
ATOM   1318 C CE2   . PHE D 3 31 ? -2.143  -7.813  -1.224  1.00 10.68  ? 33  PHE B CE2   1 
ATOM   1319 C CZ    . PHE D 3 31 ? -1.293  -7.096  -0.392  1.00 2.01   ? 33  PHE B CZ    1 
ATOM   1320 N N     . HIS D 3 32 ? -0.376  -6.006  -7.651  1.00 12.48  ? 34  HIS B N     1 
ATOM   1321 C CA    . HIS D 3 32 ? 0.490   -5.855  -8.807  1.00 13.43  ? 34  HIS B CA    1 
ATOM   1322 C C     . HIS D 3 32 ? 0.601   -4.407  -9.165  1.00 7.32   ? 34  HIS B C     1 
ATOM   1323 O O     . HIS D 3 32 ? 1.677   -3.839  -9.168  1.00 18.62  ? 34  HIS B O     1 
ATOM   1324 C CB    . HIS D 3 32 ? -0.054  -6.636  -9.994  1.00 21.10  ? 34  HIS B CB    1 
ATOM   1325 C CG    . HIS D 3 32 ? 0.921   -6.773  -11.121 1.00 40.11  ? 34  HIS B CG    1 
ATOM   1326 N ND1   . HIS D 3 32 ? 1.341   -7.995  -11.598 1.00 53.27  ? 34  HIS B ND1   1 
ATOM   1327 C CD2   . HIS D 3 32 ? 1.566   -5.842  -11.861 1.00 55.29  ? 34  HIS B CD2   1 
ATOM   1328 C CE1   . HIS D 3 32 ? 2.204   -7.814  -12.583 1.00 56.49  ? 34  HIS B CE1   1 
ATOM   1329 N NE2   . HIS D 3 32 ? 2.359   -6.515  -12.762 1.00 57.61  ? 34  HIS B NE2   1 
ATOM   1330 N N     . SER D 3 33 ? -0.532  -3.809  -9.442  1.00 4.33   ? 35  SER B N     1 
ATOM   1331 C CA    . SER D 3 33 ? -0.581  -2.421  -9.799  1.00 5.00   ? 35  SER B CA    1 
ATOM   1332 C C     . SER D 3 33 ? 0.043   -1.512  -8.763  1.00 9.14   ? 35  SER B C     1 
ATOM   1333 O O     . SER D 3 33 ? 0.675   -0.525  -9.127  1.00 22.51  ? 35  SER B O     1 
ATOM   1334 C CB    . SER D 3 33 ? -2.023  -2.019  -10.050 1.00 8.23   ? 35  SER B CB    1 
ATOM   1335 O OG    . SER D 3 33 ? -2.583  -2.846  -11.049 1.00 22.07  ? 35  SER B OG    1 
ATOM   1336 N N     . LEU D 3 34 ? -0.159  -1.787  -7.477  1.00 12.38  ? 36  LEU B N     1 
ATOM   1337 C CA    . LEU D 3 34 ? 0.443   -0.924  -6.454  1.00 16.51  ? 36  LEU B CA    1 
ATOM   1338 C C     . LEU D 3 34 ? 1.942   -1.095  -6.624  1.00 17.11  ? 36  LEU B C     1 
ATOM   1339 O O     . LEU D 3 34 ? 2.671   -0.120  -6.659  1.00 17.81  ? 36  LEU B O     1 
ATOM   1340 C CB    . LEU D 3 34 ? 0.077   -1.355  -5.029  1.00 5.20   ? 36  LEU B CB    1 
ATOM   1341 C CG    . LEU D 3 34 ? -0.174  -0.289  -3.959  1.00 11.12  ? 36  LEU B CG    1 
ATOM   1342 C CD1   . LEU D 3 34 ? -0.014  -0.867  -2.554  1.00 2.00   ? 36  LEU B CD1   1 
ATOM   1343 C CD2   . LEU D 3 34 ? 0.718   0.871   -4.140  1.00 2.17   ? 36  LEU B CD2   1 
ATOM   1344 N N     . ARG D 3 35 ? 2.375   -2.333  -6.831  1.00 12.81  ? 37  ARG B N     1 
ATOM   1345 C CA    . ARG D 3 35 ? 3.790   -2.632  -6.952  1.00 20.49  ? 37  ARG B CA    1 
ATOM   1346 C C     . ARG D 3 35 ? 4.437   -1.769  -7.999  1.00 18.75  ? 37  ARG B C     1 
ATOM   1347 O O     . ARG D 3 35 ? 5.435   -1.102  -7.761  1.00 33.11  ? 37  ARG B O     1 
ATOM   1348 C CB    . ARG D 3 35 ? 4.013   -4.109  -7.312  1.00 20.62  ? 37  ARG B CB    1 
ATOM   1349 C CG    . ARG D 3 35 ? 5.383   -4.584  -6.877  1.00 35.89  ? 37  ARG B CG    1 
ATOM   1350 C CD    . ARG D 3 35 ? 5.907   -5.785  -7.622  1.00 30.19  ? 37  ARG B CD    1 
ATOM   1351 N NE    . ARG D 3 35 ? 6.009   -5.517  -9.043  1.00 42.71  ? 37  ARG B NE    1 
ATOM   1352 C CZ    . ARG D 3 35 ? 5.317   -6.193  -9.944  1.00 53.23  ? 37  ARG B CZ    1 
ATOM   1353 N NH1   . ARG D 3 35 ? 4.499   -7.150  -9.539  1.00 68.25  ? 37  ARG B NH1   1 
ATOM   1354 N NH2   . ARG D 3 35 ? 5.444   -5.938  -11.236 1.00 58.03  ? 37  ARG B NH2   1 
ATOM   1355 N N     . ASP D 3 36 ? 3.831   -1.755  -9.163  1.00 24.71  ? 38  ASP B N     1 
ATOM   1356 C CA    . ASP D 3 36 ? 4.340   -0.985  -10.287 1.00 25.66  ? 38  ASP B CA    1 
ATOM   1357 C C     . ASP D 3 36 ? 4.247   0.537   -10.140 1.00 20.67  ? 38  ASP B C     1 
ATOM   1358 O O     . ASP D 3 36 ? 5.029   1.241   -10.759 1.00 21.66  ? 38  ASP B O     1 
ATOM   1359 C CB    . ASP D 3 36 ? 3.656   -1.447  -11.574 1.00 28.83  ? 38  ASP B CB    1 
ATOM   1360 C CG    . ASP D 3 36 ? 3.908   -2.926  -11.869 1.00 31.09  ? 38  ASP B CG    1 
ATOM   1361 O OD1   . ASP D 3 36 ? 4.749   -3.548  -11.171 1.00 27.69  ? 38  ASP B OD1   1 
ATOM   1362 O OD2   . ASP D 3 36 ? 3.269   -3.456  -12.806 1.00 25.39  ? 38  ASP B OD2   1 
ATOM   1363 N N     . SER D 3 37 ? 3.301   1.048   -9.350  1.00 7.43   ? 39  SER B N     1 
ATOM   1364 C CA    . SER D 3 37 ? 3.187   2.482   -9.128  1.00 3.52   ? 39  SER B CA    1 
ATOM   1365 C C     . SER D 3 37 ? 4.266   3.047   -8.181  1.00 12.13  ? 39  SER B C     1 
ATOM   1366 O O     . SER D 3 37 ? 4.417   4.256   -8.086  1.00 12.85  ? 39  SER B O     1 
ATOM   1367 C CB    . SER D 3 37 ? 1.848   2.793   -8.508  1.00 6.70   ? 39  SER B CB    1 
ATOM   1368 O OG    . SER D 3 37 ? 0.806   2.457   -9.390  1.00 26.77  ? 39  SER B OG    1 
ATOM   1369 N N     . VAL D 3 38 ? 4.976   2.173   -7.463  1.00 8.56   ? 40  VAL B N     1 
ATOM   1370 C CA    . VAL D 3 38 ? 5.979   2.576   -6.496  1.00 8.14   ? 40  VAL B CA    1 
ATOM   1371 C C     . VAL D 3 38 ? 7.355   2.297   -7.034  1.00 15.85  ? 40  VAL B C     1 
ATOM   1372 O O     . VAL D 3 38 ? 7.764   1.135   -7.152  1.00 23.88  ? 40  VAL B O     1 
ATOM   1373 C CB    . VAL D 3 38 ? 5.794   1.798   -5.178  1.00 11.45  ? 40  VAL B CB    1 
ATOM   1374 C CG1   . VAL D 3 38 ? 6.879   2.137   -4.219  1.00 11.33  ? 40  VAL B CG1   1 
ATOM   1375 C CG2   . VAL D 3 38 ? 4.479   2.140   -4.563  1.00 2.00   ? 40  VAL B CG2   1 
ATOM   1376 N N     . PRO D 3 39 ? 8.135   3.352   -7.283  1.00 14.19  ? 41  PRO B N     1 
ATOM   1377 C CA    . PRO D 3 39 ? 9.480   3.174   -7.819  1.00 13.69  ? 41  PRO B CA    1 
ATOM   1378 C C     . PRO D 3 39 ? 10.470  2.336   -7.041  1.00 8.60   ? 41  PRO B C     1 
ATOM   1379 O O     . PRO D 3 39 ? 11.404  1.818   -7.638  1.00 25.32  ? 41  PRO B O     1 
ATOM   1380 C CB    . PRO D 3 39 ? 9.948   4.608   -8.069  1.00 11.81  ? 41  PRO B CB    1 
ATOM   1381 C CG    . PRO D 3 39 ? 9.191   5.383   -7.128  1.00 3.67   ? 41  PRO B CG    1 
ATOM   1382 C CD    . PRO D 3 39 ? 7.814   4.781   -7.205  1.00 15.56  ? 41  PRO B CD    1 
ATOM   1383 N N     . SER D 3 40 ? 10.275  2.180   -5.736  1.00 6.92   ? 42  SER B N     1 
ATOM   1384 C CA    . SER D 3 40 ? 11.174  1.351   -4.915  1.00 2.00   ? 42  SER B CA    1 
ATOM   1385 C C     . SER D 3 40 ? 10.994  -0.148  -5.148  1.00 12.46  ? 42  SER B C     1 
ATOM   1386 O O     . SER D 3 40 ? 11.869  -0.934  -4.752  1.00 16.28  ? 42  SER B O     1 
ATOM   1387 C CB    . SER D 3 40 ? 10.944  1.556   -3.421  1.00 2.00   ? 42  SER B CB    1 
ATOM   1388 O OG    . SER D 3 40 ? 10.076  2.635   -3.098  1.00 24.80  ? 42  SER B OG    1 
ATOM   1389 N N     . LEU D 3 41 ? 9.837   -0.541  -5.710  1.00 15.24  ? 43  LEU B N     1 
ATOM   1390 C CA    . LEU D 3 41 ? 9.479   -1.950  -5.971  1.00 14.76  ? 43  LEU B CA    1 
ATOM   1391 C C     . LEU D 3 41 ? 9.633   -2.379  -7.440  1.00 20.38  ? 43  LEU B C     1 
ATOM   1392 O O     . LEU D 3 41 ? 9.573   -3.564  -7.761  1.00 24.43  ? 43  LEU B O     1 
ATOM   1393 C CB    . LEU D 3 41 ? 8.030   -2.227  -5.572  1.00 5.73   ? 43  LEU B CB    1 
ATOM   1394 C CG    . LEU D 3 41 ? 7.430   -2.534  -4.205  1.00 4.26   ? 43  LEU B CG    1 
ATOM   1395 C CD1   . LEU D 3 41 ? 8.464   -2.903  -3.170  1.00 2.02   ? 43  LEU B CD1   1 
ATOM   1396 C CD2   . LEU D 3 41 ? 6.536   -1.339  -3.833  1.00 2.00   ? 43  LEU B CD2   1 
ATOM   1397 N N     . GLN D 3 42 ? 9.786   -1.422  -8.338  1.00 16.46  ? 44  GLN B N     1 
ATOM   1398 C CA    . GLN D 3 42 ? 9.934   -1.752  -9.737  1.00 9.26   ? 44  GLN B CA    1 
ATOM   1399 C C     . GLN D 3 42 ? 11.134  -2.604  -9.985  1.00 8.99   ? 44  GLN B C     1 
ATOM   1400 O O     . GLN D 3 42 ? 12.235  -2.290  -9.566  1.00 14.97  ? 44  GLN B O     1 
ATOM   1401 C CB    . GLN D 3 42 ? 9.999   -0.484  -10.529 1.00 6.32   ? 44  GLN B CB    1 
ATOM   1402 C CG    . GLN D 3 42 ? 8.735   0.269   -10.270 1.00 21.37  ? 44  GLN B CG    1 
ATOM   1403 C CD    . GLN D 3 42 ? 8.744   1.632   -10.852 1.00 25.58  ? 44  GLN B CD    1 
ATOM   1404 O OE1   . GLN D 3 42 ? 9.801   2.181   -11.166 1.00 40.17  ? 44  GLN B OE1   1 
ATOM   1405 N NE2   . GLN D 3 42 ? 7.564   2.216   -10.979 1.00 17.77  ? 44  GLN B NE2   1 
ATOM   1406 N N     . GLY D 3 43 ? 10.897  -3.734  -10.625 1.00 6.94   ? 45  GLY B N     1 
ATOM   1407 C CA    . GLY D 3 43 ? 11.987  -4.628  -10.926 1.00 10.09  ? 45  GLY B CA    1 
ATOM   1408 C C     . GLY D 3 43 ? 12.458  -5.463  -9.757  1.00 20.51  ? 45  GLY B C     1 
ATOM   1409 O O     . GLY D 3 43 ? 13.399  -6.250  -9.898  1.00 33.32  ? 45  GLY B O     1 
ATOM   1410 N N     . GLU D 3 44 ? 11.837  -5.312  -8.601  1.00 20.04  ? 46  GLU B N     1 
ATOM   1411 C CA    . GLU D 3 44 ? 12.249  -6.104  -7.448  1.00 24.10  ? 46  GLU B CA    1 
ATOM   1412 C C     . GLU D 3 44 ? 11.238  -7.177  -7.081  1.00 18.62  ? 46  GLU B C     1 
ATOM   1413 O O     . GLU D 3 44 ? 10.067  -7.058  -7.399  1.00 21.22  ? 46  GLU B O     1 
ATOM   1414 C CB    . GLU D 3 44 ? 12.495  -5.208  -6.222  1.00 31.30  ? 46  GLU B CB    1 
ATOM   1415 C CG    . GLU D 3 44 ? 13.971  -5.064  -5.809  1.00 36.45  ? 46  GLU B CG    1 
ATOM   1416 C CD    . GLU D 3 44 ? 14.775  -4.216  -6.777  1.00 34.46  ? 46  GLU B CD    1 
ATOM   1417 O OE1   . GLU D 3 44 ? 15.938  -4.559  -7.070  1.00 34.72  ? 46  GLU B OE1   1 
ATOM   1418 O OE2   . GLU D 3 44 ? 14.238  -3.202  -7.252  1.00 41.69  ? 46  GLU B OE2   1 
ATOM   1419 N N     . LYS D 3 45 ? 11.724  -8.242  -6.453  1.00 22.05  ? 47  LYS B N     1 
ATOM   1420 C CA    . LYS D 3 45 ? 10.882  -9.318  -5.978  1.00 20.34  ? 47  LYS B CA    1 
ATOM   1421 C C     . LYS D 3 45 ? 10.485  -8.786  -4.607  1.00 22.40  ? 47  LYS B C     1 
ATOM   1422 O O     . LYS D 3 45 ? 11.346  -8.378  -3.827  1.00 28.03  ? 47  LYS B O     1 
ATOM   1423 C CB    . LYS D 3 45 ? 11.700  -10.584 -5.827  1.00 32.44  ? 47  LYS B CB    1 
ATOM   1424 C CG    . LYS D 3 45 ? 12.549  -10.882 -7.046  1.00 62.00  ? 47  LYS B CG    1 
ATOM   1425 C CD    . LYS D 3 45 ? 13.637  -11.923 -6.761  1.00 82.09  ? 47  LYS B CD    1 
ATOM   1426 C CE    . LYS D 3 45 ? 14.765  -11.870 -7.819  1.00 93.60  ? 47  LYS B CE    1 
ATOM   1427 N NZ    . LYS D 3 45 ? 15.739  -13.021 -7.729  1.00 99.20  ? 47  LYS B NZ    1 
ATOM   1428 N N     . ALA D 3 46 ? 9.183   -8.768  -4.327  1.00 23.16  ? 48  ALA B N     1 
ATOM   1429 C CA    . ALA D 3 46 ? 8.650   -8.240  -3.077  1.00 17.85  ? 48  ALA B CA    1 
ATOM   1430 C C     . ALA D 3 46 ? 7.527   -9.078  -2.437  1.00 15.74  ? 48  ALA B C     1 
ATOM   1431 O O     . ALA D 3 46 ? 6.669   -9.621  -3.115  1.00 17.93  ? 48  ALA B O     1 
ATOM   1432 C CB    . ALA D 3 46 ? 8.151   -6.782  -3.311  1.00 17.87  ? 48  ALA B CB    1 
ATOM   1433 N N     . SER D 3 47 ? 7.537   -9.186  -1.116  1.00 18.36  ? 49  SER B N     1 
ATOM   1434 C CA    . SER D 3 47 ? 6.495   -9.916  -0.424  1.00 12.26  ? 49  SER B CA    1 
ATOM   1435 C C     . SER D 3 47 ? 5.323   -8.937  -0.328  1.00 17.78  ? 49  SER B C     1 
ATOM   1436 O O     . SER D 3 47 ? 5.492   -7.717  -0.476  1.00 23.68  ? 49  SER B O     1 
ATOM   1437 C CB    . SER D 3 47 ? 6.979   -10.282 0.976   1.00 18.45  ? 49  SER B CB    1 
ATOM   1438 O OG    . SER D 3 47 ? 6.985   -9.170  1.866   1.00 21.91  ? 49  SER B OG    1 
ATOM   1439 N N     . ARG D 3 48 ? 4.125   -9.451  -0.112  1.00 15.66  ? 50  ARG B N     1 
ATOM   1440 C CA    . ARG D 3 48 ? 2.981   -8.579  0.036   1.00 3.90   ? 50  ARG B CA    1 
ATOM   1441 C C     . ARG D 3 48 ? 3.261   -7.589  1.178   1.00 7.08   ? 50  ARG B C     1 
ATOM   1442 O O     . ARG D 3 48 ? 2.867   -6.431  1.094   1.00 14.09  ? 50  ARG B O     1 
ATOM   1443 C CB    . ARG D 3 48 ? 1.713   -9.402  0.312   1.00 3.56   ? 50  ARG B CB    1 
ATOM   1444 C CG    . ARG D 3 48 ? 1.065   -10.013 -0.926  1.00 2.00   ? 50  ARG B CG    1 
ATOM   1445 C CD    . ARG D 3 48 ? 0.255   -11.221 -0.528  1.00 22.98  ? 50  ARG B CD    1 
ATOM   1446 N NE    . ARG D 3 48 ? -1.167  -11.202 -0.902  1.00 31.79  ? 50  ARG B NE    1 
ATOM   1447 C CZ    . ARG D 3 48 ? -1.646  -11.610 -2.080  1.00 30.46  ? 50  ARG B CZ    1 
ATOM   1448 N NH1   . ARG D 3 48 ? -0.812  -12.054 -3.024  1.00 6.90   ? 50  ARG B NH1   1 
ATOM   1449 N NH2   . ARG D 3 48 ? -2.968  -11.625 -2.297  1.00 28.40  ? 50  ARG B NH2   1 
ATOM   1450 N N     . ALA D 3 49 ? 3.978   -8.003  2.225   1.00 11.31  ? 51  ALA B N     1 
ATOM   1451 C CA    . ALA D 3 49 ? 4.249   -7.069  3.316   1.00 10.82  ? 51  ALA B CA    1 
ATOM   1452 C C     . ALA D 3 49 ? 5.202   -5.966  2.858   1.00 11.02  ? 51  ALA B C     1 
ATOM   1453 O O     . ALA D 3 49 ? 5.049   -4.824  3.268   1.00 20.80  ? 51  ALA B O     1 
ATOM   1454 C CB    . ALA D 3 49 ? 4.771   -7.767  4.532   1.00 2.01   ? 51  ALA B CB    1 
ATOM   1455 N N     . GLN D 3 50 ? 6.160   -6.288  1.997   1.00 2.00   ? 52  GLN B N     1 
ATOM   1456 C CA    . GLN D 3 50 ? 7.078   -5.269  1.482   1.00 5.47   ? 52  GLN B CA    1 
ATOM   1457 C C     . GLN D 3 50 ? 6.366   -4.246  0.644   1.00 3.80   ? 52  GLN B C     1 
ATOM   1458 O O     . GLN D 3 50 ? 6.666   -3.064  0.722   1.00 11.89  ? 52  GLN B O     1 
ATOM   1459 C CB    . GLN D 3 50 ? 8.150   -5.873  0.605   1.00 2.26   ? 52  GLN B CB    1 
ATOM   1460 C CG    . GLN D 3 50 ? 9.142   -6.698  1.364   1.00 30.52  ? 52  GLN B CG    1 
ATOM   1461 C CD    . GLN D 3 50 ? 10.216  -7.276  0.468   1.00 45.78  ? 52  GLN B CD    1 
ATOM   1462 O OE1   . GLN D 3 50 ? 10.636  -8.432  0.666   1.00 48.33  ? 52  GLN B OE1   1 
ATOM   1463 N NE2   . GLN D 3 50 ? 10.669  -6.483  -0.537  1.00 36.78  ? 52  GLN B NE2   1 
ATOM   1464 N N     . ILE D 3 51 ? 5.495   -4.724  -0.233  1.00 2.67   ? 53  ILE B N     1 
ATOM   1465 C CA    . ILE D 3 51 ? 4.738   -3.861  -1.121  1.00 2.00   ? 53  ILE B CA    1 
ATOM   1466 C C     . ILE D 3 51 ? 3.961   -2.873  -0.276  1.00 6.44   ? 53  ILE B C     1 
ATOM   1467 O O     . ILE D 3 51 ? 4.032   -1.677  -0.513  1.00 16.30  ? 53  ILE B O     1 
ATOM   1468 C CB    . ILE D 3 51 ? 3.747   -4.682  -1.984  1.00 4.19   ? 53  ILE B CB    1 
ATOM   1469 C CG1   . ILE D 3 51 ? 4.501   -5.691  -2.854  1.00 4.75   ? 53  ILE B CG1   1 
ATOM   1470 C CG2   . ILE D 3 51 ? 2.867   -3.771  -2.811  1.00 2.00   ? 53  ILE B CG2   1 
ATOM   1471 C CD1   . ILE D 3 51 ? 3.697   -6.228  -3.976  1.00 2.00   ? 53  ILE B CD1   1 
ATOM   1472 N N     . LEU D 3 52 ? 3.240   -3.363  0.729   1.00 10.55  ? 54  LEU B N     1 
ATOM   1473 C CA    . LEU D 3 52 ? 2.437   -2.495  1.586   1.00 5.25   ? 54  LEU B CA    1 
ATOM   1474 C C     . LEU D 3 52 ? 3.319   -1.501  2.309   1.00 4.91   ? 54  LEU B C     1 
ATOM   1475 O O     . LEU D 3 52 ? 3.015   -0.333  2.382   1.00 8.70   ? 54  LEU B O     1 
ATOM   1476 C CB    . LEU D 3 52 ? 1.699   -3.330  2.616   1.00 2.00   ? 54  LEU B CB    1 
ATOM   1477 C CG    . LEU D 3 52 ? 0.278   -3.839  2.408   1.00 13.85  ? 54  LEU B CG    1 
ATOM   1478 C CD1   . LEU D 3 52 ? -0.383  -3.330  1.158   1.00 3.94   ? 54  LEU B CD1   1 
ATOM   1479 C CD2   . LEU D 3 52 ? 0.323   -5.319  2.448   1.00 7.25   ? 54  LEU B CD2   1 
ATOM   1480 N N     . ASP D 3 53 ? 4.433   -1.981  2.835   1.00 6.52   ? 55  ASP B N     1 
ATOM   1481 C CA    . ASP D 3 53 ? 5.362   -1.150  3.577   1.00 2.00   ? 55  ASP B CA    1 
ATOM   1482 C C     . ASP D 3 53 ? 6.097   -0.103  2.731   1.00 5.67   ? 55  ASP B C     1 
ATOM   1483 O O     . ASP D 3 53 ? 6.117   1.096   3.059   1.00 2.01   ? 55  ASP B O     1 
ATOM   1484 C CB    . ASP D 3 53 ? 6.343   -2.042  4.333   1.00 2.12   ? 55  ASP B CB    1 
ATOM   1485 C CG    . ASP D 3 53 ? 5.734   -2.668  5.578   1.00 6.63   ? 55  ASP B CG    1 
ATOM   1486 O OD1   . ASP D 3 53 ? 6.351   -3.588  6.136   1.00 20.27  ? 55  ASP B OD1   1 
ATOM   1487 O OD2   . ASP D 3 53 ? 4.615   -2.278  5.988   1.00 18.37  ? 55  ASP B OD2   1 
ATOM   1488 N N     . LYS D 3 54 ? 6.709   -0.533  1.637   1.00 7.36   ? 56  LYS B N     1 
ATOM   1489 C CA    . LYS D 3 54 ? 7.401   0.416   0.795   1.00 8.54   ? 56  LYS B CA    1 
ATOM   1490 C C     . LYS D 3 54 ? 6.417   1.410   0.184   1.00 10.17  ? 56  LYS B C     1 
ATOM   1491 O O     . LYS D 3 54 ? 6.797   2.543   -0.079  1.00 16.23  ? 56  LYS B O     1 
ATOM   1492 C CB    . LYS D 3 54 ? 8.219   -0.292  -0.274  1.00 8.29   ? 56  LYS B CB    1 
ATOM   1493 C CG    . LYS D 3 54 ? 9.280   -1.161  0.321   1.00 2.00   ? 56  LYS B CG    1 
ATOM   1494 C CD    . LYS D 3 54 ? 10.489  -1.283  -0.608  1.00 2.73   ? 56  LYS B CD    1 
ATOM   1495 C CE    . LYS D 3 54 ? 11.509  -2.256  -0.044  1.00 25.17  ? 56  LYS B CE    1 
ATOM   1496 N NZ    . LYS D 3 54 ? 12.627  -2.557  -0.985  1.00 41.87  ? 56  LYS B NZ    1 
ATOM   1497 N N     . ALA D 3 55 ? 5.158   0.998   -0.018  1.00 4.27   ? 57  ALA B N     1 
ATOM   1498 C CA    . ALA D 3 55 ? 4.127   1.875   -0.572  1.00 2.00   ? 57  ALA B CA    1 
ATOM   1499 C C     . ALA D 3 55 ? 3.809   2.927   0.450   1.00 8.28   ? 57  ALA B C     1 
ATOM   1500 O O     . ALA D 3 55 ? 3.749   4.123   0.153   1.00 18.69  ? 57  ALA B O     1 
ATOM   1501 C CB    . ALA D 3 55 ? 2.885   1.115   -0.892  1.00 2.02   ? 57  ALA B CB    1 
ATOM   1502 N N     . THR D 3 56 ? 3.574   2.470   1.667   1.00 12.41  ? 58  THR B N     1 
ATOM   1503 C CA    . THR D 3 56 ? 3.251   3.387   2.736   1.00 5.19   ? 58  THR B CA    1 
ATOM   1504 C C     . THR D 3 56 ? 4.320   4.450   2.831   1.00 11.80  ? 58  THR B C     1 
ATOM   1505 O O     . THR D 3 56 ? 3.998   5.621   3.023   1.00 18.18  ? 58  THR B O     1 
ATOM   1506 C CB    . THR D 3 56 ? 3.238   2.723   4.055   1.00 3.02   ? 58  THR B CB    1 
ATOM   1507 O OG1   . THR D 3 56 ? 2.194   1.751   4.091   1.00 17.13  ? 58  THR B OG1   1 
ATOM   1508 C CG2   . THR D 3 56 ? 3.105   3.796   5.198   1.00 2.00   ? 58  THR B CG2   1 
ATOM   1509 N N     . GLU D 3 57 ? 5.586   4.014   2.737   1.00 14.76  ? 59  GLU B N     1 
ATOM   1510 C CA    . GLU D 3 57 ? 6.768   4.888   2.786   1.00 4.98   ? 59  GLU B CA    1 
ATOM   1511 C C     . GLU D 3 57 ? 6.654   5.949   1.686   1.00 5.97   ? 59  GLU B C     1 
ATOM   1512 O O     . GLU D 3 57 ? 6.694   7.142   1.966   1.00 23.53  ? 59  GLU B O     1 
ATOM   1513 C CB    . GLU D 3 57 ? 8.028   4.083   2.503   1.00 2.00   ? 59  GLU B CB    1 
ATOM   1514 C CG    . GLU D 3 57 ? 8.919   3.581   3.630   1.00 9.43   ? 59  GLU B CG    1 
ATOM   1515 C CD    . GLU D 3 57 ? 10.244  2.938   3.088   1.00 10.28  ? 59  GLU B CD    1 
ATOM   1516 O OE1   . GLU D 3 57 ? 10.250  2.321   2.004   1.00 34.28  ? 59  GLU B OE1   1 
ATOM   1517 O OE2   . GLU D 3 57 ? 11.301  3.029   3.728   1.00 21.30  ? 59  GLU B OE2   1 
ATOM   1518 N N     . TYR D 3 58 ? 6.444   5.514   0.443   1.00 5.44   ? 60  TYR B N     1 
ATOM   1519 C CA    . TYR D 3 58 ? 6.338   6.404   -0.735  1.00 2.00   ? 60  TYR B CA    1 
ATOM   1520 C C     . TYR D 3 58 ? 5.215   7.379   -0.661  1.00 2.00   ? 60  TYR B C     1 
ATOM   1521 O O     . TYR D 3 58 ? 5.393   8.536   -0.942  1.00 12.77  ? 60  TYR B O     1 
ATOM   1522 C CB    . TYR D 3 58 ? 6.182   5.586   -1.990  1.00 2.00   ? 60  TYR B CB    1 
ATOM   1523 C CG    . TYR D 3 58 ? 6.091   6.328   -3.299  1.00 7.59   ? 60  TYR B CG    1 
ATOM   1524 C CD1   . TYR D 3 58 ? 4.967   6.209   -4.102  1.00 3.94   ? 60  TYR B CD1   1 
ATOM   1525 C CD2   . TYR D 3 58 ? 7.143   7.117   -3.758  1.00 9.01   ? 60  TYR B CD2   1 
ATOM   1526 C CE1   . TYR D 3 58 ? 4.890   6.872   -5.319  1.00 19.05  ? 60  TYR B CE1   1 
ATOM   1527 C CE2   . TYR D 3 58 ? 7.085   7.768   -4.977  1.00 2.00   ? 60  TYR B CE2   1 
ATOM   1528 C CZ    . TYR D 3 58 ? 5.954   7.650   -5.747  1.00 17.13  ? 60  TYR B CZ    1 
ATOM   1529 O OH    . TYR D 3 58 ? 5.854   8.340   -6.927  1.00 21.06  ? 60  TYR B OH    1 
ATOM   1530 N N     . ILE D 3 59 ? 4.044   6.927   -0.275  1.00 6.60   ? 61  ILE B N     1 
ATOM   1531 C CA    . ILE D 3 59 ? 2.928   7.831   -0.179  1.00 7.40   ? 61  ILE B CA    1 
ATOM   1532 C C     . ILE D 3 59 ? 3.210   8.957   0.802   1.00 16.50  ? 61  ILE B C     1 
ATOM   1533 O O     . ILE D 3 59 ? 2.941   10.113  0.489   1.00 18.49  ? 61  ILE B O     1 
ATOM   1534 C CB    . ILE D 3 59 ? 1.639   7.073   0.096   1.00 8.73   ? 61  ILE B CB    1 
ATOM   1535 C CG1   . ILE D 3 59 ? 1.294   6.289   -1.187  1.00 3.41   ? 61  ILE B CG1   1 
ATOM   1536 C CG2   . ILE D 3 59 ? 0.502   8.049   0.354   1.00 2.00   ? 61  ILE B CG2   1 
ATOM   1537 C CD1   . ILE D 3 59 ? 0.130   5.431   -1.052  1.00 2.00   ? 61  ILE B CD1   1 
ATOM   1538 N N     . GLN D 3 60 ? 3.875   8.650   1.915   1.00 19.01  ? 62  GLN B N     1 
ATOM   1539 C CA    . GLN D 3 60 ? 4.223   9.662   2.921   1.00 13.15  ? 62  GLN B CA    1 
ATOM   1540 C C     . GLN D 3 60 ? 5.260   10.650  2.417   1.00 14.57  ? 62  GLN B C     1 
ATOM   1541 O O     . GLN D 3 60 ? 5.182   11.851  2.697   1.00 17.88  ? 62  GLN B O     1 
ATOM   1542 C CB    . GLN D 3 60 ? 4.713   8.984   4.176   1.00 10.53  ? 62  GLN B CB    1 
ATOM   1543 C CG    . GLN D 3 60 ? 3.578   8.243   4.920   1.00 14.98  ? 62  GLN B CG    1 
ATOM   1544 C CD    . GLN D 3 60 ? 2.550   9.192   5.539   1.00 21.41  ? 62  GLN B CD    1 
ATOM   1545 O OE1   . GLN D 3 60 ? 2.537   10.395  5.272   1.00 36.19  ? 62  GLN B OE1   1 
ATOM   1546 N NE2   . GLN D 3 60 ? 1.671   8.646   6.340   1.00 26.57  ? 62  GLN B NE2   1 
ATOM   1547 N N     . TYR D 3 61 ? 6.266   10.118  1.738   1.00 6.00   ? 63  TYR B N     1 
ATOM   1548 C CA    . TYR D 3 61 ? 7.315   10.905  1.119   1.00 3.11   ? 63  TYR B CA    1 
ATOM   1549 C C     . TYR D 3 61 ? 6.651   11.893  0.166   1.00 12.39  ? 63  TYR B C     1 
ATOM   1550 O O     . TYR D 3 61 ? 6.853   13.095  0.310   1.00 14.38  ? 63  TYR B O     1 
ATOM   1551 C CB    . TYR D 3 61 ? 8.187   9.944   0.338   1.00 7.53   ? 63  TYR B CB    1 
ATOM   1552 C CG    . TYR D 3 61 ? 9.126   10.542  -0.639  1.00 4.97   ? 63  TYR B CG    1 
ATOM   1553 C CD1   . TYR D 3 61 ? 9.023   10.220  -1.994  1.00 14.75  ? 63  TYR B CD1   1 
ATOM   1554 C CD2   . TYR D 3 61 ? 10.157  11.354  -0.222  1.00 2.00   ? 63  TYR B CD2   1 
ATOM   1555 C CE1   . TYR D 3 61 ? 9.928   10.685  -2.916  1.00 7.71   ? 63  TYR B CE1   1 
ATOM   1556 C CE2   . TYR D 3 61 ? 11.073  11.831  -1.128  1.00 15.84  ? 63  TYR B CE2   1 
ATOM   1557 C CZ    . TYR D 3 61 ? 10.951  11.493  -2.475  1.00 18.75  ? 63  TYR B CZ    1 
ATOM   1558 O OH    . TYR D 3 61 ? 11.864  11.981  -3.367  1.00 27.80  ? 63  TYR B OH    1 
ATOM   1559 N N     . MET D 3 62 ? 5.837   11.385  -0.779  1.00 11.89  ? 64  MET B N     1 
ATOM   1560 C CA    . MET D 3 62 ? 5.122   12.218  -1.760  1.00 9.10   ? 64  MET B CA    1 
ATOM   1561 C C     . MET D 3 62 ? 4.333   13.321  -1.092  1.00 11.60  ? 64  MET B C     1 
ATOM   1562 O O     . MET D 3 62 ? 4.336   14.455  -1.564  1.00 15.17  ? 64  MET B O     1 
ATOM   1563 C CB    . MET D 3 62 ? 4.149   11.426  -2.626  1.00 5.46   ? 64  MET B CB    1 
ATOM   1564 C CG    . MET D 3 62 ? 4.784   10.821  -3.835  1.00 23.12  ? 64  MET B CG    1 
ATOM   1565 S SD    . MET D 3 62 ? 5.974   11.975  -4.536  1.00 39.81  ? 64  MET B SD    1 
ATOM   1566 C CE    . MET D 3 62 ? 5.650   11.749  -6.337  1.00 26.31  ? 64  MET B CE    1 
ATOM   1567 N N     . ARG D 3 63 ? 3.617   12.993  -0.028  1.00 4.26   ? 65  ARG B N     1 
ATOM   1568 C CA    . ARG D 3 63 ? 2.848   14.006  0.660   1.00 7.79   ? 65  ARG B CA    1 
ATOM   1569 C C     . ARG D 3 63 ? 3.755   15.111  1.204   1.00 10.01  ? 65  ARG B C     1 
ATOM   1570 O O     . ARG D 3 63 ? 3.439   16.293  1.059   1.00 18.14  ? 65  ARG B O     1 
ATOM   1571 C CB    . ARG D 3 63 ? 2.003   13.373  1.751   1.00 2.00   ? 65  ARG B CB    1 
ATOM   1572 C CG    . ARG D 3 63 ? 1.207   12.270  1.189   1.00 6.99   ? 65  ARG B CG    1 
ATOM   1573 C CD    . ARG D 3 63 ? 0.339   11.696  2.196   1.00 4.79   ? 65  ARG B CD    1 
ATOM   1574 N NE    . ARG D 3 63 ? -0.531  12.737  2.663   1.00 11.90  ? 65  ARG B NE    1 
ATOM   1575 C CZ    . ARG D 3 63 ? -1.358  12.598  3.689   1.00 31.90  ? 65  ARG B CZ    1 
ATOM   1576 N NH1   . ARG D 3 63 ? -1.442  11.445  4.349   1.00 33.03  ? 65  ARG B NH1   1 
ATOM   1577 N NH2   . ARG D 3 63 ? -2.044  13.645  4.112   1.00 38.92  ? 65  ARG B NH2   1 
ATOM   1578 N N     . ARG D 3 64 ? 4.895   14.738  1.776   1.00 9.81   ? 66  ARG B N     1 
ATOM   1579 C CA    . ARG D 3 64 ? 5.838   15.722  2.297   1.00 11.09  ? 66  ARG B CA    1 
ATOM   1580 C C     . ARG D 3 64 ? 6.362   16.596  1.197   1.00 12.81  ? 66  ARG B C     1 
ATOM   1581 O O     . ARG D 3 64 ? 6.264   17.810  1.220   1.00 19.54  ? 66  ARG B O     1 
ATOM   1582 C CB    . ARG D 3 64 ? 7.029   15.036  2.914   1.00 2.00   ? 66  ARG B CB    1 
ATOM   1583 C CG    . ARG D 3 64 ? 6.779   14.710  4.336   1.00 18.67  ? 66  ARG B CG    1 
ATOM   1584 C CD    . ARG D 3 64 ? 7.524   15.647  5.196   1.00 20.50  ? 66  ARG B CD    1 
ATOM   1585 N NE    . ARG D 3 64 ? 7.305   17.017  4.778   1.00 44.62  ? 66  ARG B NE    1 
ATOM   1586 C CZ    . ARG D 3 64 ? 6.391   17.803  5.320   1.00 49.29  ? 66  ARG B CZ    1 
ATOM   1587 N NH1   . ARG D 3 64 ? 5.624   17.312  6.297   1.00 39.17  ? 66  ARG B NH1   1 
ATOM   1588 N NH2   . ARG D 3 64 ? 6.310   19.081  4.937   1.00 42.68  ? 66  ARG B NH2   1 
ATOM   1589 N N     . LYS D 3 65 ? 7.000   15.950  0.257   1.00 15.30  ? 67  LYS B N     1 
ATOM   1590 C CA    . LYS D 3 65 ? 7.577   16.640  -0.840  1.00 21.52  ? 67  LYS B CA    1 
ATOM   1591 C C     . LYS D 3 65 ? 6.583   17.590  -1.542  1.00 25.26  ? 67  LYS B C     1 
ATOM   1592 O O     . LYS D 3 65 ? 6.936   18.729  -1.908  1.00 31.39  ? 67  LYS B O     1 
ATOM   1593 C CB    . LYS D 3 65 ? 8.205   15.596  -1.743  1.00 17.29  ? 67  LYS B CB    1 
ATOM   1594 C CG    . LYS D 3 65 ? 8.518   16.077  -3.094  1.00 41.76  ? 67  LYS B CG    1 
ATOM   1595 C CD    . LYS D 3 65 ? 8.021   15.015  -4.041  1.00 60.85  ? 67  LYS B CD    1 
ATOM   1596 C CE    . LYS D 3 65 ? 7.343   15.567  -5.278  1.00 64.18  ? 67  LYS B CE    1 
ATOM   1597 N NZ    . LYS D 3 65 ? 7.134   14.480  -6.287  1.00 63.88  ? 67  LYS B NZ    1 
ATOM   1598 N N     . ASN D 3 66 ? 5.328   17.174  -1.688  1.00 28.87  ? 68  ASN B N     1 
ATOM   1599 C CA    . ASN D 3 66 ? 4.378   18.067  -2.337  1.00 29.59  ? 68  ASN B CA    1 
ATOM   1600 C C     . ASN D 3 66 ? 4.152   19.256  -1.443  1.00 24.93  ? 68  ASN B C     1 
ATOM   1601 O O     . ASN D 3 66 ? 4.243   20.394  -1.893  1.00 22.97  ? 68  ASN B O     1 
ATOM   1602 C CB    . ASN D 3 66 ? 3.064   17.375  -2.702  1.00 36.79  ? 68  ASN B CB    1 
ATOM   1603 C CG    . ASN D 3 66 ? 3.021   16.937  -4.182  1.00 46.45  ? 68  ASN B CG    1 
ATOM   1604 O OD1   . ASN D 3 66 ? 2.181   17.398  -4.942  1.00 54.23  ? 68  ASN B OD1   1 
ATOM   1605 N ND2   . ASN D 3 66 ? 3.933   16.059  -4.584  1.00 43.80  ? 68  ASN B ND2   1 
ATOM   1606 N N     . HIS D 3 67 ? 3.946   19.009  -0.154  1.00 25.49  ? 69  HIS B N     1 
ATOM   1607 C CA    . HIS D 3 67 ? 3.736   20.118  0.775   1.00 25.97  ? 69  HIS B CA    1 
ATOM   1608 C C     . HIS D 3 67 ? 4.838   21.165  0.725   1.00 25.86  ? 69  HIS B C     1 
ATOM   1609 O O     . HIS D 3 67 ? 4.569   22.358  0.663   1.00 29.13  ? 69  HIS B O     1 
ATOM   1610 C CB    . HIS D 3 67 ? 3.607   19.647  2.209   1.00 28.25  ? 69  HIS B CB    1 
ATOM   1611 C CG    . HIS D 3 67 ? 3.314   20.758  3.161   1.00 37.27  ? 69  HIS B CG    1 
ATOM   1612 N ND1   . HIS D 3 67 ? 2.406   21.754  2.878   1.00 46.55  ? 69  HIS B ND1   1 
ATOM   1613 C CD2   . HIS D 3 67 ? 3.841   21.061  4.367   1.00 45.45  ? 69  HIS B CD2   1 
ATOM   1614 C CE1   . HIS D 3 67 ? 2.387   22.627  3.865   1.00 50.82  ? 69  HIS B CE1   1 
ATOM   1615 N NE2   . HIS D 3 67 ? 3.248   22.229  4.783   1.00 52.22  ? 69  HIS B NE2   1 
ATOM   1616 N N     . THR D 3 68 ? 6.081   20.729  0.793   1.00 22.73  ? 70  THR B N     1 
ATOM   1617 C CA    . THR D 3 68 ? 7.143   21.677  0.751   1.00 16.04  ? 70  THR B CA    1 
ATOM   1618 C C     . THR D 3 68 ? 7.119   22.443  -0.580  1.00 21.08  ? 70  THR B C     1 
ATOM   1619 O O     . THR D 3 68 ? 7.218   23.671  -0.576  1.00 25.64  ? 70  THR B O     1 
ATOM   1620 C CB    . THR D 3 68 ? 8.510   21.050  1.174   1.00 9.98   ? 70  THR B CB    1 
ATOM   1621 O OG1   . THR D 3 68 ? 9.401   20.921  0.075   1.00 18.69  ? 70  THR B OG1   1 
ATOM   1622 C CG2   . THR D 3 68 ? 8.304   19.746  1.866   1.00 8.22   ? 70  THR B CG2   1 
ATOM   1623 N N     . HIS D 3 69 ? 6.875   21.765  -1.702  1.00 23.38  ? 71  HIS B N     1 
ATOM   1624 C CA    . HIS D 3 69 ? 6.810   22.464  -3.004  1.00 16.24  ? 71  HIS B CA    1 
ATOM   1625 C C     . HIS D 3 69 ? 5.684   23.491  -2.970  1.00 19.06  ? 71  HIS B C     1 
ATOM   1626 O O     . HIS D 3 69 ? 5.700   24.451  -3.707  1.00 27.26  ? 71  HIS B O     1 
ATOM   1627 C CB    . HIS D 3 69 ? 6.488   21.526  -4.149  1.00 8.63   ? 71  HIS B CB    1 
ATOM   1628 C CG    . HIS D 3 69 ? 7.581   20.581  -4.518  1.00 15.97  ? 71  HIS B CG    1 
ATOM   1629 N ND1   . HIS D 3 69 ? 8.895   20.798  -4.156  1.00 22.14  ? 71  HIS B ND1   1 
ATOM   1630 C CD2   . HIS D 3 69 ? 7.559   19.383  -5.138  1.00 18.77  ? 71  HIS B CD2   1 
ATOM   1631 C CE1   . HIS D 3 69 ? 9.633   19.773  -4.526  1.00 12.13  ? 71  HIS B CE1   1 
ATOM   1632 N NE2   . HIS D 3 69 ? 8.846   18.898  -5.126  1.00 27.97  ? 71  HIS B NE2   1 
ATOM   1633 N N     . GLN D 3 70 ? 4.684   23.293  -2.128  1.00 25.12  ? 72  GLN B N     1 
ATOM   1634 C CA    . GLN D 3 70 ? 3.610   24.261  -2.067  1.00 26.83  ? 72  GLN B CA    1 
ATOM   1635 C C     . GLN D 3 70 ? 4.183   25.496  -1.431  1.00 26.10  ? 72  GLN B C     1 
ATOM   1636 O O     . GLN D 3 70 ? 4.023   26.594  -1.944  1.00 30.92  ? 72  GLN B O     1 
ATOM   1637 C CB    . GLN D 3 70 ? 2.465   23.734  -1.246  1.00 30.70  ? 72  GLN B CB    1 
ATOM   1638 C CG    . GLN D 3 70 ? 1.138   23.980  -1.882  1.00 51.86  ? 72  GLN B CG    1 
ATOM   1639 C CD    . GLN D 3 70 ? 0.155   22.869  -1.545  1.00 72.33  ? 72  GLN B CD    1 
ATOM   1640 O OE1   . GLN D 3 70 ? 0.022   22.462  -0.378  1.00 77.55  ? 72  GLN B OE1   1 
ATOM   1641 N NE2   . GLN D 3 70 ? -0.530  22.354  -2.570  1.00 81.91  ? 72  GLN B NE2   1 
ATOM   1642 N N     . GLN D 3 71 ? 4.929   25.287  -0.354  1.00 25.65  ? 73  GLN B N     1 
ATOM   1643 C CA    . GLN D 3 71 ? 5.575   26.360  0.384   1.00 27.11  ? 73  GLN B CA    1 
ATOM   1644 C C     . GLN D 3 71 ? 6.406   27.199  -0.574  1.00 26.45  ? 73  GLN B C     1 
ATOM   1645 O O     . GLN D 3 71 ? 6.218   28.391  -0.676  1.00 34.50  ? 73  GLN B O     1 
ATOM   1646 C CB    . GLN D 3 71 ? 6.470   25.787  1.477   1.00 38.02  ? 73  GLN B CB    1 
ATOM   1647 C CG    . GLN D 3 71 ? 5.700   25.010  2.528   1.00 57.10  ? 73  GLN B CG    1 
ATOM   1648 C CD    . GLN D 3 71 ? 6.500   24.782  3.797   1.00 71.89  ? 73  GLN B CD    1 
ATOM   1649 O OE1   . GLN D 3 71 ? 7.176   25.688  4.296   1.00 83.15  ? 73  GLN B OE1   1 
ATOM   1650 N NE2   . GLN D 3 71 ? 6.443   23.560  4.323   1.00 81.44  ? 73  GLN B NE2   1 
ATOM   1651 N N     . ASP D 3 72 ? 7.271   26.558  -1.336  1.00 19.00  ? 74  ASP B N     1 
ATOM   1652 C CA    . ASP D 3 72 ? 8.104   27.262  -2.286  1.00 26.60  ? 74  ASP B CA    1 
ATOM   1653 C C     . ASP D 3 72 ? 7.281   28.064  -3.308  1.00 34.29  ? 74  ASP B C     1 
ATOM   1654 O O     . ASP D 3 72 ? 7.816   28.920  -4.031  1.00 36.41  ? 74  ASP B O     1 
ATOM   1655 C CB    . ASP D 3 72 ? 9.018   26.280  -3.016  1.00 27.49  ? 74  ASP B CB    1 
ATOM   1656 C CG    . ASP D 3 72 ? 9.753   25.340  -2.079  1.00 41.42  ? 74  ASP B CG    1 
ATOM   1657 O OD1   . ASP D 3 72 ? 9.913   25.664  -0.873  1.00 51.22  ? 74  ASP B OD1   1 
ATOM   1658 O OD2   . ASP D 3 72 ? 10.185  24.269  -2.569  1.00 50.45  ? 74  ASP B OD2   1 
ATOM   1659 N N     . ILE D 3 73 ? 6.005   27.724  -3.448  1.00 34.00  ? 75  ILE B N     1 
ATOM   1660 C CA    . ILE D 3 73 ? 5.151   28.460  -4.363  1.00 31.07  ? 75  ILE B CA    1 
ATOM   1661 C C     . ILE D 3 73 ? 4.716   29.697  -3.580  1.00 29.89  ? 75  ILE B C     1 
ATOM   1662 O O     . ILE D 3 73 ? 5.018   30.806  -3.988  1.00 29.73  ? 75  ILE B O     1 
ATOM   1663 C CB    . ILE D 3 73 ? 3.980   27.592  -4.838  1.00 34.12  ? 75  ILE B CB    1 
ATOM   1664 C CG1   . ILE D 3 73 ? 4.432   26.747  -6.038  1.00 30.74  ? 75  ILE B CG1   1 
ATOM   1665 C CG2   . ILE D 3 73 ? 2.777   28.427  -5.138  1.00 33.38  ? 75  ILE B CG2   1 
ATOM   1666 C CD1   . ILE D 3 73 ? 3.478   25.595  -6.407  1.00 27.76  ? 75  ILE B CD1   1 
ATOM   1667 N N     . ASP D 3 74 ? 4.131   29.506  -2.399  1.00 27.32  ? 76  ASP B N     1 
ATOM   1668 C CA    . ASP D 3 74 ? 3.713   30.621  -1.550  1.00 38.42  ? 76  ASP B CA    1 
ATOM   1669 C C     . ASP D 3 74 ? 4.819   31.643  -1.340  1.00 46.00  ? 76  ASP B C     1 
ATOM   1670 O O     . ASP D 3 74 ? 4.588   32.843  -1.378  1.00 55.62  ? 76  ASP B O     1 
ATOM   1671 C CB    . ASP D 3 74 ? 3.294   30.136  -0.161  1.00 44.02  ? 76  ASP B CB    1 
ATOM   1672 C CG    . ASP D 3 74 ? 2.061   29.261  -0.185  1.00 56.97  ? 76  ASP B CG    1 
ATOM   1673 O OD1   . ASP D 3 74 ? 1.469   29.093  -1.284  1.00 64.35  ? 76  ASP B OD1   1 
ATOM   1674 O OD2   . ASP D 3 74 ? 1.687   28.756  0.912   1.00 59.00  ? 76  ASP B OD2   1 
ATOM   1675 N N     . ASP D 3 75 ? 6.025   31.170  -1.101  1.00 52.24  ? 77  ASP B N     1 
ATOM   1676 C CA    . ASP D 3 75 ? 7.132   32.074  -0.868  1.00 59.62  ? 77  ASP B CA    1 
ATOM   1677 C C     . ASP D 3 75 ? 7.677   32.714  -2.122  1.00 58.34  ? 77  ASP B C     1 
ATOM   1678 O O     . ASP D 3 75 ? 8.354   33.723  -2.054  1.00 62.39  ? 77  ASP B O     1 
ATOM   1679 C CB    . ASP D 3 75 ? 8.221   31.385  -0.055  1.00 69.25  ? 77  ASP B CB    1 
ATOM   1680 C CG    . ASP D 3 75 ? 7.769   31.093  1.370   1.00 82.11  ? 77  ASP B CG    1 
ATOM   1681 O OD1   . ASP D 3 75 ? 6.667   31.549  1.764   1.00 88.08  ? 77  ASP B OD1   1 
ATOM   1682 O OD2   . ASP D 3 75 ? 8.509   30.401  2.096   1.00 96.15  ? 77  ASP B OD2   1 
ATOM   1683 N N     . LEU D 3 76 ? 7.400   32.131  -3.273  1.00 55.96  ? 78  LEU B N     1 
ATOM   1684 C CA    . LEU D 3 76 ? 7.863   32.726  -4.513  1.00 55.35  ? 78  LEU B CA    1 
ATOM   1685 C C     . LEU D 3 76 ? 6.761   33.688  -4.933  1.00 60.66  ? 78  LEU B C     1 
ATOM   1686 O O     . LEU D 3 76 ? 6.985   34.602  -5.715  1.00 61.96  ? 78  LEU B O     1 
ATOM   1687 C CB    . LEU D 3 76 ? 8.096   31.649  -5.576  1.00 52.73  ? 78  LEU B CB    1 
ATOM   1688 C CG    . LEU D 3 76 ? 9.493   31.748  -6.174  1.00 48.05  ? 78  LEU B CG    1 
ATOM   1689 C CD1   . LEU D 3 76 ? 10.476  31.801  -5.030  1.00 38.82  ? 78  LEU B CD1   1 
ATOM   1690 C CD2   . LEU D 3 76 ? 9.790   30.578  -7.107  1.00 45.25  ? 78  LEU B CD2   1 
ATOM   1691 N N     . LYS D 3 77 ? 5.583   33.480  -4.349  1.00 66.37  ? 79  LYS B N     1 
ATOM   1692 C CA    . LYS D 3 77 ? 4.380   34.275  -4.574  1.00 74.09  ? 79  LYS B CA    1 
ATOM   1693 C C     . LYS D 3 77 ? 4.353   35.419  -3.555  1.00 84.05  ? 79  LYS B C     1 
ATOM   1694 O O     . LYS D 3 77 ? 3.555   36.346  -3.657  1.00 87.04  ? 79  LYS B O     1 
ATOM   1695 C CB    . LYS D 3 77 ? 3.171   33.353  -4.391  1.00 72.13  ? 79  LYS B CB    1 
ATOM   1696 C CG    . LYS D 3 77 ? 1.802   33.973  -4.336  1.00 76.93  ? 79  LYS B CG    1 
ATOM   1697 C CD    . LYS D 3 77 ? 0.746   32.871  -4.383  1.00 77.89  ? 79  LYS B CD    1 
ATOM   1698 C CE    . LYS D 3 77 ? 0.847   32.048  -5.669  1.00 74.50  ? 79  LYS B CE    1 
ATOM   1699 N NZ    . LYS D 3 77 ? -0.230  31.006  -5.737  1.00 78.51  ? 79  LYS B NZ    1 
ATOM   1700 N N     . ARG D 3 78 ? 5.088   35.229  -2.467  1.00 93.99  ? 80  ARG B N     1 
ATOM   1701 C CA    . ARG D 3 78 ? 5.207   36.248  -1.437  1.00 101.54 ? 80  ARG B CA    1 
ATOM   1702 C C     . ARG D 3 78 ? 6.464   37.016  -1.775  1.00 103.83 ? 80  ARG B C     1 
ATOM   1703 O O     . ARG D 3 78 ? 6.712   38.088  -1.245  1.00 104.36 ? 80  ARG B O     1 
ATOM   1704 C CB    . ARG D 3 78 ? 5.353   35.616  -0.053  1.00 107.20 ? 80  ARG B CB    1 
ATOM   1705 C CG    . ARG D 3 78 ? 4.044   35.510  0.671   1.00 123.70 ? 80  ARG B CG    1 
ATOM   1706 C CD    . ARG D 3 78 ? 3.839   34.151  1.309   1.00 137.10 ? 80  ARG B CD    1 
ATOM   1707 N NE    . ARG D 3 78 ? 2.415   33.814  1.288   1.00 149.62 ? 80  ARG B NE    1 
ATOM   1708 C CZ    . ARG D 3 78 ? 1.741   33.267  2.299   1.00 153.92 ? 80  ARG B CZ    1 
ATOM   1709 N NH1   . ARG D 3 78 ? 2.354   32.979  3.444   1.00 157.53 ? 80  ARG B NH1   1 
ATOM   1710 N NH2   . ARG D 3 78 ? 0.438   33.027  2.171   1.00 154.28 ? 80  ARG B NH2   1 
ATOM   1711 N N     . GLN D 3 79 ? 7.276   36.438  -2.650  1.00 108.07 ? 81  GLN B N     1 
ATOM   1712 C CA    . GLN D 3 79 ? 8.518   37.073  -3.040  1.00 109.86 ? 81  GLN B CA    1 
ATOM   1713 C C     . GLN D 3 79 ? 8.286   37.926  -4.274  1.00 111.45 ? 81  GLN B C     1 
ATOM   1714 O O     . GLN D 3 79 ? 8.819   39.032  -4.371  1.00 118.05 ? 81  GLN B O     1 
ATOM   1715 C CB    . GLN D 3 79 ? 9.577   36.014  -3.313  1.00 110.93 ? 81  GLN B CB    1 
ATOM   1716 C CG    . GLN D 3 79 ? 10.971  36.533  -3.513  1.00 122.40 ? 81  GLN B CG    1 
ATOM   1717 C CD    . GLN D 3 79 ? 11.916  35.446  -3.983  1.00 128.41 ? 81  GLN B CD    1 
ATOM   1718 O OE1   . GLN D 3 79 ? 12.823  35.028  -3.258  1.00 130.74 ? 81  GLN B OE1   1 
ATOM   1719 N NE2   . GLN D 3 79 ? 11.710  34.983  -5.207  1.00 132.81 ? 81  GLN B NE2   1 
ATOM   1720 N N     . ASN D 3 80 ? 7.533   37.394  -5.235  1.00 108.73 ? 82  ASN B N     1 
ATOM   1721 C CA    . ASN D 3 80 ? 7.230   38.132  -6.458  1.00 102.01 ? 82  ASN B CA    1 
ATOM   1722 C C     . ASN D 3 80 ? 6.032   39.049  -6.259  1.00 103.38 ? 82  ASN B C     1 
ATOM   1723 O O     . ASN D 3 80 ? 5.301   38.841  -5.263  1.00 108.37 ? 82  ASN B O     1 
ATOM   1724 C CB    . ASN D 3 80 ? 6.992   37.178  -7.628  1.00 89.20  ? 82  ASN B CB    1 
ATOM   1725 C CG    . ASN D 3 80 ? 8.255   36.922  -8.405  1.00 81.05  ? 82  ASN B CG    1 
ATOM   1726 O OD1   . ASN D 3 80 ? 9.313   36.635  -7.834  1.00 68.82  ? 82  ASN B OD1   1 
ATOM   1727 N ND2   . ASN D 3 80 ? 8.174   37.072  -9.705  1.00 75.85  ? 82  ASN B ND2   1 
ATOM   1728 O OXT   . ASN D 3 80 ? 5.837   39.960  -7.093  0.00 103.84 ? 82  ASN B OXT   1 
HETATM 1729 O O     . HOH E 4 .  ? -10.812 -6.713  0.031   1.00 20.36  ? 131 HOH C O     1 
HETATM 1730 O O     . HOH E 4 .  ? -15.785 -11.667 -2.568  1.00 19.91  ? 136 HOH C O     1 
HETATM 1731 O O     . HOH F 4 .  ? -12.007 -20.479 -2.343  1.00 10.10  ? 135 HOH D O     1 
HETATM 1732 O O     . HOH F 4 .  ? -6.792  -15.781 1.922   1.00 45.80  ? 141 HOH D O     1 
HETATM 1733 O O     . HOH F 4 .  ? -4.818  -15.773 4.782   1.00 57.35  ? 144 HOH D O     1 
HETATM 1734 O O     . HOH G 4 .  ? -0.736  -28.423 18.281  1.00 30.15  ? 127 HOH A O     1 
HETATM 1735 O O     . HOH G 4 .  ? 0.118   -13.450 17.875  1.00 80.06  ? 128 HOH A O     1 
HETATM 1736 O O     . HOH G 4 .  ? -4.274  -10.947 8.027   1.00 33.91  ? 129 HOH A O     1 
HETATM 1737 O O     . HOH G 4 .  ? -16.640 -3.204  -0.794  1.00 20.71  ? 130 HOH A O     1 
HETATM 1738 O O     . HOH G 4 .  ? -8.307  -5.483  6.991   1.00 53.10  ? 132 HOH A O     1 
HETATM 1739 O O     . HOH G 4 .  ? -5.299  -10.450 1.921   1.00 38.73  ? 142 HOH A O     1 
HETATM 1740 O O     . HOH H 4 .  ? 4.402   -10.660 3.024   1.00 39.10  ? 133 HOH B O     1 
HETATM 1741 O O     . HOH H 4 .  ? 14.499  -8.407  -7.415  1.00 117.31 ? 134 HOH B O     1 
HETATM 1742 O O     . HOH H 4 .  ? -22.114 -17.018 -1.300  1.00 30.67  ? 137 HOH B O     1 
HETATM 1743 O O     . HOH H 4 .  ? -27.796 -21.764 5.202   1.00 151.85 ? 138 HOH B O     1 
HETATM 1744 O O     . HOH H 4 .  ? -26.741 -21.307 -5.776  1.00 59.84  ? 139 HOH B O     1 
HETATM 1745 O O     . HOH H 4 .  ? -9.500  -16.670 1.091   1.00 11.12  ? 140 HOH B O     1 
HETATM 1746 O O     . HOH H 4 .  ? -5.495  -12.072 -0.525  1.00 64.65  ? 143 HOH B O     1 
# 
